data_8G2V
# 
_entry.id   8G2V 
# 
_audit_conform.dict_name       mmcif_pdbx.dic 
_audit_conform.dict_version    5.381 
_audit_conform.dict_location   http://mmcif.pdb.org/dictionaries/ascii/mmcif_pdbx.dic 
# 
loop_
_database_2.database_id 
_database_2.database_code 
_database_2.pdbx_database_accession 
_database_2.pdbx_DOI 
PDB   8G2V         pdb_00008g2v 10.2210/pdb8g2v/pdb 
WWPDB D_1000272110 ?            ?                   
EMDB  EMD-29682    ?            ?                   
# 
_pdbx_database_related.db_name        EMDB 
_pdbx_database_related.details        'Cryo-EM structure of recombinant human LECT2 amyloid fibril core' 
_pdbx_database_related.db_id          EMD-29682 
_pdbx_database_related.content_type   'associated EM volume' 
# 
_pdbx_database_status.status_code                     REL 
_pdbx_database_status.status_code_sf                  ? 
_pdbx_database_status.status_code_mr                  ? 
_pdbx_database_status.entry_id                        8G2V 
_pdbx_database_status.recvd_initial_deposition_date   2023-02-06 
_pdbx_database_status.SG_entry                        N 
_pdbx_database_status.deposit_site                    RCSB 
_pdbx_database_status.process_site                    RCSB 
_pdbx_database_status.status_code_cs                  ? 
_pdbx_database_status.status_code_nmr_data            ? 
_pdbx_database_status.methods_development_category    ? 
_pdbx_database_status.pdb_format_compatible           Y 
# 
loop_
_audit_author.name 
_audit_author.pdbx_ordinal 
_audit_author.identifier_ORCID 
'Richards, L.S.'    1 0000-0002-1694-1652 
'Flores, M.D.'      2 0000-0002-4483-087X 
'Zink, S.'          3 0000-0002-3220-8290 
'Schibrowsky, N.A.' 4 0000-0002-8952-9570 
'Sawaya, M.R.'      5 0000-0003-0874-9043 
'Rodriguez, J.A.'   6 0000-0002-0248-4964 
# 
_citation.abstract                  ? 
_citation.abstract_id_CAS           ? 
_citation.book_id_ISBN              ? 
_citation.book_publisher            ? 
_citation.book_publisher_city       ? 
_citation.book_title                ? 
_citation.coordinate_linkage        ? 
_citation.country                   UK 
_citation.database_id_Medline       ? 
_citation.details                   ? 
_citation.id                        primary 
_citation.journal_abbrev            Structure 
_citation.journal_id_ASTM           STRUE6 
_citation.journal_id_CSD            2005 
_citation.journal_id_ISSN           0969-2126 
_citation.journal_full              ? 
_citation.journal_issue             ? 
_citation.journal_volume            31 
_citation.language                  ? 
_citation.page_first                1386 
_citation.page_last                 1393.e3 
_citation.title                     
'Cryo-EM structure of a human LECT2 amyloid fibril reveals a network of polar ladders at its core.' 
_citation.year                      2023 
_citation.database_id_CSD           ? 
_citation.pdbx_database_id_DOI      10.1016/j.str.2023.08.007 
_citation.pdbx_database_id_PubMed   37657439 
_citation.pdbx_database_id_patent   ? 
_citation.unpublished_flag          ? 
# 
loop_
_citation_author.citation_id 
_citation_author.name 
_citation_author.ordinal 
_citation_author.identifier_ORCID 
primary 'Richards, L.S.'    1 ? 
primary 'Flores, M.D.'      2 ? 
primary 'Zink, S.'          3 ? 
primary 'Schibrowsky, N.A.' 4 ? 
primary 'Sawaya, M.R.'      5 ? 
primary 'Rodriguez, J.A.'   6 ? 
# 
_cell.angle_alpha                  90.00 
_cell.angle_alpha_esd              ? 
_cell.angle_beta                   90.00 
_cell.angle_beta_esd               ? 
_cell.angle_gamma                  90.00 
_cell.angle_gamma_esd              ? 
_cell.entry_id                     8G2V 
_cell.details                      ? 
_cell.formula_units_Z              ? 
_cell.length_a                     1.00 
_cell.length_a_esd                 ? 
_cell.length_b                     1.00 
_cell.length_b_esd                 ? 
_cell.length_c                     1.00 
_cell.length_c_esd                 ? 
_cell.volume                       ? 
_cell.volume_esd                   ? 
_cell.Z_PDB                        ? 
_cell.reciprocal_angle_alpha       ? 
_cell.reciprocal_angle_beta        ? 
_cell.reciprocal_angle_gamma       ? 
_cell.reciprocal_angle_alpha_esd   ? 
_cell.reciprocal_angle_beta_esd    ? 
_cell.reciprocal_angle_gamma_esd   ? 
_cell.reciprocal_length_a          ? 
_cell.reciprocal_length_b          ? 
_cell.reciprocal_length_c          ? 
_cell.reciprocal_length_a_esd      ? 
_cell.reciprocal_length_b_esd      ? 
_cell.reciprocal_length_c_esd      ? 
_cell.pdbx_unique_axis             ? 
_cell.pdbx_esd_method              ? 
# 
_symmetry.entry_id                         8G2V 
_symmetry.cell_setting                     ? 
_symmetry.Int_Tables_number                1 
_symmetry.space_group_name_Hall            ? 
_symmetry.space_group_name_H-M             'P 1' 
_symmetry.pdbx_full_space_group_name_H-M   ? 
# 
_entity.id                         1 
_entity.type                       polymer 
_entity.src_method                 man 
_entity.pdbx_description           'Leukocyte cell-derived chemotaxin-2' 
_entity.formula_weight             2389.752 
_entity.pdbx_number_of_molecules   10 
_entity.pdbx_ec                    ? 
_entity.pdbx_mutation              ? 
_entity.pdbx_fragment              ? 
_entity.details                    ? 
# 
_entity_name_com.entity_id   1 
_entity_name_com.name        LECT-2,hLECT2 
# 
_entity_poly.entity_id                      1 
_entity_poly.type                           'polypeptide(L)' 
_entity_poly.nstd_linkage                   no 
_entity_poly.nstd_monomer                   no 
_entity_poly.pdbx_seq_one_letter_code       MIVGQEKPYQNKNAINNGVRI 
_entity_poly.pdbx_seq_one_letter_code_can   MIVGQEKPYQNKNAINNGVRI 
_entity_poly.pdbx_strand_id                 A,B,C,D,E,F,G,H,I,J 
_entity_poly.pdbx_target_identifier         ? 
# 
loop_
_entity_poly_seq.entity_id 
_entity_poly_seq.num 
_entity_poly_seq.mon_id 
_entity_poly_seq.hetero 
1 1  MET n 
1 2  ILE n 
1 3  VAL n 
1 4  GLY n 
1 5  GLN n 
1 6  GLU n 
1 7  LYS n 
1 8  PRO n 
1 9  TYR n 
1 10 GLN n 
1 11 ASN n 
1 12 LYS n 
1 13 ASN n 
1 14 ALA n 
1 15 ILE n 
1 16 ASN n 
1 17 ASN n 
1 18 GLY n 
1 19 VAL n 
1 20 ARG n 
1 21 ILE n 
# 
_entity_src_gen.entity_id                          1 
_entity_src_gen.pdbx_src_id                        1 
_entity_src_gen.pdbx_alt_source_flag               sample 
_entity_src_gen.pdbx_seq_type                      'Biological sequence' 
_entity_src_gen.pdbx_beg_seq_num                   1 
_entity_src_gen.pdbx_end_seq_num                   21 
_entity_src_gen.gene_src_common_name               human 
_entity_src_gen.gene_src_genus                     ? 
_entity_src_gen.pdbx_gene_src_gene                 LECT2 
_entity_src_gen.gene_src_species                   ? 
_entity_src_gen.gene_src_strain                    ? 
_entity_src_gen.gene_src_tissue                    ? 
_entity_src_gen.gene_src_tissue_fraction           ? 
_entity_src_gen.gene_src_details                   ? 
_entity_src_gen.pdbx_gene_src_fragment             ? 
_entity_src_gen.pdbx_gene_src_scientific_name      'Homo sapiens' 
_entity_src_gen.pdbx_gene_src_ncbi_taxonomy_id     9606 
_entity_src_gen.pdbx_gene_src_variant              ? 
_entity_src_gen.pdbx_gene_src_cell_line            ? 
_entity_src_gen.pdbx_gene_src_atcc                 ? 
_entity_src_gen.pdbx_gene_src_organ                ? 
_entity_src_gen.pdbx_gene_src_organelle            ? 
_entity_src_gen.pdbx_gene_src_cell                 ? 
_entity_src_gen.pdbx_gene_src_cellular_location    ? 
_entity_src_gen.host_org_common_name               ? 
_entity_src_gen.pdbx_host_org_scientific_name      'Escherichia coli' 
_entity_src_gen.pdbx_host_org_ncbi_taxonomy_id     562 
_entity_src_gen.host_org_genus                     ? 
_entity_src_gen.pdbx_host_org_gene                 ? 
_entity_src_gen.pdbx_host_org_organ                ? 
_entity_src_gen.host_org_species                   ? 
_entity_src_gen.pdbx_host_org_tissue               ? 
_entity_src_gen.pdbx_host_org_tissue_fraction      ? 
_entity_src_gen.pdbx_host_org_strain               ? 
_entity_src_gen.pdbx_host_org_variant              ? 
_entity_src_gen.pdbx_host_org_cell_line            ? 
_entity_src_gen.pdbx_host_org_atcc                 ? 
_entity_src_gen.pdbx_host_org_culture_collection   ? 
_entity_src_gen.pdbx_host_org_cell                 ? 
_entity_src_gen.pdbx_host_org_organelle            ? 
_entity_src_gen.pdbx_host_org_cellular_location    ? 
_entity_src_gen.pdbx_host_org_vector_type          ? 
_entity_src_gen.pdbx_host_org_vector               ? 
_entity_src_gen.host_org_details                   ? 
_entity_src_gen.expression_system_id               ? 
_entity_src_gen.plasmid_name                       ? 
_entity_src_gen.plasmid_details                    ? 
_entity_src_gen.pdbx_description                   ? 
# 
_struct_ref.id                         1 
_struct_ref.db_name                    UNP 
_struct_ref.db_code                    LECT2_HUMAN 
_struct_ref.pdbx_db_accession          O14960 
_struct_ref.pdbx_db_isoform            ? 
_struct_ref.entity_id                  1 
_struct_ref.pdbx_seq_one_letter_code   MIVGQEKPYQNKNAINNGVRI 
_struct_ref.pdbx_align_begin           73 
# 
loop_
_struct_ref_seq.align_id 
_struct_ref_seq.ref_id 
_struct_ref_seq.pdbx_PDB_id_code 
_struct_ref_seq.pdbx_strand_id 
_struct_ref_seq.seq_align_beg 
_struct_ref_seq.pdbx_seq_align_beg_ins_code 
_struct_ref_seq.seq_align_end 
_struct_ref_seq.pdbx_seq_align_end_ins_code 
_struct_ref_seq.pdbx_db_accession 
_struct_ref_seq.db_align_beg 
_struct_ref_seq.pdbx_db_align_beg_ins_code 
_struct_ref_seq.db_align_end 
_struct_ref_seq.pdbx_db_align_end_ins_code 
_struct_ref_seq.pdbx_auth_seq_align_beg 
_struct_ref_seq.pdbx_auth_seq_align_end 
1  1 8G2V A 1 ? 21 ? O14960 73 ? 93 ? 55 75 
2  1 8G2V B 1 ? 21 ? O14960 73 ? 93 ? 55 75 
3  1 8G2V C 1 ? 21 ? O14960 73 ? 93 ? 55 75 
4  1 8G2V D 1 ? 21 ? O14960 73 ? 93 ? 55 75 
5  1 8G2V E 1 ? 21 ? O14960 73 ? 93 ? 55 75 
6  1 8G2V F 1 ? 21 ? O14960 73 ? 93 ? 55 75 
7  1 8G2V G 1 ? 21 ? O14960 73 ? 93 ? 55 75 
8  1 8G2V H 1 ? 21 ? O14960 73 ? 93 ? 55 75 
9  1 8G2V I 1 ? 21 ? O14960 73 ? 93 ? 55 75 
10 1 8G2V J 1 ? 21 ? O14960 73 ? 93 ? 55 75 
# 
loop_
_chem_comp.id 
_chem_comp.type 
_chem_comp.mon_nstd_flag 
_chem_comp.name 
_chem_comp.pdbx_synonyms 
_chem_comp.formula 
_chem_comp.formula_weight 
ALA 'L-peptide linking' y ALANINE         ? 'C3 H7 N O2'     89.093  
ARG 'L-peptide linking' y ARGININE        ? 'C6 H15 N4 O2 1' 175.209 
ASN 'L-peptide linking' y ASPARAGINE      ? 'C4 H8 N2 O3'    132.118 
GLN 'L-peptide linking' y GLUTAMINE       ? 'C5 H10 N2 O3'   146.144 
GLU 'L-peptide linking' y 'GLUTAMIC ACID' ? 'C5 H9 N O4'     147.129 
GLY 'peptide linking'   y GLYCINE         ? 'C2 H5 N O2'     75.067  
ILE 'L-peptide linking' y ISOLEUCINE      ? 'C6 H13 N O2'    131.173 
LYS 'L-peptide linking' y LYSINE          ? 'C6 H15 N2 O2 1' 147.195 
MET 'L-peptide linking' y METHIONINE      ? 'C5 H11 N O2 S'  149.211 
PRO 'L-peptide linking' y PROLINE         ? 'C5 H9 N O2'     115.130 
TYR 'L-peptide linking' y TYROSINE        ? 'C9 H11 N O3'    181.189 
VAL 'L-peptide linking' y VALINE          ? 'C5 H11 N O2'    117.146 
# 
_exptl.absorpt_coefficient_mu     ? 
_exptl.absorpt_correction_T_max   ? 
_exptl.absorpt_correction_T_min   ? 
_exptl.absorpt_correction_type    ? 
_exptl.absorpt_process_details    ? 
_exptl.entry_id                   8G2V 
_exptl.crystals_number            ? 
_exptl.details                    ? 
_exptl.method                     'ELECTRON MICROSCOPY' 
_exptl.method_details             ? 
# 
_struct.entry_id                     8G2V 
_struct.title                        'Cryo-EM structure of recombinant human LECT2 amyloid fibril core' 
_struct.pdbx_model_details           ? 
_struct.pdbx_formula_weight          ? 
_struct.pdbx_formula_weight_method   ? 
_struct.pdbx_model_type_details      ? 
_struct.pdbx_CASP_flag               N 
# 
_struct_keywords.entry_id        8G2V 
_struct_keywords.text            'amyloid, LECT2, human, recombinant, fibril, protein, ALECT2, cryo-EM, PROTEIN FIBRIL' 
_struct_keywords.pdbx_keywords   'PROTEIN FIBRIL' 
# 
loop_
_struct_asym.id 
_struct_asym.pdbx_blank_PDB_chainid_flag 
_struct_asym.pdbx_modified 
_struct_asym.entity_id 
_struct_asym.details 
A N N 1 ? 
B N N 1 ? 
C N N 1 ? 
D N N 1 ? 
E N N 1 ? 
F N N 1 ? 
G N N 1 ? 
H N N 1 ? 
I N N 1 ? 
J N N 1 ? 
# 
loop_
_struct_sheet.id 
_struct_sheet.type 
_struct_sheet.number_strands 
_struct_sheet.details 
AA1 ? 5 ? 
AA2 ? 5 ? 
AA3 ? 5 ? 
AA4 ? 5 ? 
AA5 ? 5 ? 
AA6 ? 5 ? 
# 
loop_
_struct_sheet_order.sheet_id 
_struct_sheet_order.range_id_1 
_struct_sheet_order.range_id_2 
_struct_sheet_order.offset 
_struct_sheet_order.sense 
AA1 1 2 ? parallel 
AA1 2 3 ? parallel 
AA1 3 4 ? parallel 
AA1 4 5 ? parallel 
AA2 1 2 ? parallel 
AA2 2 3 ? parallel 
AA2 3 4 ? parallel 
AA2 4 5 ? parallel 
AA3 1 2 ? parallel 
AA3 2 3 ? parallel 
AA3 3 4 ? parallel 
AA3 4 5 ? parallel 
AA4 1 2 ? parallel 
AA4 2 3 ? parallel 
AA4 3 4 ? parallel 
AA4 4 5 ? parallel 
AA5 1 2 ? parallel 
AA5 2 3 ? parallel 
AA5 3 4 ? parallel 
AA5 4 5 ? parallel 
AA6 1 2 ? parallel 
AA6 2 3 ? parallel 
AA6 3 4 ? parallel 
AA6 4 5 ? parallel 
# 
loop_
_struct_sheet_range.sheet_id 
_struct_sheet_range.id 
_struct_sheet_range.beg_label_comp_id 
_struct_sheet_range.beg_label_asym_id 
_struct_sheet_range.beg_label_seq_id 
_struct_sheet_range.pdbx_beg_PDB_ins_code 
_struct_sheet_range.end_label_comp_id 
_struct_sheet_range.end_label_asym_id 
_struct_sheet_range.end_label_seq_id 
_struct_sheet_range.pdbx_end_PDB_ins_code 
_struct_sheet_range.beg_auth_comp_id 
_struct_sheet_range.beg_auth_asym_id 
_struct_sheet_range.beg_auth_seq_id 
_struct_sheet_range.end_auth_comp_id 
_struct_sheet_range.end_auth_asym_id 
_struct_sheet_range.end_auth_seq_id 
AA1 1 VAL H 3  ? GLU H 6  ? VAL H 57 GLU H 60 
AA1 2 VAL D 3  ? GLU D 6  ? VAL D 57 GLU D 60 
AA1 3 VAL A 3  ? GLU A 6  ? VAL A 57 GLU A 60 
AA1 4 VAL E 3  ? GLU E 6  ? VAL E 57 GLU E 60 
AA1 5 VAL I 3  ? GLU I 6  ? VAL I 57 GLU I 60 
AA2 1 ASN H 13 ? ASN H 16 ? ASN H 67 ASN H 70 
AA2 2 ASN D 13 ? ASN D 16 ? ASN D 67 ASN D 70 
AA2 3 ASN A 13 ? ASN A 16 ? ASN A 67 ASN A 70 
AA2 4 ASN E 13 ? ASN E 16 ? ASN E 67 ASN E 70 
AA2 5 ASN I 13 ? ALA I 14 ? ASN I 67 ALA I 68 
AA3 1 VAL H 19 ? ARG H 20 ? VAL H 73 ARG H 74 
AA3 2 VAL D 19 ? ARG D 20 ? VAL D 73 ARG D 74 
AA3 3 VAL A 19 ? ARG A 20 ? VAL A 73 ARG A 74 
AA3 4 VAL E 19 ? ARG E 20 ? VAL E 73 ARG E 74 
AA3 5 VAL I 19 ? ARG I 20 ? VAL I 73 ARG I 74 
AA4 1 VAL F 3  ? GLU F 6  ? VAL F 57 GLU F 60 
AA4 2 VAL B 3  ? GLU B 6  ? VAL B 57 GLU B 60 
AA4 3 VAL C 3  ? GLU C 6  ? VAL C 57 GLU C 60 
AA4 4 VAL G 3  ? GLU G 6  ? VAL G 57 GLU G 60 
AA4 5 VAL J 3  ? GLU J 6  ? VAL J 57 GLU J 60 
AA5 1 ASN F 13 ? ASN F 16 ? ASN F 67 ASN F 70 
AA5 2 ASN B 13 ? ASN B 16 ? ASN B 67 ASN B 70 
AA5 3 ASN C 13 ? ASN C 16 ? ASN C 67 ASN C 70 
AA5 4 ASN G 13 ? ASN G 16 ? ASN G 67 ASN G 70 
AA5 5 ASN J 13 ? ALA J 14 ? ASN J 67 ALA J 68 
AA6 1 VAL F 19 ? ARG F 20 ? VAL F 73 ARG F 74 
AA6 2 VAL B 19 ? ARG B 20 ? VAL B 73 ARG B 74 
AA6 3 VAL C 19 ? ARG C 20 ? VAL C 73 ARG C 74 
AA6 4 VAL G 19 ? ARG G 20 ? VAL G 73 ARG G 74 
AA6 5 VAL J 19 ? ARG J 20 ? VAL J 73 ARG J 74 
# 
loop_
_pdbx_struct_sheet_hbond.sheet_id 
_pdbx_struct_sheet_hbond.range_id_1 
_pdbx_struct_sheet_hbond.range_id_2 
_pdbx_struct_sheet_hbond.range_1_label_atom_id 
_pdbx_struct_sheet_hbond.range_1_label_comp_id 
_pdbx_struct_sheet_hbond.range_1_label_asym_id 
_pdbx_struct_sheet_hbond.range_1_label_seq_id 
_pdbx_struct_sheet_hbond.range_1_PDB_ins_code 
_pdbx_struct_sheet_hbond.range_1_auth_atom_id 
_pdbx_struct_sheet_hbond.range_1_auth_comp_id 
_pdbx_struct_sheet_hbond.range_1_auth_asym_id 
_pdbx_struct_sheet_hbond.range_1_auth_seq_id 
_pdbx_struct_sheet_hbond.range_2_label_atom_id 
_pdbx_struct_sheet_hbond.range_2_label_comp_id 
_pdbx_struct_sheet_hbond.range_2_label_asym_id 
_pdbx_struct_sheet_hbond.range_2_label_seq_id 
_pdbx_struct_sheet_hbond.range_2_PDB_ins_code 
_pdbx_struct_sheet_hbond.range_2_auth_atom_id 
_pdbx_struct_sheet_hbond.range_2_auth_comp_id 
_pdbx_struct_sheet_hbond.range_2_auth_asym_id 
_pdbx_struct_sheet_hbond.range_2_auth_seq_id 
AA1 1 2 O GLN H 5  ? O GLN H 59 N GLU D 6  ? N GLU D 60 
AA1 2 3 O GLN D 5  ? O GLN D 59 N GLY A 4  ? N GLY A 58 
AA1 3 4 N GLN A 5  ? N GLN A 59 O GLY E 4  ? O GLY E 58 
AA1 4 5 N GLN E 5  ? N GLN E 59 O GLY I 4  ? O GLY I 58 
AA2 1 2 O ASN H 13 ? O ASN H 67 N ALA D 14 ? N ALA D 68 
AA2 2 3 O ASN D 13 ? O ASN D 67 N ALA A 14 ? N ALA A 68 
AA2 3 4 N ASN A 13 ? N ASN A 67 O ALA E 14 ? O ALA E 68 
AA2 4 5 N ASN E 13 ? N ASN E 67 O ALA I 14 ? O ALA I 68 
AA3 1 2 O VAL H 19 ? O VAL H 73 N ARG D 20 ? N ARG D 74 
AA3 2 3 O VAL D 19 ? O VAL D 73 N ARG A 20 ? N ARG A 74 
AA3 3 4 N VAL A 19 ? N VAL A 73 O ARG E 20 ? O ARG E 74 
AA3 4 5 N VAL E 19 ? N VAL E 73 O ARG I 20 ? O ARG I 74 
AA4 1 2 O GLN F 5  ? O GLN F 59 N GLY B 4  ? N GLY B 58 
AA4 2 3 N GLN B 5  ? N GLN B 59 O GLY C 4  ? O GLY C 58 
AA4 3 4 N GLN C 5  ? N GLN C 59 O GLY G 4  ? O GLY G 58 
AA4 4 5 N GLN G 5  ? N GLN G 59 O GLY J 4  ? O GLY J 58 
AA5 1 2 O ASN F 13 ? O ASN F 67 N ALA B 14 ? N ALA B 68 
AA5 2 3 N ASN B 13 ? N ASN B 67 O ALA C 14 ? O ALA C 68 
AA5 3 4 N ASN C 13 ? N ASN C 67 O ALA G 14 ? O ALA G 68 
AA5 4 5 N ASN G 13 ? N ASN G 67 O ALA J 14 ? O ALA J 68 
AA6 1 2 O VAL F 19 ? O VAL F 73 N ARG B 20 ? N ARG B 74 
AA6 2 3 N VAL B 19 ? N VAL B 73 O ARG C 20 ? O ARG C 74 
AA6 3 4 N VAL C 19 ? N VAL C 73 O ARG G 20 ? O ARG G 74 
AA6 4 5 N VAL G 19 ? N VAL G 73 O ARG J 20 ? O ARG J 74 
# 
_atom_sites.entry_id                    8G2V 
_atom_sites.Cartn_transf_matrix[1][1]   ? 
_atom_sites.Cartn_transf_matrix[1][2]   ? 
_atom_sites.Cartn_transf_matrix[1][3]   ? 
_atom_sites.Cartn_transf_matrix[2][1]   ? 
_atom_sites.Cartn_transf_matrix[2][2]   ? 
_atom_sites.Cartn_transf_matrix[2][3]   ? 
_atom_sites.Cartn_transf_matrix[3][1]   ? 
_atom_sites.Cartn_transf_matrix[3][2]   ? 
_atom_sites.Cartn_transf_matrix[3][3]   ? 
_atom_sites.Cartn_transf_vector[1]      ? 
_atom_sites.Cartn_transf_vector[2]      ? 
_atom_sites.Cartn_transf_vector[3]      ? 
_atom_sites.fract_transf_matrix[1][1]   1.000000 
_atom_sites.fract_transf_matrix[1][2]   0.000000 
_atom_sites.fract_transf_matrix[1][3]   0.000000 
_atom_sites.fract_transf_matrix[2][1]   0.000000 
_atom_sites.fract_transf_matrix[2][2]   1.000000 
_atom_sites.fract_transf_matrix[2][3]   0.000000 
_atom_sites.fract_transf_matrix[3][1]   0.000000 
_atom_sites.fract_transf_matrix[3][2]   0.000000 
_atom_sites.fract_transf_matrix[3][3]   1.000000 
_atom_sites.fract_transf_vector[1]      0.00000 
_atom_sites.fract_transf_vector[2]      0.00000 
_atom_sites.fract_transf_vector[3]      0.00000 
_atom_sites.solution_primary            ? 
_atom_sites.solution_secondary          ? 
_atom_sites.solution_hydrogens          ? 
_atom_sites.special_details             ? 
# 
loop_
_atom_type.symbol 
C 
N 
O 
S 
# 
loop_
_atom_site.group_PDB 
_atom_site.id 
_atom_site.type_symbol 
_atom_site.label_atom_id 
_atom_site.label_alt_id 
_atom_site.label_comp_id 
_atom_site.label_asym_id 
_atom_site.label_entity_id 
_atom_site.label_seq_id 
_atom_site.pdbx_PDB_ins_code 
_atom_site.Cartn_x 
_atom_site.Cartn_y 
_atom_site.Cartn_z 
_atom_site.occupancy 
_atom_site.B_iso_or_equiv 
_atom_site.pdbx_formal_charge 
_atom_site.auth_seq_id 
_atom_site.auth_comp_id 
_atom_site.auth_asym_id 
_atom_site.auth_atom_id 
_atom_site.pdbx_PDB_model_num 
ATOM 1    N N   . MET A 1 1  ? -5.689  25.199  -6.313  1.00 68.66 ? 55 MET A N   1 
ATOM 2    C CA  . MET A 1 1  ? -6.580  24.073  -6.063  1.00 71.60 ? 55 MET A CA  1 
ATOM 3    C C   . MET A 1 1  ? -5.850  22.756  -6.301  1.00 73.01 ? 55 MET A C   1 
ATOM 4    O O   . MET A 1 1  ? -6.074  22.084  -7.305  1.00 79.71 ? 55 MET A O   1 
ATOM 5    C CB  . MET A 1 1  ? -7.823  24.166  -6.952  1.00 74.08 ? 55 MET A CB  1 
ATOM 6    C CG  . MET A 1 1  ? -8.980  23.278  -6.516  1.00 75.24 ? 55 MET A CG  1 
ATOM 7    S SD  . MET A 1 1  ? -9.249  21.866  -7.604  1.00 89.85 ? 55 MET A SD  1 
ATOM 8    C CE  . MET A 1 1  ? -10.740 21.171  -6.892  1.00 73.37 ? 55 MET A CE  1 
ATOM 9    N N   . ILE A 1 2  ? -4.978  22.391  -5.368  1.00 57.96 ? 56 ILE A N   1 
ATOM 10   C CA  . ILE A 1 2  ? -4.159  21.190  -5.471  1.00 52.88 ? 56 ILE A CA  1 
ATOM 11   C C   . ILE A 1 2  ? -4.894  20.075  -4.745  1.00 55.69 ? 56 ILE A C   1 
ATOM 12   O O   . ILE A 1 2  ? -5.134  20.161  -3.537  1.00 65.00 ? 56 ILE A O   1 
ATOM 13   C CB  . ILE A 1 2  ? -2.761  21.408  -4.881  1.00 54.96 ? 56 ILE A CB  1 
ATOM 14   C CG1 . ILE A 1 2  ? -2.091  22.616  -5.533  1.00 56.57 ? 56 ILE A CG1 1 
ATOM 15   C CG2 . ILE A 1 2  ? -1.914  20.161  -5.054  1.00 56.85 ? 56 ILE A CG2 1 
ATOM 16   C CD1 . ILE A 1 2  ? -0.741  22.950  -4.949  1.00 53.68 ? 56 ILE A CD1 1 
ATOM 17   N N   . VAL A 1 3  ? -5.258  19.021  -5.467  1.00 53.79 ? 57 VAL A N   1 
ATOM 18   C CA  . VAL A 1 3  ? -6.107  17.975  -4.915  1.00 61.86 ? 57 VAL A CA  1 
ATOM 19   C C   . VAL A 1 3  ? -5.665  16.615  -5.438  1.00 64.35 ? 57 VAL A C   1 
ATOM 20   O O   . VAL A 1 3  ? -5.294  16.480  -6.606  1.00 69.87 ? 57 VAL A O   1 
ATOM 21   C CB  . VAL A 1 3  ? -7.591  18.250  -5.229  1.00 55.17 ? 57 VAL A CB  1 
ATOM 22   C CG1 . VAL A 1 3  ? -7.784  18.564  -6.693  1.00 55.80 ? 57 VAL A CG1 1 
ATOM 23   C CG2 . VAL A 1 3  ? -8.446  17.091  -4.802  1.00 57.77 ? 57 VAL A CG2 1 
ATOM 24   N N   . GLY A 1 4  ? -5.701  15.605  -4.572  1.00 57.14 ? 58 GLY A N   1 
ATOM 25   C CA  . GLY A 1 4  ? -5.214  14.291  -4.939  1.00 55.60 ? 58 GLY A CA  1 
ATOM 26   C C   . GLY A 1 4  ? -6.164  13.499  -5.815  1.00 55.56 ? 58 GLY A C   1 
ATOM 27   O O   . GLY A 1 4  ? -5.838  13.194  -6.964  1.00 53.30 ? 58 GLY A O   1 
ATOM 28   N N   . GLN A 1 5  ? -7.340  13.152  -5.297  1.00 56.07 ? 59 GLN A N   1 
ATOM 29   C CA  . GLN A 1 5  ? -8.301  12.352  -6.043  1.00 58.57 ? 59 GLN A CA  1 
ATOM 30   C C   . GLN A 1 5  ? -9.717  12.843  -5.781  1.00 55.12 ? 59 GLN A C   1 
ATOM 31   O O   . GLN A 1 5  ? -10.028 13.315  -4.686  1.00 63.56 ? 59 GLN A O   1 
ATOM 32   C CB  . GLN A 1 5  ? -8.193  10.867  -5.677  1.00 55.08 ? 59 GLN A CB  1 
ATOM 33   C CG  . GLN A 1 5  ? -6.909  10.207  -6.139  1.00 56.85 ? 59 GLN A CG  1 
ATOM 34   C CD  . GLN A 1 5  ? -6.858  8.731   -5.808  1.00 60.68 ? 59 GLN A CD  1 
ATOM 35   O OE1 . GLN A 1 5  ? -6.875  7.883   -6.699  1.00 57.52 ? 59 GLN A OE1 1 
ATOM 36   N NE2 . GLN A 1 5  ? -6.788  8.416   -4.522  1.00 62.96 ? 59 GLN A NE2 1 
ATOM 37   N N   . GLU A 1 6  ? -10.560 12.657  -6.800  1.00 57.71 ? 60 GLU A N   1 
ATOM 38   C CA  . GLU A 1 6  ? -11.997 13.025  -6.760  1.00 58.32 ? 60 GLU A CA  1 
ATOM 39   C C   . GLU A 1 6  ? -12.822 11.755  -6.991  1.00 58.13 ? 60 GLU A C   1 
ATOM 40   O O   . GLU A 1 6  ? -12.702 11.161  -8.075  1.00 61.27 ? 60 GLU A O   1 
ATOM 41   C CB  . GLU A 1 6  ? -12.297 14.070  -7.835  1.00 60.72 ? 60 GLU A CB  1 
ATOM 42   C CG  . GLU A 1 6  ? -11.691 15.428  -7.544  1.00 64.33 ? 60 GLU A CG  1 
ATOM 43   C CD  . GLU A 1 6  ? -12.667 16.584  -7.689  1.00 64.53 ? 60 GLU A CD  1 
ATOM 44   O OE1 . GLU A 1 6  ? -13.201 16.769  -8.802  1.00 62.18 ? 60 GLU A OE1 1 
ATOM 45   O OE2 . GLU A 1 6  ? -12.896 17.293  -6.690  1.00 61.60 ? 60 GLU A OE2 1 
ATOM 46   N N   . LYS A 1 7  ? -13.607 11.354  -5.989  1.00 60.58 ? 61 LYS A N   1 
ATOM 47   C CA  . LYS A 1 7  ? -14.468 10.177  -6.065  1.00 59.18 ? 61 LYS A CA  1 
ATOM 48   C C   . LYS A 1 7  ? -13.731 8.932   -6.581  1.00 62.29 ? 61 LYS A C   1 
ATOM 49   O O   . LYS A 1 7  ? -14.134 8.354   -7.594  1.00 64.89 ? 61 LYS A O   1 
ATOM 50   C CB  . LYS A 1 7  ? -15.699 10.467  -6.917  1.00 60.37 ? 61 LYS A CB  1 
ATOM 51   C CG  . LYS A 1 7  ? -16.363 11.797  -6.622  1.00 64.83 ? 61 LYS A CG  1 
ATOM 52   C CD  . LYS A 1 7  ? -17.519 12.058  -7.574  1.00 64.27 ? 61 LYS A CD  1 
ATOM 53   C CE  . LYS A 1 7  ? -18.109 13.438  -7.351  1.00 64.16 ? 61 LYS A CE  1 
ATOM 54   N NZ  . LYS A 1 7  ? -17.076 14.502  -7.497  1.00 65.58 ? 61 LYS A NZ  1 
ATOM 55   N N   . PRO A 1 8  ? -12.664 8.497   -5.908  1.00 59.42 ? 62 PRO A N   1 
ATOM 56   C CA  . PRO A 1 8  ? -12.120 7.171   -6.221  1.00 54.24 ? 62 PRO A CA  1 
ATOM 57   C C   . PRO A 1 8  ? -13.069 6.089   -5.727  1.00 53.50 ? 62 PRO A C   1 
ATOM 58   O O   . PRO A 1 8  ? -13.433 6.048   -4.551  1.00 61.64 ? 62 PRO A O   1 
ATOM 59   C CB  . PRO A 1 8  ? -10.778 7.149   -5.480  1.00 58.21 ? 62 PRO A CB  1 
ATOM 60   C CG  . PRO A 1 8  ? -10.916 8.142   -4.415  1.00 60.12 ? 62 PRO A CG  1 
ATOM 61   C CD  . PRO A 1 8  ? -11.824 9.207   -4.927  1.00 56.64 ? 62 PRO A CD  1 
ATOM 62   N N   . TYR A 1 9  ? -13.481 5.216   -6.641  1.00 54.58 ? 63 TYR A N   1 
ATOM 63   C CA  . TYR A 1 9  ? -14.540 4.246   -6.384  1.00 59.16 ? 63 TYR A CA  1 
ATOM 64   C C   . TYR A 1 9  ? -13.946 2.844   -6.380  1.00 65.94 ? 63 TYR A C   1 
ATOM 65   O O   . TYR A 1 9  ? -13.613 2.304   -7.440  1.00 70.59 ? 63 TYR A O   1 
ATOM 66   C CB  . TYR A 1 9  ? -15.645 4.368   -7.432  1.00 61.51 ? 63 TYR A CB  1 
ATOM 67   C CG  . TYR A 1 9  ? -16.893 3.572   -7.126  1.00 62.19 ? 63 TYR A CG  1 
ATOM 68   C CD1 . TYR A 1 9  ? -16.958 2.214   -7.399  1.00 62.80 ? 63 TYR A CD1 1 
ATOM 69   C CD2 . TYR A 1 9  ? -18.010 4.184   -6.582  1.00 66.88 ? 63 TYR A CD2 1 
ATOM 70   C CE1 . TYR A 1 9  ? -18.096 1.485   -7.127  1.00 62.09 ? 63 TYR A CE1 1 
ATOM 71   C CE2 . TYR A 1 9  ? -19.155 3.463   -6.307  1.00 71.27 ? 63 TYR A CE2 1 
ATOM 72   C CZ  . TYR A 1 9  ? -19.191 2.113   -6.582  1.00 70.31 ? 63 TYR A CZ  1 
ATOM 73   O OH  . TYR A 1 9  ? -20.326 1.385   -6.313  1.00 68.06 ? 63 TYR A OH  1 
ATOM 74   N N   . GLN A 1 10 ? -13.826 2.259   -5.189  1.00 67.44 ? 64 GLN A N   1 
ATOM 75   C CA  . GLN A 1 10 ? -13.437 0.858   -5.021  1.00 69.23 ? 64 GLN A CA  1 
ATOM 76   C C   . GLN A 1 10 ? -12.099 0.546   -5.687  1.00 71.12 ? 64 GLN A C   1 
ATOM 77   O O   . GLN A 1 10 ? -11.911 -0.525  -6.266  1.00 71.96 ? 64 GLN A O   1 
ATOM 78   C CB  . GLN A 1 10 ? -14.528 -0.081  -5.540  1.00 69.04 ? 64 GLN A CB  1 
ATOM 79   C CG  . GLN A 1 10 ? -15.826 -0.017  -4.760  1.00 69.00 ? 64 GLN A CG  1 
ATOM 80   C CD  . GLN A 1 10 ? -16.837 -1.038  -5.233  1.00 71.43 ? 64 GLN A CD  1 
ATOM 81   O OE1 . GLN A 1 10 ? -16.589 -1.779  -6.183  1.00 67.91 ? 64 GLN A OE1 1 
ATOM 82   N NE2 . GLN A 1 10 ? -17.985 -1.084  -4.572  1.00 70.95 ? 64 GLN A NE2 1 
ATOM 83   N N   . ASN A 1 11 ? -11.156 1.477   -5.595  1.00 69.60 ? 65 ASN A N   1 
ATOM 84   C CA  . ASN A 1 11 ? -9.806  1.240   -6.096  1.00 69.52 ? 65 ASN A CA  1 
ATOM 85   C C   . ASN A 1 11 ? -9.080  0.337   -5.109  1.00 65.68 ? 65 ASN A C   1 
ATOM 86   O O   . ASN A 1 11 ? -8.765  0.752   -3.991  1.00 70.24 ? 65 ASN A O   1 
ATOM 87   C CB  . ASN A 1 11 ? -9.056  2.553   -6.286  1.00 67.77 ? 65 ASN A CB  1 
ATOM 88   C CG  . ASN A 1 11 ? -9.716  3.456   -7.298  1.00 72.80 ? 65 ASN A CG  1 
ATOM 89   O OD1 . ASN A 1 11 ? -9.714  3.170   -8.489  1.00 76.27 ? 65 ASN A OD1 1 
ATOM 90   N ND2 . ASN A 1 11 ? -10.287 4.554   -6.829  1.00 69.50 ? 65 ASN A ND2 1 
ATOM 91   N N   . LYS A 1 12 ? -8.816  -0.898  -5.521  1.00 62.21 ? 66 LYS A N   1 
ATOM 92   C CA  . LYS A 1 12 ? -8.169  -1.882  -4.664  1.00 62.73 ? 66 LYS A CA  1 
ATOM 93   C C   . LYS A 1 12 ? -6.661  -1.722  -4.797  1.00 62.86 ? 66 LYS A C   1 
ATOM 94   O O   . LYS A 1 12 ? -6.053  -2.251  -5.733  1.00 73.17 ? 66 LYS A O   1 
ATOM 95   C CB  . LYS A 1 12 ? -8.621  -3.290  -5.038  1.00 65.46 ? 66 LYS A CB  1 
ATOM 96   C CG  . LYS A 1 12 ? -10.131 -3.452  -5.049  1.00 63.00 ? 66 LYS A CG  1 
ATOM 97   C CD  . LYS A 1 12 ? -10.558 -4.767  -5.675  1.00 66.74 ? 66 LYS A CD  1 
ATOM 98   C CE  . LYS A 1 12 ? -10.130 -5.950  -4.830  1.00 66.13 ? 66 LYS A CE  1 
ATOM 99   N NZ  . LYS A 1 12 ? -10.626 -7.233  -5.402  1.00 66.30 ? 66 LYS A NZ  1 
ATOM 100  N N   . ASN A 1 13 ? -6.060  -0.988  -3.870  1.00 50.01 ? 67 ASN A N   1 
ATOM 101  C CA  . ASN A 1 13 ? -4.619  -0.770  -3.840  1.00 55.45 ? 67 ASN A CA  1 
ATOM 102  C C   . ASN A 1 13 ? -4.029  -1.718  -2.804  1.00 55.24 ? 67 ASN A C   1 
ATOM 103  O O   . ASN A 1 13 ? -4.238  -1.539  -1.600  1.00 65.80 ? 67 ASN A O   1 
ATOM 104  C CB  . ASN A 1 13 ? -4.293  0.682   -3.509  1.00 58.79 ? 67 ASN A CB  1 
ATOM 105  C CG  . ASN A 1 13 ? -5.046  1.658   -4.386  1.00 59.43 ? 67 ASN A CG  1 
ATOM 106  O OD1 . ASN A 1 13 ? -4.826  1.721   -5.594  1.00 61.36 ? 67 ASN A OD1 1 
ATOM 107  N ND2 . ASN A 1 13 ? -5.938  2.430   -3.780  1.00 59.63 ? 67 ASN A ND2 1 
ATOM 108  N N   . ALA A 1 14 ? -3.296  -2.723  -3.271  1.00 49.36 ? 68 ALA A N   1 
ATOM 109  C CA  . ALA A 1 14 ? -2.736  -3.751  -2.406  1.00 49.83 ? 68 ALA A CA  1 
ATOM 110  C C   . ALA A 1 14 ? -1.232  -3.824  -2.607  1.00 47.94 ? 68 ALA A C   1 
ATOM 111  O O   . ALA A 1 14 ? -0.754  -3.847  -3.745  1.00 58.01 ? 68 ALA A O   1 
ATOM 112  C CB  . ALA A 1 14 ? -3.375  -5.113  -2.684  1.00 45.23 ? 68 ALA A CB  1 
ATOM 113  N N   . ILE A 1 15 ? -0.494  -3.856  -1.508  1.00 39.62 ? 69 ILE A N   1 
ATOM 114  C CA  . ILE A 1 15 ? 0.943   -4.108  -1.529  1.00 47.08 ? 69 ILE A CA  1 
ATOM 115  C C   . ILE A 1 15 ? 1.149   -5.408  -0.764  1.00 37.80 ? 69 ILE A C   1 
ATOM 116  O O   . ILE A 1 15 ? 1.305   -5.417  0.460   1.00 54.84 ? 69 ILE A O   1 
ATOM 117  C CB  . ILE A 1 15 ? 1.753   -2.960  -0.924  1.00 51.67 ? 69 ILE A CB  1 
ATOM 118  C CG1 . ILE A 1 15 ? 1.501   -1.667  -1.695  1.00 42.88 ? 69 ILE A CG1 1 
ATOM 119  C CG2 . ILE A 1 15 ? 3.235   -3.293  -0.931  1.00 47.69 ? 69 ILE A CG2 1 
ATOM 120  C CD1 . ILE A 1 15 ? 2.350   -0.508  -1.228  1.00 39.88 ? 69 ILE A CD1 1 
ATOM 121  N N   . ASN A 1 16 ? 1.112   -6.518  -1.503  1.00 31.37 ? 70 ASN A N   1 
ATOM 122  C CA  . ASN A 1 16 ? 1.265   -7.861  -0.888  1.00 47.00 ? 70 ASN A CA  1 
ATOM 123  C C   . ASN A 1 16 ? 2.751   -8.200  -0.752  1.00 47.73 ? 70 ASN A C   1 
ATOM 124  O O   . ASN A 1 16 ? 3.422   -8.356  -1.786  1.00 53.58 ? 70 ASN A O   1 
ATOM 125  C CB  . ASN A 1 16 ? 0.494   -8.924  -1.670  1.00 52.58 ? 70 ASN A CB  1 
ATOM 126  C CG  . ASN A 1 16 ? -0.920  -8.493  -1.989  1.00 52.85 ? 70 ASN A CG  1 
ATOM 127  O OD1 . ASN A 1 16 ? -1.745  -8.347  -1.091  1.00 46.39 ? 70 ASN A OD1 1 
ATOM 128  N ND2 . ASN A 1 16 ? -1.206  -8.277  -3.262  1.00 50.67 ? 70 ASN A ND2 1 
ATOM 129  N N   . ASN A 1 17 ? 3.230   -8.293  0.489   1.00 39.56 ? 71 ASN A N   1 
ATOM 130  C CA  . ASN A 1 17 ? 4.612   -8.646  0.762   1.00 44.56 ? 71 ASN A CA  1 
ATOM 131  C C   . ASN A 1 17 ? 4.773   -10.018 1.401   1.00 42.58 ? 71 ASN A C   1 
ATOM 132  O O   . ASN A 1 17 ? 5.905   -10.502 1.504   1.00 45.00 ? 71 ASN A O   1 
ATOM 133  C CB  . ASN A 1 17 ? 5.263   -7.591  1.666   1.00 45.40 ? 71 ASN A CB  1 
ATOM 134  C CG  . ASN A 1 17 ? 5.444   -6.260  0.970   1.00 41.54 ? 71 ASN A CG  1 
ATOM 135  O OD1 . ASN A 1 17 ? 5.755   -6.204  -0.216  1.00 38.97 ? 71 ASN A OD1 1 
ATOM 136  N ND2 . ASN A 1 17 ? 5.249   -5.177  1.710   1.00 44.05 ? 71 ASN A ND2 1 
ATOM 137  N N   . GLY A 1 18 ? 3.687   -10.654 1.827   1.00 45.07 ? 72 GLY A N   1 
ATOM 138  C CA  . GLY A 1 18 ? 3.787   -11.937 2.490   1.00 36.50 ? 72 GLY A CA  1 
ATOM 139  C C   . GLY A 1 18 ? 3.153   -13.078 1.726   1.00 35.90 ? 72 GLY A C   1 
ATOM 140  O O   . GLY A 1 18 ? 3.388   -13.237 0.526   1.00 39.98 ? 72 GLY A O   1 
ATOM 141  N N   . VAL A 1 19 ? 2.344   -13.877 2.411   1.00 43.52 ? 73 VAL A N   1 
ATOM 142  C CA  . VAL A 1 19 ? 1.721   -15.059 1.832   1.00 46.68 ? 73 VAL A CA  1 
ATOM 143  C C   . VAL A 1 19 ? 0.212   -14.897 1.886   1.00 47.23 ? 73 VAL A C   1 
ATOM 144  O O   . VAL A 1 19 ? -0.343  -14.508 2.920   1.00 59.12 ? 73 VAL A O   1 
ATOM 145  C CB  . VAL A 1 19 ? 2.148   -16.346 2.563   1.00 41.51 ? 73 VAL A CB  1 
ATOM 146  C CG1 . VAL A 1 19 ? 1.444   -17.558 1.965   1.00 38.07 ? 73 VAL A CG1 1 
ATOM 147  C CG2 . VAL A 1 19 ? 3.639   -16.514 2.494   1.00 44.53 ? 73 VAL A CG2 1 
ATOM 148  N N   . ARG A 1 20 ? -0.449  -15.188 0.772   1.00 44.05 ? 74 ARG A N   1 
ATOM 149  C CA  . ARG A 1 20 ? -1.902  -15.255 0.721   1.00 52.39 ? 74 ARG A CA  1 
ATOM 150  C C   . ARG A 1 20 ? -2.304  -16.600 0.140   1.00 57.66 ? 74 ARG A C   1 
ATOM 151  O O   . ARG A 1 20 ? -1.831  -16.982 -0.934  1.00 62.82 ? 74 ARG A O   1 
ATOM 152  C CB  . ARG A 1 20 ? -2.486  -14.108 -0.108  1.00 49.45 ? 74 ARG A CB  1 
ATOM 153  C CG  . ARG A 1 20 ? -3.998  -14.148 -0.222  1.00 49.65 ? 74 ARG A CG  1 
ATOM 154  C CD  . ARG A 1 20 ? -4.574  -12.765 -0.456  1.00 57.31 ? 74 ARG A CD  1 
ATOM 155  N NE  . ARG A 1 20 ? -6.030  -12.792 -0.513  1.00 62.63 ? 74 ARG A NE  1 
ATOM 156  C CZ  . ARG A 1 20 ? -6.741  -12.687 -1.627  1.00 61.48 ? 74 ARG A CZ  1 
ATOM 157  N NH1 . ARG A 1 20 ? -6.162  -12.513 -2.802  1.00 56.65 ? 74 ARG A NH1 1 
ATOM 158  N NH2 . ARG A 1 20 ? -8.068  -12.751 -1.558  1.00 60.94 ? 74 ARG A NH2 1 
ATOM 159  N N   . ILE A 1 21 ? -3.162  -17.320 0.856   1.00 54.26 ? 75 ILE A N   1 
ATOM 160  C CA  . ILE A 1 21 ? -3.613  -18.631 0.415   1.00 52.68 ? 75 ILE A CA  1 
ATOM 161  C C   . ILE A 1 21 ? -5.135  -18.681 0.395   1.00 53.28 ? 75 ILE A C   1 
ATOM 162  O O   . ILE A 1 21 ? -5.740  -19.042 -0.614  1.00 53.27 ? 75 ILE A O   1 
ATOM 163  C CB  . ILE A 1 21 ? -3.046  -19.741 1.309   1.00 54.05 ? 75 ILE A CB  1 
ATOM 164  C CG1 . ILE A 1 21 ? -1.522  -19.661 1.357   1.00 52.44 ? 75 ILE A CG1 1 
ATOM 165  C CG2 . ILE A 1 21 ? -3.487  -21.106 0.805   1.00 52.06 ? 75 ILE A CG2 1 
ATOM 166  C CD1 . ILE A 1 21 ? -0.881  -20.776 2.139   1.00 45.87 ? 75 ILE A CD1 1 
ATOM 167  N N   . MET B 1 1  ? 6.900   -25.564 3.449   1.00 68.66 ? 55 MET B N   1 
ATOM 168  C CA  . MET B 1 1  ? 7.578   -24.330 3.826   1.00 71.60 ? 55 MET B CA  1 
ATOM 169  C C   . MET B 1 1  ? 7.231   -23.213 2.848   1.00 73.01 ? 55 MET B C   1 
ATOM 170  O O   . MET B 1 1  ? 8.046   -22.834 2.010   1.00 79.71 ? 55 MET B O   1 
ATOM 171  C CB  . MET B 1 1  ? 9.092   -24.544 3.880   1.00 74.08 ? 55 MET B CB  1 
ATOM 172  C CG  . MET B 1 1  ? 9.859   -23.458 4.621   1.00 75.24 ? 55 MET B CG  1 
ATOM 173  S SD  . MET B 1 1  ? 10.822  -22.390 3.533   1.00 89.85 ? 55 MET B SD  1 
ATOM 174  C CE  . MET B 1 1  ? 11.685  -21.378 4.732   1.00 73.37 ? 55 MET B CE  1 
ATOM 175  N N   . ILE B 1 2  ? 6.015   -22.690 2.962   1.00 57.96 ? 56 ILE B N   1 
ATOM 176  C CA  . ILE B 1 2  ? 5.509   -21.655 2.069   1.00 52.88 ? 56 ILE B CA  1 
ATOM 177  C C   . ILE B 1 2  ? 5.784   -20.312 2.726   1.00 55.69 ? 56 ILE B C   1 
ATOM 178  O O   . ILE B 1 2  ? 5.279   -20.031 3.817   1.00 65.00 ? 56 ILE B O   1 
ATOM 179  C CB  . ILE B 1 2  ? 4.014   -21.837 1.785   1.00 54.96 ? 56 ILE B CB  1 
ATOM 180  C CG1 . ILE B 1 2  ? 3.740   -23.241 1.248   1.00 56.57 ? 56 ILE B CG1 1 
ATOM 181  C CG2 . ILE B 1 2  ? 3.527   -20.782 0.810   1.00 56.85 ? 56 ILE B CG2 1 
ATOM 182  C CD1 . ILE B 1 2  ? 2.277   -23.530 1.022   1.00 53.68 ? 56 ILE B CD1 1 
ATOM 183  N N   . VAL B 1 3  ? 6.584   -19.474 2.076   1.00 53.79 ? 57 VAL B N   1 
ATOM 184  C CA  . VAL B 1 3  ? 7.046   -18.236 2.685   1.00 61.86 ? 57 VAL B CA  1 
ATOM 185  C C   . VAL B 1 3  ? 7.101   -17.130 1.639   1.00 64.35 ? 57 VAL B C   1 
ATOM 186  O O   . VAL B 1 3  ? 7.480   -17.368 0.490   1.00 69.87 ? 57 VAL B O   1 
ATOM 187  C CB  . VAL B 1 3  ? 8.412   -18.437 3.370   1.00 55.17 ? 57 VAL B CB  1 
ATOM 188  C CG1 . VAL B 1 3  ? 9.383   -19.130 2.446   1.00 55.80 ? 57 VAL B CG1 1 
ATOM 189  C CG2 . VAL B 1 3  ? 8.961   -17.125 3.854   1.00 57.77 ? 57 VAL B CG2 1 
ATOM 190  N N   . GLY B 1 4  ? 6.718   -15.918 2.035   1.00 57.14 ? 58 GLY B N   1 
ATOM 191  C CA  . GLY B 1 4  ? 6.642   -14.817 1.097   1.00 55.60 ? 58 GLY B CA  1 
ATOM 192  C C   . GLY B 1 4  ? 7.986   -14.213 0.738   1.00 55.56 ? 58 GLY B C   1 
ATOM 193  O O   . GLY B 1 4  ? 8.406   -14.279 -0.419  1.00 53.30 ? 58 GLY B O   1 
ATOM 194  N N   . GLN B 1 5  ? 8.675   -13.617 1.710   1.00 56.07 ? 59 GLN B N   1 
ATOM 195  C CA  . GLN B 1 5  ? 9.954   -12.969 1.455   1.00 58.57 ? 59 GLN B CA  1 
ATOM 196  C C   . GLN B 1 5  ? 10.915  -13.221 2.607   1.00 55.12 ? 59 GLN B C   1 
ATOM 197  O O   . GLN B 1 5  ? 10.500  -13.331 3.762   1.00 63.56 ? 59 GLN B O   1 
ATOM 198  C CB  . GLN B 1 5  ? 9.780   -11.459 1.248   1.00 55.08 ? 59 GLN B CB  1 
ATOM 199  C CG  . GLN B 1 5  ? 9.055   -11.089 -0.030  1.00 56.85 ? 59 GLN B CG  1 
ATOM 200  C CD  . GLN B 1 5  ? 8.947   -9.592  -0.231  1.00 60.68 ? 59 GLN B CD  1 
ATOM 201  O OE1 . GLN B 1 5  ? 9.544   -9.033  -1.150  1.00 57.52 ? 59 GLN B OE1 1 
ATOM 202  N NE2 . GLN B 1 5  ? 8.178   -8.936  0.628   1.00 62.96 ? 59 GLN B NE2 1 
ATOM 203  N N   . GLU B 1 6  ? 12.202  -13.246 2.253   1.00 57.71 ? 60 GLU B N   1 
ATOM 204  C CA  . GLU B 1 6  ? 13.319  -13.442 3.209   1.00 58.32 ? 60 GLU B CA  1 
ATOM 205  C C   . GLU B 1 6  ? 14.230  -12.212 3.139   1.00 58.13 ? 60 GLU B C   1 
ATOM 206  O O   . GLU B 1 6  ? 14.804  -11.963 2.066   1.00 61.27 ? 60 GLU B O   1 
ATOM 207  C CB  . GLU B 1 6  ? 14.093  -14.711 2.856   1.00 60.72 ? 60 GLU B CB  1 
ATOM 208  C CG  . GLU B 1 6  ? 13.318  -15.987 3.125   1.00 64.33 ? 60 GLU B CG  1 
ATOM 209  C CD  . GLU B 1 6  ? 14.098  -17.032 3.902   1.00 64.53 ? 60 GLU B CD  1 
ATOM 210  O OE1 . GLU B 1 6  ? 15.157  -17.469 3.405   1.00 62.18 ? 60 GLU B OE1 1 
ATOM 211  O OE2 . GLU B 1 6  ? 13.651  -17.404 5.004   1.00 61.60 ? 60 GLU B OE2 1 
ATOM 212  N N   . LYS B 1 7  ? 14.326  -11.467 4.242   1.00 60.58 ? 61 LYS B N   1 
ATOM 213  C CA  . LYS B 1 7  ? 15.171  -10.279 4.338   1.00 59.18 ? 61 LYS B CA  1 
ATOM 214  C C   . LYS B 1 7  ? 14.972  -9.312  3.162   1.00 62.29 ? 61 LYS B C   1 
ATOM 215  O O   . LYS B 1 7  ? 15.929  -9.005  2.448   1.00 64.89 ? 61 LYS B O   1 
ATOM 216  C CB  . LYS B 1 7  ? 16.638  -10.672 4.470   1.00 60.37 ? 61 LYS B CB  1 
ATOM 217  C CG  . LYS B 1 7  ? 16.897  -11.792 5.458   1.00 64.83 ? 61 LYS B CG  1 
ATOM 218  C CD  . LYS B 1 7  ? 18.364  -12.192 5.463   1.00 64.27 ? 61 LYS B CD  1 
ATOM 219  C CE  . LYS B 1 7  ? 18.601  -13.388 6.369   1.00 64.16 ? 61 LYS B CE  1 
ATOM 220  N NZ  . LYS B 1 7  ? 17.754  -14.549 5.971   1.00 65.58 ? 61 LYS B NZ  1 
ATOM 221  N N   . PRO B 1 8  ? 13.752  -8.814  2.944   1.00 59.42 ? 62 PRO B N   1 
ATOM 222  C CA  . PRO B 1 8  ? 13.600  -7.691  2.012   1.00 54.24 ? 62 PRO B CA  1 
ATOM 223  C C   . PRO B 1 8  ? 14.180  -6.424  2.623   1.00 53.50 ? 62 PRO B C   1 
ATOM 224  O O   . PRO B 1 8  ? 13.805  -6.017  3.723   1.00 61.64 ? 62 PRO B O   1 
ATOM 225  C CB  . PRO B 1 8  ? 12.084  -7.596  1.808   1.00 58.21 ? 62 PRO B CB  1 
ATOM 226  C CG  . PRO B 1 8  ? 11.501  -8.230  2.991   1.00 60.12 ? 62 PRO B CG  1 
ATOM 227  C CD  . PRO B 1 8  ? 12.446  -9.299  3.421   1.00 56.64 ? 62 PRO B CD  1 
ATOM 228  N N   . TYR B 1 9  ? 15.114  -5.809  1.904   1.00 54.58 ? 63 TYR B N   1 
ATOM 229  C CA  . TYR B 1 9  ? 15.911  -4.703  2.428   1.00 59.16 ? 63 TYR B CA  1 
ATOM 230  C C   . TYR B 1 9  ? 15.543  -3.424  1.688   1.00 65.94 ? 63 TYR B C   1 
ATOM 231  O O   . TYR B 1 9  ? 15.926  -3.243  0.528   1.00 70.59 ? 63 TYR B O   1 
ATOM 232  C CB  . TYR B 1 9  ? 17.402  -5.004  2.289   1.00 61.51 ? 63 TYR B CB  1 
ATOM 233  C CG  . TYR B 1 9  ? 18.310  -4.034  3.009   1.00 62.19 ? 63 TYR B CG  1 
ATOM 234  C CD1 . TYR B 1 9  ? 18.634  -2.807  2.446   1.00 62.80 ? 63 TYR B CD1 1 
ATOM 235  C CD2 . TYR B 1 9  ? 18.855  -4.351  4.242   1.00 66.88 ? 63 TYR B CD2 1 
ATOM 236  C CE1 . TYR B 1 9  ? 19.465  -1.922  3.096   1.00 62.09 ? 63 TYR B CE1 1 
ATOM 237  C CE2 . TYR B 1 9  ? 19.691  -3.472  4.899   1.00 71.27 ? 63 TYR B CE2 1 
ATOM 238  C CZ  . TYR B 1 9  ? 19.992  -2.257  4.321   1.00 70.31 ? 63 TYR B CZ  1 
ATOM 239  O OH  . TYR B 1 9  ? 20.823  -1.374  4.968   1.00 68.06 ? 63 TYR B OH  1 
ATOM 240  N N   . GLN B 1 10 ? 14.810  -2.542  2.368   1.00 67.44 ? 64 GLN B N   1 
ATOM 241  C CA  . GLN B 1 10 ? 14.514  -1.197  1.872   1.00 69.23 ? 64 GLN B CA  1 
ATOM 242  C C   . GLN B 1 10 ? 13.833  -1.222  0.506   1.00 71.12 ? 64 GLN B C   1 
ATOM 243  O O   . GLN B 1 10 ? 14.104  -0.383  -0.356  1.00 71.96 ? 64 GLN B O   1 
ATOM 244  C CB  . GLN B 1 10 ? 15.781  -0.339  1.827   1.00 69.04 ? 64 GLN B CB  1 
ATOM 245  C CG  . GLN B 1 10 ? 16.385  -0.049  3.186   1.00 69.00 ? 64 GLN B CG  1 
ATOM 246  C CD  . GLN B 1 10 ? 17.565  0.893   3.106   1.00 71.43 ? 64 GLN B CD  1 
ATOM 247  O OE1 . GLN B 1 10 ? 17.970  1.307   2.022   1.00 67.91 ? 64 GLN B OE1 1 
ATOM 248  N NE2 . GLN B 1 10 ? 18.125  1.238   4.258   1.00 70.95 ? 64 GLN B NE2 1 
ATOM 249  N N   . ASN B 1 11 ? 12.935  -2.180  0.304   1.00 69.60 ? 65 ASN B N   1 
ATOM 250  C CA  . ASN B 1 11 ? 12.143  -2.230  -0.920  1.00 69.52 ? 65 ASN B CA  1 
ATOM 251  C C   . ASN B 1 11 ? 11.061  -1.163  -0.837  1.00 65.68 ? 65 ASN B C   1 
ATOM 252  O O   . ASN B 1 11 ? 10.128  -1.275  -0.038  1.00 70.24 ? 65 ASN B O   1 
ATOM 253  C CB  . ASN B 1 11 ? 11.530  -3.612  -1.117  1.00 67.77 ? 65 ASN B CB  1 
ATOM 254  C CG  . ASN B 1 11 ? 12.573  -4.692  -1.259  1.00 72.80 ? 65 ASN B CG  1 
ATOM 255  O OD1 . ASN B 1 11 ? 13.279  -4.756  -2.257  1.00 76.27 ? 65 ASN B OD1 1 
ATOM 256  N ND2 . ASN B 1 11 ? 12.677  -5.550  -0.256  1.00 69.50 ? 65 ASN B ND2 1 
ATOM 257  N N   . LYS B 1 12 ? 11.186  -0.128  -1.659  1.00 62.21 ? 66 LYS B N   1 
ATOM 258  C CA  . LYS B 1 12 ? 10.250  0.989   -1.653  1.00 62.73 ? 66 LYS B CA  1 
ATOM 259  C C   . LYS B 1 12 ? 9.085   0.647   -2.572  1.00 62.86 ? 66 LYS B C   1 
ATOM 260  O O   . LYS B 1 12 ? 9.171   0.826   -3.790  1.00 73.17 ? 66 LYS B O   1 
ATOM 261  C CB  . LYS B 1 12 ? 10.952  2.271   -2.087  1.00 65.46 ? 66 LYS B CB  1 
ATOM 262  C CG  . LYS B 1 12 ? 12.201  2.575   -1.279  1.00 63.00 ? 66 LYS B CG  1 
ATOM 263  C CD  . LYS B 1 12 ? 13.018  3.695   -1.894  1.00 66.74 ? 66 LYS B CD  1 
ATOM 264  C CE  . LYS B 1 12 ? 12.285  5.020   -1.830  1.00 66.13 ? 66 LYS B CE  1 
ATOM 265  N NZ  . LYS B 1 12 ? 13.125  6.132   -2.354  1.00 66.30 ? 66 LYS B NZ  1 
ATOM 266  N N   . ASN B 1 13 ? 8.001   0.147   -1.991  1.00 50.01 ? 67 ASN B N   1 
ATOM 267  C CA  . ASN B 1 13 ? 6.792   -0.197  -2.728  1.00 55.45 ? 67 ASN B CA  1 
ATOM 268  C C   . ASN B 1 13 ? 5.797   0.940   -2.543  1.00 55.24 ? 67 ASN B C   1 
ATOM 269  O O   . ASN B 1 13 ? 5.260   1.130   -1.447  1.00 65.80 ? 67 ASN B O   1 
ATOM 270  C CB  . ASN B 1 13 ? 6.215   -1.522  -2.243  1.00 58.79 ? 67 ASN B CB  1 
ATOM 271  C CG  . ASN B 1 13 ? 7.249   -2.625  -2.207  1.00 59.43 ? 67 ASN B CG  1 
ATOM 272  O OD1 . ASN B 1 13 ? 7.758   -3.047  -3.242  1.00 61.36 ? 67 ASN B OD1 1 
ATOM 273  N ND2 . ASN B 1 13 ? 7.563   -3.102  -1.010  1.00 59.63 ? 67 ASN B ND2 1 
ATOM 274  N N   . ALA B 1 14 ? 5.553   1.694   -3.609  1.00 49.36 ? 68 ALA B N   1 
ATOM 275  C CA  . ALA B 1 14 ? 4.686   2.861   -3.560  1.00 49.83 ? 68 ALA B CA  1 
ATOM 276  C C   . ALA B 1 14 ? 3.582   2.723   -4.596  1.00 47.94 ? 68 ALA B C   1 
ATOM 277  O O   . ALA B 1 14 ? 3.849   2.378   -5.750  1.00 58.01 ? 68 ALA B O   1 
ATOM 278  C CB  . ALA B 1 14 ? 5.481   4.147   -3.800  1.00 45.23 ? 68 ALA B CB  1 
ATOM 279  N N   . ILE B 1 15 ? 2.354   2.990   -4.181  1.00 39.62 ? 69 ILE B N   1 
ATOM 280  C CA  . ILE B 1 15 ? 1.217   3.080   -5.092  1.00 47.08 ? 69 ILE B CA  1 
ATOM 281  C C   . ILE B 1 15 ? 0.719   4.517   -4.996  1.00 37.80 ? 69 ILE B C   1 
ATOM 282  O O   . ILE B 1 15 ? -0.110  4.854   -4.147  1.00 54.84 ? 69 ILE B O   1 
ATOM 283  C CB  . ILE B 1 15 ? 0.112   2.075   -4.759  1.00 51.67 ? 69 ILE B CB  1 
ATOM 284  C CG1 . ILE B 1 15 ? 0.652   0.648   -4.835  1.00 42.88 ? 69 ILE B CG1 1 
ATOM 285  C CG2 . ILE B 1 15 ? -1.062  2.241   -5.707  1.00 47.69 ? 69 ILE B CG2 1 
ATOM 286  C CD1 . ILE B 1 15 ? -0.405  -0.411  -4.629  1.00 39.88 ? 69 ILE B CD1 1 
ATOM 287  N N   . ASN B 1 16 ? 1.267   5.370   -5.861  1.00 31.37 ? 70 ASN B N   1 
ATOM 288  C CA  . ASN B 1 16 ? 0.902   6.809   -5.862  1.00 47.00 ? 70 ASN B CA  1 
ATOM 289  C C   . ASN B 1 16 ? -0.358  7.022   -6.704  1.00 47.73 ? 70 ASN B C   1 
ATOM 290  O O   . ASN B 1 16 ? -0.298  6.811   -7.927  1.00 53.58 ? 70 ASN B O   1 
ATOM 291  C CB  . ASN B 1 16 ? 2.068   7.681   -6.328  1.00 52.58 ? 70 ASN B CB  1 
ATOM 292  C CG  . ASN B 1 16 ? 3.366   7.321   -5.641  1.00 52.85 ? 70 ASN B CG  1 
ATOM 293  O OD1 . ASN B 1 16 ? 3.509   7.519   -4.438  1.00 46.39 ? 70 ASN B OD1 1 
ATOM 294  N ND2 . ASN B 1 16 ? 4.312   6.786   -6.393  1.00 50.67 ? 70 ASN B ND2 1 
ATOM 295  N N   . ASN B 1 17 ? -1.454  7.414   -6.051  1.00 39.56 ? 71 ASN B N   1 
ATOM 296  C CA  . ASN B 1 17 ? -2.707  7.688   -6.733  1.00 44.56 ? 71 ASN B CA  1 
ATOM 297  C C   . ASN B 1 17 ? -3.090  9.161   -6.728  1.00 42.58 ? 71 ASN B C   1 
ATOM 298  O O   . ASN B 1 17 ? -4.030  9.538   -7.435  1.00 45.00 ? 71 ASN B O   1 
ATOM 299  C CB  . ASN B 1 17 ? -3.844  6.871   -6.106  1.00 45.40 ? 71 ASN B CB  1 
ATOM 300  C CG  . ASN B 1 17 ? -3.703  5.387   -6.361  1.00 41.54 ? 71 ASN B CG  1 
ATOM 301  O OD1 . ASN B 1 17 ? -3.279  4.967   -7.435  1.00 38.97 ? 71 ASN B OD1 1 
ATOM 302  N ND2 . ASN B 1 17 ? -4.060  4.581   -5.370  1.00 44.05 ? 71 ASN B ND2 1 
ATOM 303  N N   . GLY B 1 18 ? -2.396  9.997   -5.963  1.00 45.07 ? 72 GLY B N   1 
ATOM 304  C CA  . GLY B 1 18 ? -2.749  11.399  -5.878  1.00 36.50 ? 72 GLY B CA  1 
ATOM 305  C C   . GLY B 1 18 ? -1.699  12.335  -6.432  1.00 35.90 ? 72 GLY B C   1 
ATOM 306  O O   . GLY B 1 18 ? -1.188  12.124  -7.534  1.00 39.98 ? 72 GLY B O   1 
ATOM 307  N N   . VAL B 1 19 ? -1.366  13.372  -5.673  1.00 43.52 ? 73 VAL B N   1 
ATOM 308  C CA  . VAL B 1 19 ? -0.427  14.398  -6.102  1.00 46.68 ? 73 VAL B CA  1 
ATOM 309  C C   . VAL B 1 19 ? 0.757   14.411  -5.150  1.00 47.23 ? 73 VAL B C   1 
ATOM 310  O O   . VAL B 1 19 ? 0.582   14.387  -3.928  1.00 59.12 ? 73 VAL B O   1 
ATOM 311  C CB  . VAL B 1 19 ? -1.086  15.790  -6.154  1.00 41.51 ? 73 VAL B CB  1 
ATOM 312  C CG1 . VAL B 1 19 ? -0.068  16.848  -6.560  1.00 38.07 ? 73 VAL B CG1 1 
ATOM 313  C CG2 . VAL B 1 19 ? -2.247  15.781  -7.108  1.00 44.53 ? 73 VAL B CG2 1 
ATOM 314  N N   . ARG B 1 20 ? 1.960   14.442  -5.713  1.00 44.05 ? 74 ARG B N   1 
ATOM 315  C CA  . ARG B 1 20 ? 3.177   14.636  -4.941  1.00 52.39 ? 74 ARG B CA  1 
ATOM 316  C C   . ARG B 1 20 ? 3.952   15.796  -5.544  1.00 57.66 ? 74 ARG B C   1 
ATOM 317  O O   . ARG B 1 20 ? 4.216   15.810  -6.750  1.00 62.82 ? 74 ARG B O   1 
ATOM 318  C CB  . ARG B 1 20 ? 4.033   13.367  -4.915  1.00 49.45 ? 74 ARG B CB  1 
ATOM 319  C CG  . ARG B 1 20 ? 5.333   13.525  -4.150  1.00 49.65 ? 74 ARG B CG  1 
ATOM 320  C CD  . ARG B 1 20 ? 5.821   12.197  -3.603  1.00 57.31 ? 74 ARG B CD  1 
ATOM 321  N NE  . ARG B 1 20 ? 7.041   12.353  -2.821  1.00 62.63 ? 74 ARG B NE  1 
ATOM 322  C CZ  . ARG B 1 20 ? 8.251   12.010  -3.241  1.00 61.48 ? 74 ARG B CZ  1 
ATOM 323  N NH1 . ARG B 1 20 ? 8.439   11.454  -4.426  1.00 56.65 ? 74 ARG B NH1 1 
ATOM 324  N NH2 . ARG B 1 20 ? 9.297   12.224  -2.448  1.00 60.94 ? 74 ARG B NH2 1 
ATOM 325  N N   . ILE B 1 21 ? 4.300   16.772  -4.711  1.00 54.26 ? 75 ILE B N   1 
ATOM 326  C CA  . ILE B 1 21 ? 5.031   17.944  -5.168  1.00 52.68 ? 75 ILE B CA  1 
ATOM 327  C C   . ILE B 1 21 ? 6.286   18.138  -4.328  1.00 53.28 ? 75 ILE B C   1 
ATOM 328  O O   . ILE B 1 21 ? 7.389   18.259  -4.862  1.00 53.27 ? 75 ILE B O   1 
ATOM 329  C CB  . ILE B 1 21 ? 4.149   19.198  -5.126  1.00 54.05 ? 75 ILE B CB  1 
ATOM 330  C CG1 . ILE B 1 21 ? 2.873   18.981  -5.937  1.00 52.44 ? 75 ILE B CG1 1 
ATOM 331  C CG2 . ILE B 1 21 ? 4.913   20.403  -5.654  1.00 52.06 ? 75 ILE B CG2 1 
ATOM 332  C CD1 . ILE B 1 21 ? 1.997   20.202  -6.022  1.00 45.87 ? 75 ILE B CD1 1 
ATOM 333  N N   . MET C 1 1  ? 5.043   -24.980 7.741   1.00 68.66 ? 55 MET C N   1 
ATOM 334  C CA  . MET C 1 1  ? 5.740   -23.758 8.126   1.00 71.60 ? 55 MET C CA  1 
ATOM 335  C C   . MET C 1 1  ? 5.414   -22.630 7.153   1.00 73.01 ? 55 MET C C   1 
ATOM 336  O O   . MET C 1 1  ? 6.238   -22.260 6.319   1.00 79.71 ? 55 MET C O   1 
ATOM 337  C CB  . MET C 1 1  ? 7.251   -23.997 8.183   1.00 74.08 ? 55 MET C CB  1 
ATOM 338  C CG  . MET C 1 1  ? 8.033   -22.928 8.932   1.00 75.24 ? 55 MET C CG  1 
ATOM 339  S SD  . MET C 1 1  ? 9.015   -21.870 7.852   1.00 89.85 ? 55 MET C SD  1 
ATOM 340  C CE  . MET C 1 1  ? 9.893   -20.878 9.058   1.00 73.37 ? 55 MET C CE  1 
ATOM 341  N N   . ILE C 1 2  ? 4.206   -22.088 7.266   1.00 57.96 ? 56 ILE C N   1 
ATOM 342  C CA  . ILE C 1 2  ? 3.720   -21.041 6.378   1.00 52.88 ? 56 ILE C CA  1 
ATOM 343  C C   . ILE C 1 2  ? 4.015   -19.706 7.043   1.00 55.69 ? 56 ILE C C   1 
ATOM 344  O O   . ILE C 1 2  ? 3.512   -19.422 8.134   1.00 65.00 ? 56 ILE C O   1 
ATOM 345  C CB  . ILE C 1 2  ? 2.222   -21.197 6.090   1.00 54.96 ? 56 ILE C CB  1 
ATOM 346  C CG1 . ILE C 1 2  ? 1.927   -22.592 5.544   1.00 56.57 ? 56 ILE C CG1 1 
ATOM 347  C CG2 . ILE C 1 2  ? 1.757   -20.128 5.119   1.00 56.85 ? 56 ILE C CG2 1 
ATOM 348  C CD1 . ILE C 1 2  ? 0.460   -22.857 5.313   1.00 53.68 ? 56 ILE C CD1 1 
ATOM 349  N N   . VAL C 1 3  ? 4.831   -18.877 6.399   1.00 53.79 ? 57 VAL C N   1 
ATOM 350  C CA  . VAL C 1 3  ? 5.311   -17.650 7.016   1.00 61.86 ? 57 VAL C CA  1 
ATOM 351  C C   . VAL C 1 3  ? 5.387   -16.539 5.977   1.00 64.35 ? 57 VAL C C   1 
ATOM 352  O O   . VAL C 1 3  ? 5.765   -16.778 4.827   1.00 69.87 ? 57 VAL C O   1 
ATOM 353  C CB  . VAL C 1 3  ? 6.672   -17.878 7.704   1.00 55.17 ? 57 VAL C CB  1 
ATOM 354  C CG1 . VAL C 1 3  ? 7.634   -18.582 6.779   1.00 55.80 ? 57 VAL C CG1 1 
ATOM 355  C CG2 . VAL C 1 3  ? 7.240   -16.577 8.196   1.00 57.77 ? 57 VAL C CG2 1 
ATOM 356  N N   . GLY C 1 4  ? 5.022   -15.324 6.378   1.00 57.14 ? 58 GLY C N   1 
ATOM 357  C CA  . GLY C 1 4  ? 4.968   -14.216 5.445   1.00 55.60 ? 58 GLY C CA  1 
ATOM 358  C C   . GLY C 1 4  ? 6.321   -13.634 5.093   1.00 55.56 ? 58 GLY C C   1 
ATOM 359  O O   . GLY C 1 4  ? 6.744   -13.700 3.937   1.00 53.30 ? 58 GLY C O   1 
ATOM 360  N N   . GLN C 1 5  ? 7.018   -13.055 6.070   1.00 56.07 ? 59 GLN C N   1 
ATOM 361  C CA  . GLN C 1 5  ? 8.307   -12.425 5.822   1.00 58.57 ? 59 GLN C CA  1 
ATOM 362  C C   . GLN C 1 5  ? 9.261   -12.698 6.975   1.00 55.12 ? 59 GLN C C   1 
ATOM 363  O O   . GLN C 1 5  ? 8.841   -12.807 8.128   1.00 63.56 ? 59 GLN C O   1 
ATOM 364  C CB  . GLN C 1 5  ? 8.159   -10.911 5.622   1.00 55.08 ? 59 GLN C CB  1 
ATOM 365  C CG  . GLN C 1 5  ? 7.444   -10.522 4.344   1.00 56.85 ? 59 GLN C CG  1 
ATOM 366  C CD  . GLN C 1 5  ? 7.361   -9.023  4.152   1.00 60.68 ? 59 GLN C CD  1 
ATOM 367  O OE1 . GLN C 1 5  ? 7.968   -8.470  3.237   1.00 57.52 ? 59 GLN C OE1 1 
ATOM 368  N NE2 . GLN C 1 5  ? 6.600   -8.359  5.011   1.00 62.96 ? 59 GLN C NE2 1 
ATOM 369  N N   . GLU C 1 6  ? 10.550  -12.744 6.624   1.00 57.71 ? 60 GLU C N   1 
ATOM 370  C CA  . GLU C 1 6  ? 11.660  -12.962 7.582   1.00 58.32 ? 60 GLU C CA  1 
ATOM 371  C C   . GLU C 1 6  ? 12.592  -11.747 7.521   1.00 58.13 ? 60 GLU C C   1 
ATOM 372  O O   . GLU C 1 6  ? 13.173  -11.502 6.451   1.00 61.27 ? 60 GLU C O   1 
ATOM 373  C CB  . GLU C 1 6  ? 12.413  -14.242 7.224   1.00 60.72 ? 60 GLU C CB  1 
ATOM 374  C CG  . GLU C 1 6  ? 11.617  -15.506 7.484   1.00 64.33 ? 60 GLU C CG  1 
ATOM 375  C CD  . GLU C 1 6  ? 12.379  -16.569 8.258   1.00 64.53 ? 60 GLU C CD  1 
ATOM 376  O OE1 . GLU C 1 6  ? 13.431  -17.019 7.761   1.00 62.18 ? 60 GLU C OE1 1 
ATOM 377  O OE2 . GLU C 1 6  ? 11.923  -16.938 9.357   1.00 61.60 ? 60 GLU C OE2 1 
ATOM 378  N N   . LYS C 1 7  ? 12.697  -11.010 8.628   1.00 60.58 ? 61 LYS C N   1 
ATOM 379  C CA  . LYS C 1 7  ? 13.561  -9.836  8.732   1.00 59.18 ? 61 LYS C CA  1 
ATOM 380  C C   . LYS C 1 7  ? 13.380  -8.860  7.561   1.00 62.29 ? 61 LYS C C   1 
ATOM 381  O O   . LYS C 1 7  ? 14.345  -8.565  6.851   1.00 64.89 ? 61 LYS C O   1 
ATOM 382  C CB  . LYS C 1 7  ? 15.021  -10.254 8.866   1.00 60.37 ? 61 LYS C CB  1 
ATOM 383  C CG  . LYS C 1 7  ? 15.260  -11.382 9.849   1.00 64.83 ? 61 LYS C CG  1 
ATOM 384  C CD  . LYS C 1 7  ? 16.719  -11.808 9.856   1.00 64.27 ? 61 LYS C CD  1 
ATOM 385  C CE  . LYS C 1 7  ? 16.934  -13.012 10.756  1.00 64.16 ? 61 LYS C CE  1 
ATOM 386  N NZ  . LYS C 1 7  ? 16.069  -14.156 10.350  1.00 65.58 ? 61 LYS C NZ  1 
ATOM 387  N N   . PRO C 1 8  ? 12.170  -8.340  7.343   1.00 59.42 ? 62 PRO C N   1 
ATOM 388  C CA  . PRO C 1 8  ? 12.039  -7.211  6.416   1.00 54.24 ? 62 PRO C CA  1 
ATOM 389  C C   . PRO C 1 8  ? 12.638  -5.957  7.035   1.00 53.50 ? 62 PRO C C   1 
ATOM 390  O O   . PRO C 1 8  ? 12.267  -5.548  8.137   1.00 61.64 ? 62 PRO C O   1 
ATOM 391  C CB  . PRO C 1 8  ? 10.524  -7.090  6.209   1.00 58.21 ? 62 PRO C CB  1 
ATOM 392  C CG  . PRO C 1 8  ? 9.929   -7.720  7.387   1.00 60.12 ? 62 PRO C CG  1 
ATOM 393  C CD  . PRO C 1 8  ? 10.854  -8.807  7.814   1.00 56.64 ? 62 PRO C CD  1 
ATOM 394  N N   . TYR C 1 9  ? 13.584  -5.353  6.322   1.00 54.58 ? 63 TYR C N   1 
ATOM 395  C CA  . TYR C 1 9  ? 14.397  -4.264  6.854   1.00 59.16 ? 63 TYR C CA  1 
ATOM 396  C C   . TYR C 1 9  ? 14.052  -2.975  6.121   1.00 65.94 ? 63 TYR C C   1 
ATOM 397  O O   . TYR C 1 9  ? 14.441  -2.793  4.962   1.00 70.59 ? 63 TYR C O   1 
ATOM 398  C CB  . TYR C 1 9  ? 15.884  -4.588  6.718   1.00 61.51 ? 63 TYR C CB  1 
ATOM 399  C CG  . TYR C 1 9  ? 16.804  -3.636  7.445   1.00 62.19 ? 63 TYR C CG  1 
ATOM 400  C CD1 . TYR C 1 9  ? 17.150  -2.413  6.890   1.00 62.80 ? 63 TYR C CD1 1 
ATOM 401  C CD2 . TYR C 1 9  ? 17.342  -3.969  8.678   1.00 66.88 ? 63 TYR C CD2 1 
ATOM 402  C CE1 . TYR C 1 9  ? 17.994  -1.545  7.546   1.00 62.09 ? 63 TYR C CE1 1 
ATOM 403  C CE2 . TYR C 1 9  ? 18.190  -3.107  9.342   1.00 71.27 ? 63 TYR C CE2 1 
ATOM 404  C CZ  . TYR C 1 9  ? 18.512  -1.895  8.771   1.00 70.31 ? 63 TYR C CZ  1 
ATOM 405  O OH  . TYR C 1 9  ? 19.355  -1.028  9.424   1.00 68.06 ? 63 TYR C OH  1 
ATOM 406  N N   . GLN C 1 10 ? 13.332  -2.085  6.803   1.00 67.44 ? 64 GLN C N   1 
ATOM 407  C CA  . GLN C 1 10 ? 13.060  -0.732  6.313   1.00 69.23 ? 64 GLN C CA  1 
ATOM 408  C C   . GLN C 1 10 ? 12.381  -0.738  4.945   1.00 71.12 ? 64 GLN C C   1 
ATOM 409  O O   . GLN C 1 10 ? 12.667  0.100   4.089   1.00 71.96 ? 64 GLN C O   1 
ATOM 410  C CB  . GLN C 1 10 ? 14.339  0.106   6.275   1.00 69.04 ? 64 GLN C CB  1 
ATOM 411  C CG  . GLN C 1 10 ? 14.945  0.379   7.638   1.00 69.00 ? 64 GLN C CG  1 
ATOM 412  C CD  . GLN C 1 10 ? 16.140  1.302   7.566   1.00 71.43 ? 64 GLN C CD  1 
ATOM 413  O OE1 . GLN C 1 10 ? 16.555  1.715   6.485   1.00 67.91 ? 64 GLN C OE1 1 
ATOM 414  N NE2 . GLN C 1 10 ? 16.703  1.632   8.722   1.00 70.95 ? 64 GLN C NE2 1 
ATOM 415  N N   . ASN C 1 11 ? 11.468  -1.679  4.736   1.00 69.60 ? 65 ASN C N   1 
ATOM 416  C CA  . ASN C 1 11 ? 10.678  -1.711  3.509   1.00 69.52 ? 65 ASN C CA  1 
ATOM 417  C C   . ASN C 1 11 ? 9.614   -0.627  3.596   1.00 65.68 ? 65 ASN C C   1 
ATOM 418  O O   . ASN C 1 11 ? 8.677   -0.728  4.391   1.00 70.24 ? 65 ASN C O   1 
ATOM 419  C CB  . ASN C 1 11 ? 10.044  -3.082  3.304   1.00 67.77 ? 65 ASN C CB  1 
ATOM 420  C CG  . ASN C 1 11 ? 11.069  -4.179  3.159   1.00 72.80 ? 65 ASN C CG  1 
ATOM 421  O OD1 . ASN C 1 11 ? 11.777  -4.249  2.162   1.00 76.27 ? 65 ASN C OD1 1 
ATOM 422  N ND2 . ASN C 1 11 ? 11.157  -5.043  4.158   1.00 69.50 ? 65 ASN C ND2 1 
ATOM 423  N N   . LYS C 1 12 ? 9.758   0.411   2.780   1.00 62.21 ? 66 LYS C N   1 
ATOM 424  C CA  . LYS C 1 12 ? 8.841   1.542   2.789   1.00 62.73 ? 66 LYS C CA  1 
ATOM 425  C C   . LYS C 1 12 ? 7.672   1.224   1.865   1.00 62.86 ? 66 LYS C C   1 
ATOM 426  O O   . LYS C 1 12 ? 7.765   1.408   0.648   1.00 73.17 ? 66 LYS C O   1 
ATOM 427  C CB  . LYS C 1 12 ? 9.564   2.815   2.363   1.00 65.46 ? 66 LYS C CB  1 
ATOM 428  C CG  . LYS C 1 12 ? 10.816  3.093   3.176   1.00 63.00 ? 66 LYS C CG  1 
ATOM 429  C CD  . LYS C 1 12 ? 11.654  4.204   2.569   1.00 66.74 ? 66 LYS C CD  1 
ATOM 430  C CE  . LYS C 1 12 ? 10.941  5.540   2.638   1.00 66.13 ? 66 LYS C CE  1 
ATOM 431  N NZ  . LYS C 1 12 ? 11.800  6.641   2.122   1.00 66.30 ? 66 LYS C NZ  1 
ATOM 432  N N   . ASN C 1 13 ? 6.579   0.739   2.440   1.00 50.01 ? 67 ASN C N   1 
ATOM 433  C CA  . ASN C 1 13 ? 5.366   0.419   1.698   1.00 55.45 ? 67 ASN C CA  1 
ATOM 434  C C   . ASN C 1 13 ? 4.390   1.570   1.887   1.00 55.24 ? 67 ASN C C   1 
ATOM 435  O O   . ASN C 1 13 ? 3.853   1.764   2.983   1.00 65.80 ? 67 ASN C O   1 
ATOM 436  C CB  . ASN C 1 13 ? 4.767   -0.900  2.175   1.00 58.79 ? 67 ASN C CB  1 
ATOM 437  C CG  . ASN C 1 13 ? 5.782   -2.019  2.208   1.00 59.43 ? 67 ASN C CG  1 
ATOM 438  O OD1 . ASN C 1 13 ? 6.288   -2.443  1.172   1.00 61.36 ? 67 ASN C OD1 1 
ATOM 439  N ND2 . ASN C 1 13 ? 6.086   -2.507  3.403   1.00 59.63 ? 67 ASN C ND2 1 
ATOM 440  N N   . ALA C 1 14 ? 4.161   2.334   0.824   1.00 49.36 ? 68 ALA C N   1 
ATOM 441  C CA  . ALA C 1 14 ? 3.313   3.515   0.878   1.00 49.83 ? 68 ALA C CA  1 
ATOM 442  C C   . ALA C 1 14 ? 2.211   3.401   -0.162  1.00 47.94 ? 68 ALA C C   1 
ATOM 443  O O   . ALA C 1 14 ? 2.474   3.057   -1.317  1.00 58.01 ? 68 ALA C O   1 
ATOM 444  C CB  . ALA C 1 14 ? 4.129   4.789   0.646   1.00 45.23 ? 68 ALA C CB  1 
ATOM 445  N N   . ILE C 1 15 ? 0.985   3.686   0.250   1.00 39.62 ? 69 ILE C N   1 
ATOM 446  C CA  . ILE C 1 15 ? -0.148  3.799   -0.662  1.00 47.08 ? 69 ILE C CA  1 
ATOM 447  C C   . ILE C 1 15 ? -0.623  5.243   -0.560  1.00 37.80 ? 69 ILE C C   1 
ATOM 448  O O   . ILE C 1 15 ? -1.448  5.590   0.289   1.00 54.84 ? 69 ILE C O   1 
ATOM 449  C CB  . ILE C 1 15 ? -1.269  2.810   -0.337  1.00 51.67 ? 69 ILE C CB  1 
ATOM 450  C CG1 . ILE C 1 15 ? -0.753  1.376   -0.420  1.00 42.88 ? 69 ILE C CG1 1 
ATOM 451  C CG2 . ILE C 1 15 ? -2.439  3.000   -1.288  1.00 47.69 ? 69 ILE C CG2 1 
ATOM 452  C CD1 . ILE C 1 15 ? -1.827  0.333   -0.222  1.00 39.88 ? 69 ILE C CD1 1 
ATOM 453  N N   . ASN C 1 16 ? -0.059  6.093   -1.419  1.00 31.37 ? 70 ASN C N   1 
ATOM 454  C CA  . ASN C 1 16 ? -0.400  7.536   -1.413  1.00 47.00 ? 70 ASN C CA  1 
ATOM 455  C C   . ASN C 1 16 ? -1.654  7.774   -2.258  1.00 47.73 ? 70 ASN C C   1 
ATOM 456  O O   . ASN C 1 16 ? -1.594  7.570   -3.481  1.00 53.58 ? 70 ASN C O   1 
ATOM 457  C CB  . ASN C 1 16 ? 0.781   8.392   -1.872  1.00 52.58 ? 70 ASN C CB  1 
ATOM 458  C CG  . ASN C 1 16 ? 2.072   8.008   -1.183  1.00 52.85 ? 70 ASN C CG  1 
ATOM 459  O OD1 . ASN C 1 16 ? 2.214   8.197   0.021   1.00 46.39 ? 70 ASN C OD1 1 
ATOM 460  N ND2 . ASN C 1 16 ? 3.011   7.461   -1.936  1.00 50.67 ? 70 ASN C ND2 1 
ATOM 461  N N   . ASN C 1 17 ? -2.745  8.181   -1.606  1.00 39.56 ? 71 ASN C N   1 
ATOM 462  C CA  . ASN C 1 17 ? -3.991  8.479   -2.289  1.00 44.56 ? 71 ASN C CA  1 
ATOM 463  C C   . ASN C 1 17 ? -4.350  9.958   -2.277  1.00 42.58 ? 71 ASN C C   1 
ATOM 464  O O   . ASN C 1 17 ? -5.282  10.354  -2.984  1.00 45.00 ? 71 ASN C O   1 
ATOM 465  C CB  . ASN C 1 17 ? -5.143  7.677   -1.669  1.00 45.40 ? 71 ASN C CB  1 
ATOM 466  C CG  . ASN C 1 17 ? -5.026  6.192   -1.932  1.00 41.54 ? 71 ASN C CG  1 
ATOM 467  O OD1 . ASN C 1 17 ? -4.607  5.772   -3.007  1.00 38.97 ? 71 ASN C OD1 1 
ATOM 468  N ND2 . ASN C 1 17 ? -5.399  5.388   -0.946  1.00 44.05 ? 71 ASN C ND2 1 
ATOM 469  N N   . GLY C 1 18 ? -3.645  10.779  -1.506  1.00 45.07 ? 72 GLY C N   1 
ATOM 470  C CA  . GLY C 1 18 ? -3.976  12.185  -1.415  1.00 36.50 ? 72 GLY C CA  1 
ATOM 471  C C   . GLY C 1 18 ? -2.909  13.107  -1.961  1.00 35.90 ? 72 GLY C C   1 
ATOM 472  O O   . GLY C 1 18 ? -2.398  12.895  -3.063  1.00 39.98 ? 72 GLY C O   1 
ATOM 473  N N   . VAL C 1 19 ? -2.561  14.135  -1.195  1.00 43.52 ? 73 VAL C N   1 
ATOM 474  C CA  . VAL C 1 19 ? -1.603  15.148  -1.616  1.00 46.68 ? 73 VAL C CA  1 
ATOM 475  C C   . VAL C 1 19 ? -0.423  15.137  -0.662  1.00 47.23 ? 73 VAL C C   1 
ATOM 476  O O   . VAL C 1 19 ? -0.600  15.109  0.560   1.00 59.12 ? 73 VAL C O   1 
ATOM 477  C CB  . VAL C 1 19 ? -2.240  16.550  -1.663  1.00 41.51 ? 73 VAL C CB  1 
ATOM 478  C CG1 . VAL C 1 19 ? -1.204  17.594  -2.060  1.00 38.07 ? 73 VAL C CG1 1 
ATOM 479  C CG2 . VAL C 1 19 ? -3.398  16.566  -2.620  1.00 44.53 ? 73 VAL C CG2 1 
ATOM 480  N N   . ARG C 1 20 ? 0.782   15.150  -1.221  1.00 44.05 ? 74 ARG C N   1 
ATOM 481  C CA  . ARG C 1 20 ? 2.001   15.320  -0.445  1.00 52.39 ? 74 ARG C CA  1 
ATOM 482  C C   . ARG C 1 20 ? 2.796   16.471  -1.040  1.00 57.66 ? 74 ARG C C   1 
ATOM 483  O O   . ARG C 1 20 ? 3.064   16.488  -2.245  1.00 62.82 ? 74 ARG C O   1 
ATOM 484  C CB  . ARG C 1 20 ? 2.836   14.037  -0.424  1.00 49.45 ? 74 ARG C CB  1 
ATOM 485  C CG  . ARG C 1 20 ? 4.137   14.171  0.346   1.00 49.65 ? 74 ARG C CG  1 
ATOM 486  C CD  . ARG C 1 20 ? 4.600   12.831  0.887   1.00 57.31 ? 74 ARG C CD  1 
ATOM 487  N NE  . ARG C 1 20 ? 5.821   12.963  1.673   1.00 62.63 ? 74 ARG C NE  1 
ATOM 488  C CZ  . ARG C 1 20 ? 7.026   12.603  1.254   1.00 61.48 ? 74 ARG C CZ  1 
ATOM 489  N NH1 . ARG C 1 20 ? 7.209   12.051  0.067   1.00 56.65 ? 74 ARG C NH1 1 
ATOM 490  N NH2 . ARG C 1 20 ? 8.074   12.796  2.051   1.00 60.94 ? 74 ARG C NH2 1 
ATOM 491  N N   . ILE C 1 21 ? 3.158   17.436  -0.200  1.00 54.26 ? 75 ILE C N   1 
ATOM 492  C CA  . ILE C 1 21 ? 3.908   18.598  -0.650  1.00 52.68 ? 75 ILE C CA  1 
ATOM 493  C C   . ILE C 1 21 ? 5.164   18.767  0.194   1.00 53.28 ? 75 ILE C C   1 
ATOM 494  O O   . ILE C 1 21 ? 6.270   18.873  -0.336  1.00 53.27 ? 75 ILE C O   1 
ATOM 495  C CB  . ILE C 1 21 ? 3.048   19.867  -0.603  1.00 54.05 ? 75 ILE C CB  1 
ATOM 496  C CG1 . ILE C 1 21 ? 1.771   19.674  -1.418  1.00 52.44 ? 75 ILE C CG1 1 
ATOM 497  C CG2 . ILE C 1 21 ? 3.832   21.062  -1.122  1.00 52.06 ? 75 ILE C CG2 1 
ATOM 498  C CD1 . ILE C 1 21 ? 0.914   20.910  -1.500  1.00 45.87 ? 75 ILE C CD1 1 
ATOM 499  N N   . MET D 1 1  ? -4.683  24.355  -10.857 1.00 68.66 ? 55 MET D N   1 
ATOM 500  C CA  . MET D 1 1  ? -5.555  23.216  -10.598 1.00 71.60 ? 55 MET D CA  1 
ATOM 501  C C   . MET D 1 1  ? -4.806  21.908  -10.830 1.00 73.01 ? 55 MET D C   1 
ATOM 502  O O   . MET D 1 1  ? -5.021  21.228  -11.830 1.00 79.71 ? 55 MET D O   1 
ATOM 503  C CB  . MET D 1 1  ? -6.803  23.283  -11.484 1.00 74.08 ? 55 MET D CB  1 
ATOM 504  C CG  . MET D 1 1  ? -7.944  22.379  -11.040 1.00 75.24 ? 55 MET D CG  1 
ATOM 505  S SD  . MET D 1 1  ? -8.193  20.956  -12.118 1.00 89.85 ? 55 MET D SD  1 
ATOM 506  C CE  . MET D 1 1  ? -9.670  20.243  -11.398 1.00 73.37 ? 55 MET D CE  1 
ATOM 507  N N   . ILE D 1 2  ? -3.925  21.565  -9.897  1.00 57.96 ? 56 ILE D N   1 
ATOM 508  C CA  . ILE D 1 2  ? -3.088  20.375  -9.995  1.00 52.88 ? 56 ILE D CA  1 
ATOM 509  C C   . ILE D 1 2  ? -3.802  19.253  -9.260  1.00 55.69 ? 56 ILE D C   1 
ATOM 510  O O   . ILE D 1 2  ? -4.040  19.343  -8.053  1.00 65.00 ? 56 ILE D O   1 
ATOM 511  C CB  . ILE D 1 2  ? -1.692  20.620  -9.411  1.00 54.96 ? 56 ILE D CB  1 
ATOM 512  C CG1 . ILE D 1 2  ? -1.042  21.834  -10.072 1.00 56.57 ? 56 ILE D CG1 1 
ATOM 513  C CG2 . ILE D 1 2  ? -0.825  19.385  -9.579  1.00 56.85 ? 56 ILE D CG2 1 
ATOM 514  C CD1 . ILE D 1 2  ? 0.304   22.193  -9.493  1.00 53.68 ? 56 ILE D CD1 1 
ATOM 515  N N   . VAL D 1 3  ? -4.151  18.189  -9.976  1.00 53.79 ? 57 VAL D N   1 
ATOM 516  C CA  . VAL D 1 3  ? -4.981  17.133  -9.415  1.00 61.86 ? 57 VAL D CA  1 
ATOM 517  C C   . VAL D 1 3  ? -4.519  15.777  -9.931  1.00 64.35 ? 57 VAL D C   1 
ATOM 518  O O   . VAL D 1 3  ? -4.149  15.641  -11.099 1.00 69.87 ? 57 VAL D O   1 
ATOM 519  C CB  . VAL D 1 3  ? -6.471  17.382  -9.727  1.00 55.17 ? 57 VAL D CB  1 
ATOM 520  C CG1 . VAL D 1 3  ? -6.672  17.685  -11.192 1.00 55.80 ? 57 VAL D CG1 1 
ATOM 521  C CG2 . VAL D 1 3  ? -7.306  16.212  -9.290  1.00 57.77 ? 57 VAL D CG2 1 
ATOM 522  N N   . GLY D 1 4  ? -4.537  14.773  -9.059  1.00 57.14 ? 58 GLY D N   1 
ATOM 523  C CA  . GLY D 1 4  ? -4.029  13.464  -9.419  1.00 55.60 ? 58 GLY D CA  1 
ATOM 524  C C   . GLY D 1 4  ? -4.969  12.652  -10.289 1.00 55.56 ? 58 GLY D C   1 
ATOM 525  O O   . GLY D 1 4  ? -4.641  12.345  -11.437 1.00 53.30 ? 58 GLY D O   1 
ATOM 526  N N   . GLN D 1 5  ? -6.137  12.289  -9.764  1.00 56.07 ? 59 GLN D N   1 
ATOM 527  C CA  . GLN D 1 5  ? -7.088  11.469  -10.503 1.00 58.57 ? 59 GLN D CA  1 
ATOM 528  C C   . GLN D 1 5  ? -8.510  11.939  -10.240 1.00 55.12 ? 59 GLN D C   1 
ATOM 529  O O   . GLN D 1 5  ? -8.826  12.412  -9.147  1.00 63.56 ? 59 GLN D O   1 
ATOM 530  C CB  . GLN D 1 5  ? -6.955  9.987   -10.128 1.00 55.08 ? 59 GLN D CB  1 
ATOM 531  C CG  . GLN D 1 5  ? -5.662  9.346   -10.590 1.00 56.85 ? 59 GLN D CG  1 
ATOM 532  C CD  . GLN D 1 5  ? -5.585  7.872   -10.251 1.00 60.68 ? 59 GLN D CD  1 
ATOM 533  O OE1 . GLN D 1 5  ? -5.590  7.020   -11.137 1.00 57.52 ? 59 GLN D OE1 1 
ATOM 534  N NE2 . GLN D 1 5  ? -5.507  7.566   -8.962  1.00 62.96 ? 59 GLN D NE2 1 
ATOM 535  N N   . GLU D 1 6  ? -9.353  11.733  -11.255 1.00 57.71 ? 60 GLU D N   1 
ATOM 536  C CA  . GLU D 1 6  ? -10.796 12.077  -11.214 1.00 58.32 ? 60 GLU D CA  1 
ATOM 537  C C   . GLU D 1 6  ? -11.601 10.794  -11.435 1.00 58.13 ? 60 GLU D C   1 
ATOM 538  O O   . GLU D 1 6  ? -11.475 10.195  -12.516 1.00 61.27 ? 60 GLU D O   1 
ATOM 539  C CB  . GLU D 1 6  ? -11.116 13.111  -12.294 1.00 60.72 ? 60 GLU D CB  1 
ATOM 540  C CG  . GLU D 1 6  ? -10.531 14.481  -12.012 1.00 64.33 ? 60 GLU D CG  1 
ATOM 541  C CD  . GLU D 1 6  ? -11.526 15.620  -12.162 1.00 64.53 ? 60 GLU D CD  1 
ATOM 542  O OE1 . GLU D 1 6  ? -12.066 15.789  -13.274 1.00 62.18 ? 60 GLU D OE1 1 
ATOM 543  O OE2 . GLU D 1 6  ? -11.763 16.331  -11.167 1.00 61.60 ? 60 GLU D OE2 1 
ATOM 544  N N   . LYS D 1 7  ? -12.376 10.385  -10.428 1.00 60.58 ? 61 LYS D N   1 
ATOM 545  C CA  . LYS D 1 7  ? -13.219 9.195   -10.495 1.00 59.18 ? 61 LYS D CA  1 
ATOM 546  C C   . LYS D 1 7  ? -12.462 7.959   -11.005 1.00 62.29 ? 61 LYS D C   1 
ATOM 547  O O   . LYS D 1 7  ? -12.859 7.368   -12.013 1.00 64.89 ? 61 LYS D O   1 
ATOM 548  C CB  . LYS D 1 7  ? -14.456 9.458   -11.344 1.00 60.37 ? 61 LYS D CB  1 
ATOM 549  C CG  . LYS D 1 7  ? -15.141 10.780  -11.056 1.00 64.83 ? 61 LYS D CG  1 
ATOM 550  C CD  . LYS D 1 7  ? -16.303 11.016  -12.006 1.00 64.27 ? 61 LYS D CD  1 
ATOM 551  C CE  . LYS D 1 7  ? -16.916 12.389  -11.790 1.00 64.16 ? 61 LYS D CE  1 
ATOM 552  N NZ  . LYS D 1 7  ? -15.900 13.469  -11.946 1.00 65.58 ? 61 LYS D NZ  1 
ATOM 553  N N   . PRO D 1 8  ? -11.387 7.544   -10.333 1.00 59.42 ? 62 PRO D N   1 
ATOM 554  C CA  . PRO D 1 8  ? -10.822 6.225   -10.639 1.00 54.24 ? 62 PRO D CA  1 
ATOM 555  C C   . PRO D 1 8  ? -11.752 5.131   -10.136 1.00 53.50 ? 62 PRO D C   1 
ATOM 556  O O   . PRO D 1 8  ? -12.112 5.092   -8.958  1.00 61.64 ? 62 PRO D O   1 
ATOM 557  C CB  . PRO D 1 8  ? -9.479  6.230   -9.901  1.00 58.21 ? 62 PRO D CB  1 
ATOM 558  C CG  . PRO D 1 8  ? -9.629  7.226   -8.842  1.00 60.12 ? 62 PRO D CG  1 
ATOM 559  C CD  . PRO D 1 8  ? -10.555 8.274   -9.359  1.00 56.64 ? 62 PRO D CD  1 
ATOM 560  N N   . TYR D 1 9  ? -12.152 4.247   -11.044 1.00 54.58 ? 63 TYR D N   1 
ATOM 561  C CA  . TYR D 1 9  ? -13.196 3.261   -10.779 1.00 59.16 ? 63 TYR D CA  1 
ATOM 562  C C   . TYR D 1 9  ? -12.579 1.869   -10.768 1.00 65.94 ? 63 TYR D C   1 
ATOM 563  O O   . TYR D 1 9  ? -12.240 1.328   -11.826 1.00 70.59 ? 63 TYR D O   1 
ATOM 564  C CB  . TYR D 1 9  ? -14.305 3.359   -11.824 1.00 61.51 ? 63 TYR D CB  1 
ATOM 565  C CG  . TYR D 1 9  ? -15.539 2.545   -11.509 1.00 62.19 ? 63 TYR D CG  1 
ATOM 566  C CD1 . TYR D 1 9  ? -15.583 1.184   -11.774 1.00 62.80 ? 63 TYR D CD1 1 
ATOM 567  C CD2 . TYR D 1 9  ? -16.664 3.142   -10.965 1.00 66.88 ? 63 TYR D CD2 1 
ATOM 568  C CE1 . TYR D 1 9  ? -16.708 0.439   -11.495 1.00 62.09 ? 63 TYR D CE1 1 
ATOM 569  C CE2 . TYR D 1 9  ? -17.797 2.405   -10.684 1.00 71.27 ? 63 TYR D CE2 1 
ATOM 570  C CZ  . TYR D 1 9  ? -17.811 1.052   -10.950 1.00 70.31 ? 63 TYR D CZ  1 
ATOM 571  O OH  . TYR D 1 9  ? -18.934 0.308   -10.674 1.00 68.06 ? 63 TYR D OH  1 
ATOM 572  N N   . GLN D 1 10 ? -12.446 1.293   -9.573  1.00 67.44 ? 64 GLN D N   1 
ATOM 573  C CA  . GLN D 1 10 ? -12.034 -0.100  -9.397  1.00 69.23 ? 64 GLN D CA  1 
ATOM 574  C C   . GLN D 1 10 ? -10.693 -0.395  -10.065 1.00 71.12 ? 64 GLN D C   1 
ATOM 575  O O   . GLN D 1 10 ? -10.489 -1.466  -10.639 1.00 71.96 ? 64 GLN D O   1 
ATOM 576  C CB  . GLN D 1 10 ? -13.111 -1.059  -9.908  1.00 69.04 ? 64 GLN D CB  1 
ATOM 577  C CG  . GLN D 1 10 ? -14.408 -1.012  -9.125  1.00 69.00 ? 64 GLN D CG  1 
ATOM 578  C CD  . GLN D 1 10 ? -15.403 -2.053  -9.589  1.00 71.43 ? 64 GLN D CD  1 
ATOM 579  O OE1 . GLN D 1 10 ? -15.146 -2.795  -10.535 1.00 67.91 ? 64 GLN D OE1 1 
ATOM 580  N NE2 . GLN D 1 10 ? -16.549 -2.113  -8.924  1.00 70.95 ? 64 GLN D NE2 1 
ATOM 581  N N   . ASN D 1 11 ? -9.765  0.552   -9.982  1.00 69.60 ? 65 ASN D N   1 
ATOM 582  C CA  . ASN D 1 11 ? -8.412  0.334   -10.485 1.00 69.52 ? 65 ASN D CA  1 
ATOM 583  C C   . ASN D 1 11 ? -7.669  -0.552  -9.495  1.00 65.68 ? 65 ASN D C   1 
ATOM 584  O O   . ASN D 1 11 ? -7.358  -0.125  -8.381  1.00 70.24 ? 65 ASN D O   1 
ATOM 585  C CB  . ASN D 1 11 ? -7.685  1.658   -10.685 1.00 67.77 ? 65 ASN D CB  1 
ATOM 586  C CG  . ASN D 1 11 ? -8.362  2.543   -11.701 1.00 72.80 ? 65 ASN D CG  1 
ATOM 587  O OD1 . ASN D 1 11 ? -8.358  2.251   -12.890 1.00 76.27 ? 65 ASN D OD1 1 
ATOM 588  N ND2 . ASN D 1 11 ? -8.949  3.634   -11.236 1.00 69.50 ? 65 ASN D ND2 1 
ATOM 589  N N   . LYS D 1 12 ? -7.387  -1.784  -9.900  1.00 62.21 ? 66 LYS D N   1 
ATOM 590  C CA  . LYS D 1 12 ? -6.722  -2.753  -9.039  1.00 62.73 ? 66 LYS D CA  1 
ATOM 591  C C   . LYS D 1 12 ? -5.216  -2.569  -9.178  1.00 62.86 ? 66 LYS D C   1 
ATOM 592  O O   . LYS D 1 12 ? -4.603  -3.095  -10.112 1.00 73.17 ? 66 LYS D O   1 
ATOM 593  C CB  . LYS D 1 12 ? -7.151  -4.170  -9.404  1.00 65.46 ? 66 LYS D CB  1 
ATOM 594  C CG  . LYS D 1 12 ? -8.659  -4.357  -9.410  1.00 63.00 ? 66 LYS D CG  1 
ATOM 595  C CD  . LYS D 1 12 ? -9.066  -5.682  -10.027 1.00 66.74 ? 66 LYS D CD  1 
ATOM 596  C CE  . LYS D 1 12 ? -8.617  -6.853  -9.176  1.00 66.13 ? 66 LYS D CE  1 
ATOM 597  N NZ  . LYS D 1 12 ? -9.094  -8.146  -9.739  1.00 66.30 ? 66 LYS D NZ  1 
ATOM 598  N N   . ASN D 1 13 ? -4.625  -1.820  -8.257  1.00 50.01 ? 67 ASN D N   1 
ATOM 599  C CA  . ASN D 1 13 ? -3.188  -1.579  -8.231  1.00 55.45 ? 67 ASN D CA  1 
ATOM 600  C C   . ASN D 1 13 ? -2.579  -2.510  -7.192  1.00 55.24 ? 67 ASN D C   1 
ATOM 601  O O   . ASN D 1 13 ? -2.788  -2.328  -5.989  1.00 65.80 ? 67 ASN D O   1 
ATOM 602  C CB  . ASN D 1 13 ? -2.885  -0.119  -7.910  1.00 58.79 ? 67 ASN D CB  1 
ATOM 603  C CG  . ASN D 1 13 ? -3.655  0.839   -8.791  1.00 59.43 ? 67 ASN D CG  1 
ATOM 604  O OD1 . ASN D 1 13 ? -3.439  0.898   -9.999  1.00 61.36 ? 67 ASN D OD1 1 
ATOM 605  N ND2 . ASN D 1 13 ? -4.558  1.600   -8.189  1.00 59.63 ? 67 ASN D ND2 1 
ATOM 606  N N   . ALA D 1 14 ? -1.832  -3.507  -7.655  1.00 49.36 ? 68 ALA D N   1 
ATOM 607  C CA  . ALA D 1 14 ? -1.253  -4.519  -6.785  1.00 49.83 ? 68 ALA D CA  1 
ATOM 608  C C   . ALA D 1 14 ? 0.252   -4.570  -6.990  1.00 47.94 ? 68 ALA D C   1 
ATOM 609  O O   . ALA D 1 14 ? 0.727   -4.593  -8.129  1.00 58.01 ? 68 ALA D O   1 
ATOM 610  C CB  . ALA D 1 14 ? -1.870  -5.894  -7.054  1.00 45.23 ? 68 ALA D CB  1 
ATOM 611  N N   . ILE D 1 15 ? 0.993   -4.583  -5.893  1.00 39.62 ? 69 ILE D N   1 
ATOM 612  C CA  . ILE D 1 15 ? 2.433   -4.813  -5.917  1.00 47.08 ? 69 ILE D CA  1 
ATOM 613  C C   . ILE D 1 15 ? 2.663   -6.105  -5.145  1.00 37.80 ? 69 ILE D C   1 
ATOM 614  O O   . ILE D 1 15 ? 2.822   -6.103  -3.922  1.00 54.84 ? 69 ILE D O   1 
ATOM 615  C CB  . ILE D 1 15 ? 3.226   -3.648  -5.320  1.00 51.67 ? 69 ILE D CB  1 
ATOM 616  C CG1 . ILE D 1 15 ? 2.952   -2.363  -6.098  1.00 42.88 ? 69 ILE D CG1 1 
ATOM 617  C CG2 . ILE D 1 15 ? 4.714   -3.956  -5.330  1.00 47.69 ? 69 ILE D CG2 1 
ATOM 618  C CD1 . ILE D 1 15 ? 3.783   -1.188  -5.641  1.00 39.88 ? 69 ILE D CD1 1 
ATOM 619  N N   . ASN D 1 16 ? 2.641   -7.219  -5.877  1.00 31.37 ? 70 ASN D N   1 
ATOM 620  C CA  . ASN D 1 16 ? 2.818   -8.555  -5.254  1.00 47.00 ? 70 ASN D CA  1 
ATOM 621  C C   . ASN D 1 16 ? 4.310   -8.870  -5.120  1.00 47.73 ? 70 ASN D C   1 
ATOM 622  O O   . ASN D 1 16 ? 4.981   -9.021  -6.155  1.00 53.58 ? 70 ASN D O   1 
ATOM 623  C CB  . ASN D 1 16 ? 2.063   -9.637  -6.027  1.00 52.58 ? 70 ASN D CB  1 
ATOM 624  C CG  . ASN D 1 16 ? 0.641   -9.230  -6.345  1.00 52.85 ? 70 ASN D CG  1 
ATOM 625  O OD1 . ASN D 1 16 ? -0.183  -9.091  -5.445  1.00 46.39 ? 70 ASN D OD1 1 
ATOM 626  N ND2 . ASN D 1 16 ? 0.348   -9.026  -7.618  1.00 50.67 ? 70 ASN D ND2 1 
ATOM 627  N N   . ASN D 1 17 ? 4.794   -8.948  -3.880  1.00 39.56 ? 71 ASN D N   1 
ATOM 628  C CA  . ASN D 1 17 ? 6.183   -9.277  -3.609  1.00 44.56 ? 71 ASN D CA  1 
ATOM 629  C C   . ASN D 1 17 ? 6.368   -10.642 -2.962  1.00 42.58 ? 71 ASN D C   1 
ATOM 630  O O   . ASN D 1 17 ? 7.507   -11.107 -2.859  1.00 45.00 ? 71 ASN D O   1 
ATOM 631  C CB  . ASN D 1 17 ? 6.818   -8.206  -2.713  1.00 45.40 ? 71 ASN D CB  1 
ATOM 632  C CG  . ASN D 1 17 ? 6.975   -6.876  -3.417  1.00 41.54 ? 71 ASN D CG  1 
ATOM 633  O OD1 . ASN D 1 17 ? 7.282   -6.822  -4.605  1.00 38.97 ? 71 ASN D OD1 1 
ATOM 634  N ND2 . ASN D 1 17 ? 6.765   -5.792  -2.683  1.00 44.05 ? 71 ASN D ND2 1 
ATOM 635  N N   . GLY D 1 18 ? 5.292   -11.293 -2.529  1.00 45.07 ? 72 GLY D N   1 
ATOM 636  C CA  . GLY D 1 18 ? 5.414   -12.570 -1.858  1.00 36.50 ? 72 GLY D CA  1 
ATOM 637  C C   . GLY D 1 18 ? 4.797   -13.726 -2.614  1.00 35.90 ? 72 GLY D C   1 
ATOM 638  O O   . GLY D 1 18 ? 5.032   -13.889 -3.813  1.00 39.98 ? 72 GLY D O   1 
ATOM 639  N N   . VAL D 1 19 ? 4.003   -14.533 -1.922  1.00 43.52 ? 73 VAL D N   1 
ATOM 640  C CA  . VAL D 1 19 ? 3.397   -15.729 -2.493  1.00 46.68 ? 73 VAL D CA  1 
ATOM 641  C C   . VAL D 1 19 ? 1.886   -15.590 -2.435  1.00 47.23 ? 73 VAL D C   1 
ATOM 642  O O   . VAL D 1 19 ? 1.329   -15.204 -1.403  1.00 59.12 ? 73 VAL D O   1 
ATOM 643  C CB  . VAL D 1 19 ? 3.848   -17.004 -1.755  1.00 41.51 ? 73 VAL D CB  1 
ATOM 644  C CG1 . VAL D 1 19 ? 3.162   -18.230 -2.344  1.00 38.07 ? 73 VAL D CG1 1 
ATOM 645  C CG2 . VAL D 1 19 ? 5.342   -17.149 -1.828  1.00 44.53 ? 73 VAL D CG2 1 
ATOM 646  N N   . ARG D 1 20 ? 1.228   -15.900 -3.545  1.00 44.05 ? 74 ARG D N   1 
ATOM 647  C CA  . ARG D 1 20 ? -0.224  -15.989 -3.592  1.00 52.39 ? 74 ARG D CA  1 
ATOM 648  C C   . ARG D 1 20 ? -0.606  -17.345 -4.164  1.00 57.66 ? 74 ARG D C   1 
ATOM 649  O O   . ARG D 1 20 ? -0.130  -17.726 -5.237  1.00 62.82 ? 74 ARG D O   1 
ATOM 650  C CB  . ARG D 1 20 ? -0.828  -14.858 -4.426  1.00 49.45 ? 74 ARG D CB  1 
ATOM 651  C CG  . ARG D 1 20 ? -2.340  -14.923 -4.536  1.00 49.65 ? 74 ARG D CG  1 
ATOM 652  C CD  . ARG D 1 20 ? -2.939  -13.550 -4.777  1.00 57.31 ? 74 ARG D CD  1 
ATOM 653  N NE  . ARG D 1 20 ? -4.395  -13.602 -4.828  1.00 62.63 ? 74 ARG D NE  1 
ATOM 654  C CZ  . ARG D 1 20 ? -5.110  -13.515 -5.941  1.00 61.48 ? 74 ARG D CZ  1 
ATOM 655  N NH1 . ARG D 1 20 ? -4.537  -13.339 -7.119  1.00 56.65 ? 74 ARG D NH1 1 
ATOM 656  N NH2 . ARG D 1 20 ? -6.436  -13.600 -5.868  1.00 60.94 ? 74 ARG D NH2 1 
ATOM 657  N N   . ILE D 1 21 ? -1.450  -18.074 -3.441  1.00 54.26 ? 75 ILE D N   1 
ATOM 658  C CA  . ILE D 1 21 ? -1.881  -19.395 -3.872  1.00 52.68 ? 75 ILE D CA  1 
ATOM 659  C C   . ILE D 1 21 ? -3.403  -19.470 -3.888  1.00 53.28 ? 75 ILE D C   1 
ATOM 660  O O   . ILE D 1 21 ? -4.004  -19.846 -4.893  1.00 53.27 ? 75 ILE D O   1 
ATOM 661  C CB  . ILE D 1 21 ? -1.294  -20.491 -2.975  1.00 54.05 ? 75 ILE D CB  1 
ATOM 662  C CG1 . ILE D 1 21 ? 0.228   -20.385 -2.931  1.00 52.44 ? 75 ILE D CG1 1 
ATOM 663  C CG2 . ILE D 1 21 ? -1.714  -21.867 -3.469  1.00 52.06 ? 75 ILE D CG2 1 
ATOM 664  C CD1 . ILE D 1 21 ? 0.889   -21.485 -2.144  1.00 45.87 ? 75 ILE D CD1 1 
ATOM 665  N N   . MET E 1 1  ? -6.683  26.033  -1.798  1.00 68.66 ? 55 MET E N   1 
ATOM 666  C CA  . MET E 1 1  ? -7.594  24.920  -1.556  1.00 71.60 ? 55 MET E CA  1 
ATOM 667  C C   . MET E 1 1  ? -6.885  23.592  -1.799  1.00 73.01 ? 55 MET E C   1 
ATOM 668  O O   . MET E 1 1  ? -7.117  22.929  -2.807  1.00 79.71 ? 55 MET E O   1 
ATOM 669  C CB  . MET E 1 1  ? -8.833  25.038  -2.447  1.00 74.08 ? 55 MET E CB  1 
ATOM 670  C CG  . MET E 1 1  ? -10.005 24.167  -2.019  1.00 75.24 ? 55 MET E CG  1 
ATOM 671  S SD  . MET E 1 1  ? -10.294 22.765  -3.114  1.00 89.85 ? 55 MET E SD  1 
ATOM 672  C CE  . MET E 1 1  ? -11.798 22.092  -2.409  1.00 73.37 ? 55 MET E CE  1 
ATOM 673  N N   . ILE E 1 2  ? -6.021  23.209  -0.865  1.00 57.96 ? 56 ILE E N   1 
ATOM 674  C CA  . ILE E 1 2  ? -5.222  21.994  -0.971  1.00 52.88 ? 56 ILE E CA  1 
ATOM 675  C C   . ILE E 1 2  ? -5.977  20.889  -0.252  1.00 55.69 ? 56 ILE E C   1 
ATOM 676  O O   . ILE E 1 2  ? -6.219  20.974  0.955   1.00 65.00 ? 56 ILE E O   1 
ATOM 677  C CB  . ILE E 1 2  ? -3.822  22.187  -0.378  1.00 54.96 ? 56 ILE E CB  1 
ATOM 678  C CG1 . ILE E 1 2  ? -3.130  23.386  -1.022  1.00 56.57 ? 56 ILE E CG1 1 
ATOM 679  C CG2 . ILE E 1 2  ? -2.995  20.927  -0.554  1.00 56.85 ? 56 ILE E CG2 1 
ATOM 680  C CD1 . ILE E 1 2  ? -1.777  23.695  -0.432  1.00 53.68 ? 56 ILE E CD1 1 
ATOM 681  N N   . VAL E 1 3  ? -6.356  19.844  -0.981  1.00 53.79 ? 57 VAL E N   1 
ATOM 682  C CA  . VAL E 1 3  ? -7.224  18.810  -0.436  1.00 61.86 ? 57 VAL E CA  1 
ATOM 683  C C   . VAL E 1 3  ? -6.804  17.445  -0.964  1.00 64.35 ? 57 VAL E C   1 
ATOM 684  O O   . VAL E 1 3  ? -6.432  17.309  -2.132  1.00 69.87 ? 57 VAL E O   1 
ATOM 685  C CB  . VAL E 1 3  ? -8.703  19.111  -0.752  1.00 55.17 ? 57 VAL E CB  1 
ATOM 686  C CG1 . VAL E 1 3  ? -8.887  19.435  -2.215  1.00 55.80 ? 57 VAL E CG1 1 
ATOM 687  C CG2 . VAL E 1 3  ? -9.579  17.964  -0.333  1.00 57.77 ? 57 VAL E CG2 1 
ATOM 688  N N   . GLY E 1 4  ? -6.860  16.432  -0.103  1.00 57.14 ? 58 GLY E N   1 
ATOM 689  C CA  . GLY E 1 4  ? -6.394  15.111  -0.474  1.00 55.60 ? 58 GLY E CA  1 
ATOM 690  C C   . GLY E 1 4  ? -7.354  14.340  -1.357  1.00 55.56 ? 58 GLY E C   1 
ATOM 691  O O   . GLY E 1 4  ? -7.030  14.034  -2.507  1.00 53.30 ? 58 GLY E O   1 
ATOM 692  N N   . GLN E 1 5  ? -8.537  14.009  -0.843  1.00 56.07 ? 59 GLN E N   1 
ATOM 693  C CA  . GLN E 1 5  ? -9.509  13.229  -1.595  1.00 58.57 ? 59 GLN E CA  1 
ATOM 694  C C   . GLN E 1 5  ? -10.917 13.743  -1.335  1.00 55.12 ? 59 GLN E C   1 
ATOM 695  O O   . GLN E 1 5  ? -11.224 14.214  -0.238  1.00 63.56 ? 59 GLN E O   1 
ATOM 696  C CB  . GLN E 1 5  ? -9.427  11.740  -1.236  1.00 55.08 ? 59 GLN E CB  1 
ATOM 697  C CG  . GLN E 1 5  ? -8.154  11.062  -1.698  1.00 56.85 ? 59 GLN E CG  1 
ATOM 698  C CD  . GLN E 1 5  ? -8.127  9.583   -1.375  1.00 60.68 ? 59 GLN E CD  1 
ATOM 699  O OE1 . GLN E 1 5  ? -8.154  8.740   -2.269  1.00 57.52 ? 59 GLN E OE1 1 
ATOM 700  N NE2 . GLN E 1 5  ? -8.064  9.262   -0.089  1.00 62.96 ? 59 GLN E NE2 1 
ATOM 701  N N   . GLU E 1 6  ? -11.761 13.576  -2.356  1.00 57.71 ? 60 GLU E N   1 
ATOM 702  C CA  . GLU E 1 6  ? -13.191 13.967  -2.319  1.00 58.32 ? 60 GLU E CA  1 
ATOM 703  C C   . GLU E 1 6  ? -14.037 12.712  -2.558  1.00 58.13 ? 60 GLU E C   1 
ATOM 704  O O   . GLU E 1 6  ? -13.924 12.120  -3.645  1.00 61.27 ? 60 GLU E O   1 
ATOM 705  C CB  . GLU E 1 6  ? -13.471 15.020  -3.389  1.00 60.72 ? 60 GLU E CB  1 
ATOM 706  C CG  . GLU E 1 6  ? -12.844 16.369  -3.090  1.00 64.33 ? 60 GLU E CG  1 
ATOM 707  C CD  . GLU E 1 6  ? -13.800 17.541  -3.233  1.00 64.53 ? 60 GLU E CD  1 
ATOM 708  O OE1 . GLU E 1 6  ? -14.327 17.739  -4.345  1.00 62.18 ? 60 GLU E OE1 1 
ATOM 709  O OE2 . GLU E 1 6  ? -14.020 18.248  -2.231  1.00 61.60 ? 60 GLU E OE2 1 
ATOM 710  N N   . LYS E 1 7  ? -14.830 12.319  -1.559  1.00 60.58 ? 61 LYS E N   1 
ATOM 711  C CA  . LYS E 1 7  ? -15.710 11.157  -1.643  1.00 59.18 ? 61 LYS E CA  1 
ATOM 712  C C   . LYS E 1 7  ? -14.993 9.903   -2.163  1.00 62.29 ? 61 LYS E C   1 
ATOM 713  O O   . LYS E 1 7  ? -15.403 9.335   -3.180  1.00 64.89 ? 61 LYS E O   1 
ATOM 714  C CB  . LYS E 1 7  ? -16.934 11.470  -2.496  1.00 60.37 ? 61 LYS E CB  1 
ATOM 715  C CG  . LYS E 1 7  ? -17.577 12.810  -2.198  1.00 64.83 ? 61 LYS E CG  1 
ATOM 716  C CD  . LYS E 1 7  ? -18.727 13.094  -3.151  1.00 64.27 ? 61 LYS E CD  1 
ATOM 717  C CE  . LYS E 1 7  ? -19.295 14.484  -2.923  1.00 64.16 ? 61 LYS E CE  1 
ATOM 718  N NZ  . LYS E 1 7  ? -18.244 15.531  -3.062  1.00 65.58 ? 61 LYS E NZ  1 
ATOM 719  N N   . PRO E 1 8  ? -13.935 9.446   -1.490  1.00 59.42 ? 62 PRO E N   1 
ATOM 720  C CA  . PRO E 1 8  ? -13.413 8.113   -1.807  1.00 54.24 ? 62 PRO E CA  1 
ATOM 721  C C   . PRO E 1 8  ? -14.380 7.044   -1.320  1.00 53.50 ? 62 PRO E C   1 
ATOM 722  O O   . PRO E 1 8  ? -14.748 7.004   -0.145  1.00 61.64 ? 62 PRO E O   1 
ATOM 723  C CB  . PRO E 1 8  ? -12.073 8.066   -1.063  1.00 58.21 ? 62 PRO E CB  1 
ATOM 724  C CG  . PRO E 1 8  ? -12.197 9.055   0.006   1.00 60.12 ? 62 PRO E CG  1 
ATOM 725  C CD  . PRO E 1 8  ? -13.086 10.138  -0.504  1.00 56.64 ? 62 PRO E CD  1 
ATOM 726  N N   . TYR E 1 9  ? -14.804 6.183   -2.240  1.00 54.58 ? 63 TYR E N   1 
ATOM 727  C CA  . TYR E 1 9  ? -15.880 5.229   -1.991  1.00 59.16 ? 63 TYR E CA  1 
ATOM 728  C C   . TYR E 1 9  ? -15.309 3.818   -1.991  1.00 65.94 ? 63 TYR E C   1 
ATOM 729  O O   . TYR E 1 9  ? -14.983 3.277   -3.053  1.00 70.59 ? 63 TYR E O   1 
ATOM 730  C CB  . TYR E 1 9  ? -16.980 5.374   -3.040  1.00 61.51 ? 63 TYR E CB  1 
ATOM 731  C CG  . TYR E 1 9  ? -18.242 4.597   -2.741  1.00 62.19 ? 63 TYR E CG  1 
ATOM 732  C CD1 . TYR E 1 9  ? -18.329 3.241   -3.020  1.00 62.80 ? 63 TYR E CD1 1 
ATOM 733  C CD2 . TYR E 1 9  ? -19.350 5.225   -2.196  1.00 66.88 ? 63 TYR E CD2 1 
ATOM 734  C CE1 . TYR E 1 9  ? -19.479 2.531   -2.755  1.00 62.09 ? 63 TYR E CE1 1 
ATOM 735  C CE2 . TYR E 1 9  ? -20.507 4.523   -1.929  1.00 71.27 ? 63 TYR E CE2 1 
ATOM 736  C CZ  . TYR E 1 9  ? -20.565 3.174   -2.209  1.00 70.31 ? 63 TYR E CZ  1 
ATOM 737  O OH  . TYR E 1 9  ? -21.712 2.464   -1.947  1.00 68.06 ? 63 TYR E OH  1 
ATOM 738  N N   . GLN E 1 10 ? -15.202 3.225   -0.802  1.00 67.44 ? 64 GLN E N   1 
ATOM 739  C CA  . GLN E 1 10 ? -14.837 1.817   -0.639  1.00 69.23 ? 64 GLN E CA  1 
ATOM 740  C C   . GLN E 1 10 ? -13.502 1.485   -1.303  1.00 71.12 ? 64 GLN E C   1 
ATOM 741  O O   . GLN E 1 10 ? -13.330 0.415   -1.888  1.00 71.96 ? 64 GLN E O   1 
ATOM 742  C CB  . GLN E 1 10 ? -15.942 0.899   -1.166  1.00 69.04 ? 64 GLN E CB  1 
ATOM 743  C CG  . GLN E 1 10 ? -17.241 0.981   -0.390  1.00 69.00 ? 64 GLN E CG  1 
ATOM 744  C CD  . GLN E 1 10 ? -18.267 -0.022  -0.870  1.00 71.43 ? 64 GLN E CD  1 
ATOM 745  O OE1 . GLN E 1 10 ? -18.029 -0.762  -1.822  1.00 67.91 ? 64 GLN E OE1 1 
ATOM 746  N NE2 . GLN E 1 10 ? -19.418 -0.051  -0.212  1.00 70.95 ? 64 GLN E NE2 1 
ATOM 747  N N   . ASN E 1 11 ? -12.543 2.401   -1.205  1.00 69.60 ? 65 ASN E N   1 
ATOM 748  C CA  . ASN E 1 11 ? -11.197 2.144   -1.704  1.00 69.52 ? 65 ASN E CA  1 
ATOM 749  C C   . ASN E 1 11 ? -10.489 1.224   -0.720  1.00 65.68 ? 65 ASN E C   1 
ATOM 750  O O   . ASN E 1 11 ? -10.170 1.629   0.401   1.00 70.24 ? 65 ASN E O   1 
ATOM 751  C CB  . ASN E 1 11 ? -10.425 3.445   -1.885  1.00 67.77 ? 65 ASN E CB  1 
ATOM 752  C CG  . ASN E 1 11 ? -11.067 4.363   -2.895  1.00 72.80 ? 65 ASN E CG  1 
ATOM 753  O OD1 . ASN E 1 11 ? -11.066 4.083   -4.088  1.00 76.27 ? 65 ASN E OD1 1 
ATOM 754  N ND2 . ASN E 1 11 ? -11.621 5.468   -2.423  1.00 69.50 ? 65 ASN E ND2 1 
ATOM 755  N N   . LYS E 1 12 ? -10.244 -0.012  -1.136  1.00 62.21 ? 66 LYS E N   1 
ATOM 756  C CA  . LYS E 1 12 ? -9.616  -1.012  -0.283  1.00 62.73 ? 66 LYS E CA  1 
ATOM 757  C C   . LYS E 1 12 ? -8.104  -0.876  -0.411  1.00 62.86 ? 66 LYS E C   1 
ATOM 758  O O   . LYS E 1 12 ? -7.503  -1.411  -1.348  1.00 73.17 ? 66 LYS E O   1 
ATOM 759  C CB  . LYS E 1 12 ? -10.090 -2.411  -0.664  1.00 65.46 ? 66 LYS E CB  1 
ATOM 760  C CG  . LYS E 1 12 ? -11.602 -2.547  -0.680  1.00 63.00 ? 66 LYS E CG  1 
ATOM 761  C CD  . LYS E 1 12 ? -12.049 -3.851  -1.314  1.00 66.74 ? 66 LYS E CD  1 
ATOM 762  C CE  . LYS E 1 12 ? -11.643 -5.046  -0.474  1.00 66.13 ? 66 LYS E CE  1 
ATOM 763  N NZ  . LYS E 1 12 ? -12.159 -6.317  -1.052  1.00 66.30 ? 66 LYS E NZ  1 
ATOM 764  N N   . ASN E 1 13 ? -7.494  -0.156  0.521   1.00 50.01 ? 67 ASN E N   1 
ATOM 765  C CA  . ASN E 1 13 ? -6.050  0.037   0.556   1.00 55.45 ? 67 ASN E CA  1 
ATOM 766  C C   . ASN E 1 13 ? -5.478  -0.924  1.588   1.00 55.24 ? 67 ASN E C   1 
ATOM 767  O O   . ASN E 1 13 ? -5.688  -0.747  2.792   1.00 65.80 ? 67 ASN E O   1 
ATOM 768  C CB  . ASN E 1 13 ? -5.701  1.483   0.894   1.00 58.79 ? 67 ASN E CB  1 
ATOM 769  C CG  . ASN E 1 13 ? -6.435  2.475   0.020   1.00 59.43 ? 67 ASN E CG  1 
ATOM 770  O OD1 . ASN E 1 13 ? -6.212  2.539   -1.187  1.00 61.36 ? 67 ASN E OD1 1 
ATOM 771  N ND2 . ASN E 1 13 ? -7.316  3.259   0.627   1.00 59.63 ? 67 ASN E ND2 1 
ATOM 772  N N   . ALA E 1 14 ? -4.761  -1.939  1.118   1.00 49.36 ? 68 ALA E N   1 
ATOM 773  C CA  . ALA E 1 14 ? -4.221  -2.980  1.981   1.00 49.83 ? 68 ALA E CA  1 
ATOM 774  C C   . ALA E 1 14 ? -2.717  -3.077  1.782   1.00 47.94 ? 68 ALA E C   1 
ATOM 775  O O   . ALA E 1 14 ? -2.236  -3.104  0.646   1.00 58.01 ? 68 ALA E O   1 
ATOM 776  C CB  . ALA E 1 14 ? -4.881  -4.330  1.694   1.00 45.23 ? 68 ALA E CB  1 
ATOM 777  N N   . ILE E 1 15 ? -1.982  -3.126  2.883   1.00 39.62 ? 69 ILE E N   1 
ATOM 778  C CA  . ILE E 1 15 ? -0.550  -3.402  2.864   1.00 47.08 ? 69 ILE E CA  1 
ATOM 779  C C   . ILE E 1 15 ? -0.367  -4.709  3.624   1.00 37.80 ? 69 ILE E C   1 
ATOM 780  O O   . ILE E 1 15 ? -0.214  -4.726  4.848   1.00 54.84 ? 69 ILE E O   1 
ATOM 781  C CB  . ILE E 1 15 ? 0.278   -2.270  3.478   1.00 51.67 ? 69 ILE E CB  1 
ATOM 782  C CG1 . ILE E 1 15 ? 0.049   -0.969  2.712   1.00 42.88 ? 69 ILE E CG1 1 
ATOM 783  C CG2 . ILE E 1 15 ? 1.754   -2.627  3.472   1.00 47.69 ? 69 ILE E CG2 1 
ATOM 784  C CD1 . ILE E 1 15 ? 0.915   0.173   3.186   1.00 39.88 ? 69 ILE E CD1 1 
ATOM 785  N N   . ASN E 1 16 ? -0.421  -5.815  2.880   1.00 31.37 ? 70 ASN E N   1 
ATOM 786  C CA  . ASN E 1 16 ? -0.292  -7.162  3.489   1.00 47.00 ? 70 ASN E CA  1 
ATOM 787  C C   . ASN E 1 16 ? 1.189   -7.527  3.628   1.00 47.73 ? 70 ASN E C   1 
ATOM 788  O O   . ASN E 1 16 ? 1.859   -7.689  2.594   1.00 53.58 ? 70 ASN E O   1 
ATOM 789  C CB  . ASN E 1 16 ? -1.078  -8.210  2.700   1.00 52.58 ? 70 ASN E CB  1 
ATOM 790  C CG  . ASN E 1 16 ? -2.484  -7.754  2.379   1.00 52.85 ? 70 ASN E CG  1 
ATOM 791  O OD1 . ASN E 1 16 ? -3.307  -7.598  3.276   1.00 46.39 ? 70 ASN E OD1 1 
ATOM 792  N ND2 . ASN E 1 16 ? -2.763  -7.528  1.107   1.00 50.67 ? 70 ASN E ND2 1 
ATOM 793  N N   . ASN E 1 17 ? 1.663   -7.634  4.869   1.00 39.56 ? 71 ASN E N   1 
ATOM 794  C CA  . ASN E 1 17 ? 3.039   -8.012  5.144   1.00 44.56 ? 71 ASN E CA  1 
ATOM 795  C C   . ASN E 1 17 ? 3.175   -9.388  5.777   1.00 42.58 ? 71 ASN E C   1 
ATOM 796  O O   . ASN E 1 17 ? 4.298   -9.890  5.881   1.00 45.00 ? 71 ASN E O   1 
ATOM 797  C CB  . ASN E 1 17 ? 3.703   -6.971  6.055   1.00 45.40 ? 71 ASN E CB  1 
ATOM 798  C CG  . ASN E 1 17 ? 3.908   -5.639  5.366   1.00 41.54 ? 71 ASN E CG  1 
ATOM 799  O OD1 . ASN E 1 17 ? 4.223   -5.584  4.179   1.00 38.97 ? 71 ASN E OD1 1 
ATOM 800  N ND2 . ASN E 1 17 ? 3.729   -4.557  6.109   1.00 44.05 ? 71 ASN E ND2 1 
ATOM 801  N N   . GLY E 1 18 ? 2.077   -10.008 6.197   1.00 45.07 ? 72 GLY E N   1 
ATOM 802  C CA  . GLY E 1 18 ? 2.154   -11.295 6.854   1.00 36.50 ? 72 GLY E CA  1 
ATOM 803  C C   . GLY E 1 18 ? 1.504   -12.422 6.083   1.00 35.90 ? 72 GLY E C   1 
ATOM 804  O O   . GLY E 1 18 ? 1.739   -12.579 4.883   1.00 39.98 ? 72 GLY E O   1 
ATOM 805  N N   . VAL E 1 19 ? 0.679   -13.211 6.762   1.00 43.52 ? 73 VAL E N   1 
ATOM 806  C CA  . VAL E 1 19 ? 0.038   -14.380 6.175   1.00 46.68 ? 73 VAL E CA  1 
ATOM 807  C C   . VAL E 1 19 ? -1.468  -14.193 6.227   1.00 47.23 ? 73 VAL E C   1 
ATOM 808  O O   . VAL E 1 19 ? -2.019  -13.799 7.261   1.00 59.12 ? 73 VAL E O   1 
ATOM 809  C CB  . VAL E 1 19 ? 0.442   -15.677 6.902   1.00 41.51 ? 73 VAL E CB  1 
ATOM 810  C CG1 . VAL E 1 19 ? -0.280  -16.873 6.296   1.00 38.07 ? 73 VAL E CG1 1 
ATOM 811  C CG2 . VAL E 1 19 ? 1.930   -15.869 6.835   1.00 44.53 ? 73 VAL E CG2 1 
ATOM 812  N N   . ARG E 1 20 ? -2.131  -14.469 5.110   1.00 44.05 ? 74 ARG E N   1 
ATOM 813  C CA  . ARG E 1 20 ? -3.584  -14.509 5.055   1.00 52.39 ? 74 ARG E CA  1 
ATOM 814  C C   . ARG E 1 20 ? -4.008  -15.846 4.467   1.00 57.66 ? 74 ARG E C   1 
ATOM 815  O O   . ARG E 1 20 ? -3.538  -16.232 3.392   1.00 62.82 ? 74 ARG E O   1 
ATOM 816  C CB  . ARG E 1 20 ? -4.147  -13.351 4.230   1.00 49.45 ? 74 ARG E CB  1 
ATOM 817  C CG  . ARG E 1 20 ? -5.660  -13.365 4.112   1.00 49.65 ? 74 ARG E CG  1 
ATOM 818  C CD  . ARG E 1 20 ? -6.213  -11.972 3.883   1.00 57.31 ? 74 ARG E CD  1 
ATOM 819  N NE  . ARG E 1 20 ? -7.668  -11.973 3.823   1.00 62.63 ? 74 ARG E NE  1 
ATOM 820  C CZ  . ARG E 1 20 ? -8.375  -11.852 2.708   1.00 61.48 ? 74 ARG E CZ  1 
ATOM 821  N NH1 . ARG E 1 20 ? -7.789  -11.683 1.535   1.00 56.65 ? 74 ARG E NH1 1 
ATOM 822  N NH2 . ARG E 1 20 ? -9.702  -11.894 2.773   1.00 60.94 ? 74 ARG E NH2 1 
ATOM 823  N N   . ILE E 1 21 ? -4.879  -16.555 5.178   1.00 54.26 ? 75 ILE E N   1 
ATOM 824  C CA  . ILE E 1 21 ? -5.350  -17.856 4.730   1.00 52.68 ? 75 ILE E CA  1 
ATOM 825  C C   . ILE E 1 21 ? -6.873  -17.881 4.706   1.00 53.28 ? 75 ILE E C   1 
ATOM 826  O O   . ILE E 1 21 ? -7.482  -18.227 3.693   1.00 53.27 ? 75 ILE E O   1 
ATOM 827  C CB  . ILE E 1 21 ? -4.805  -18.980 5.619   1.00 54.05 ? 75 ILE E CB  1 
ATOM 828  C CG1 . ILE E 1 21 ? -3.279  -18.924 5.671   1.00 52.44 ? 75 ILE E CG1 1 
ATOM 829  C CG2 . ILE E 1 21 ? -5.267  -20.336 5.108   1.00 52.06 ? 75 ILE E CG2 1 
ATOM 830  C CD1 . ILE E 1 21 ? -2.660  -20.054 6.450   1.00 45.87 ? 75 ILE E CD1 1 
ATOM 831  N N   . MET F 1 1  ? 8.755   -26.143 -0.845  1.00 68.66 ? 55 MET F N   1 
ATOM 832  C CA  . MET F 1 1  ? 9.413   -24.895 -0.476  1.00 71.60 ? 55 MET F CA  1 
ATOM 833  C C   . MET F 1 1  ? 9.045   -23.789 -1.460  1.00 73.01 ? 55 MET F C   1 
ATOM 834  O O   . MET F 1 1  ? 9.852   -23.401 -2.301  1.00 79.71 ? 55 MET F O   1 
ATOM 835  C CB  . MET F 1 1  ? 10.931  -25.083 -0.425  1.00 74.08 ? 55 MET F CB  1 
ATOM 836  C CG  . MET F 1 1  ? 11.682  -23.981 0.308   1.00 75.24 ? 55 MET F CG  1 
ATOM 837  S SD  . MET F 1 1  ? 12.624  -22.904 -0.788  1.00 89.85 ? 55 MET F SD  1 
ATOM 838  C CE  . MET F 1 1  ? 13.474  -21.871 0.403   1.00 73.37 ? 55 MET F CE  1 
ATOM 839  N N   . ILE F 1 2  ? 7.822   -23.285 -1.345  1.00 57.96 ? 56 ILE F N   1 
ATOM 840  C CA  . ILE F 1 2  ? 7.296   -22.264 -2.242  1.00 52.88 ? 56 ILE F CA  1 
ATOM 841  C C   . ILE F 1 2  ? 7.551   -20.914 -1.592  1.00 55.69 ? 56 ILE F C   1 
ATOM 842  O O   . ILE F 1 2  ? 7.044   -20.634 -0.502  1.00 65.00 ? 56 ILE F O   1 
ATOM 843  C CB  . ILE F 1 2  ? 5.803   -22.471 -2.520  1.00 54.96 ? 56 ILE F CB  1 
ATOM 844  C CG1 . ILE F 1 2  ? 5.552   -23.882 -3.049  1.00 56.57 ? 56 ILE F CG1 1 
ATOM 845  C CG2 . ILE F 1 2  ? 5.297   -21.429 -3.500  1.00 56.85 ? 56 ILE F CG2 1 
ATOM 846  C CD1 . ILE F 1 2  ? 4.093   -24.196 -3.270  1.00 53.68 ? 56 ILE F CD1 1 
ATOM 847  N N   . VAL F 1 3  ? 8.335   -20.065 -2.249  1.00 53.79 ? 57 VAL F N   1 
ATOM 848  C CA  . VAL F 1 3  ? 8.779   -18.816 -1.648  1.00 61.86 ? 57 VAL F CA  1 
ATOM 849  C C   . VAL F 1 3  ? 8.813   -17.715 -2.700  1.00 64.35 ? 57 VAL F C   1 
ATOM 850  O O   . VAL F 1 3  ? 9.193   -17.953 -3.848  1.00 69.87 ? 57 VAL F O   1 
ATOM 851  C CB  . VAL F 1 3  ? 10.150  -18.992 -0.965  1.00 55.17 ? 57 VAL F CB  1 
ATOM 852  C CG1 . VAL F 1 3  ? 11.130  -19.674 -1.888  1.00 55.80 ? 57 VAL F CG1 1 
ATOM 853  C CG2 . VAL F 1 3  ? 10.678  -17.668 -0.490  1.00 57.77 ? 57 VAL F CG2 1 
ATOM 854  N N   . GLY F 1 4  ? 8.412   -16.508 -2.309  1.00 57.14 ? 58 GLY F N   1 
ATOM 855  C CA  . GLY F 1 4  ? 8.315   -15.412 -3.253  1.00 55.60 ? 58 GLY F CA  1 
ATOM 856  C C   . GLY F 1 4  ? 9.647   -14.790 -3.618  1.00 55.56 ? 58 GLY F C   1 
ATOM 857  O O   . GLY F 1 4  ? 10.066  -14.854 -4.776  1.00 53.30 ? 58 GLY F O   1 
ATOM 858  N N   . GLN F 1 5  ? 10.330  -14.177 -2.652  1.00 56.07 ? 59 GLN F N   1 
ATOM 859  C CA  . GLN F 1 5  ? 11.597  -13.509 -2.913  1.00 58.57 ? 59 GLN F CA  1 
ATOM 860  C C   . GLN F 1 5  ? 12.565  -13.739 -1.763  1.00 55.12 ? 59 GLN F C   1 
ATOM 861  O O   . GLN F 1 5  ? 12.155  -13.849 -0.606  1.00 63.56 ? 59 GLN F O   1 
ATOM 862  C CB  . GLN F 1 5  ? 11.398  -12.003 -3.128  1.00 55.08 ? 59 GLN F CB  1 
ATOM 863  C CG  . GLN F 1 5  ? 10.664  -11.651 -4.406  1.00 56.85 ? 59 GLN F CG  1 
ATOM 864  C CD  . GLN F 1 5  ? 10.531  -10.158 -4.614  1.00 60.68 ? 59 GLN F CD  1 
ATOM 865  O OE1 . GLN F 1 5  ? 11.115  -9.595  -5.538  1.00 57.52 ? 59 GLN F OE1 1 
ATOM 866  N NE2 . GLN F 1 5  ? 9.753   -9.510  -3.757  1.00 62.96 ? 59 GLN F NE2 1 
ATOM 867  N N   . GLU F 1 6  ? 13.851  -13.746 -2.120  1.00 57.71 ? 60 GLU F N   1 
ATOM 868  C CA  . GLU F 1 6  ? 14.973  -13.918 -1.165  1.00 58.32 ? 60 GLU F CA  1 
ATOM 869  C C   . GLU F 1 6  ? 15.864  -12.674 -1.245  1.00 58.13 ? 60 GLU F C   1 
ATOM 870  O O   . GLU F 1 6  ? 16.433  -12.421 -2.320  1.00 61.27 ? 60 GLU F O   1 
ATOM 871  C CB  . GLU F 1 6  ? 15.767  -15.176 -1.514  1.00 60.72 ? 60 GLU F CB  1 
ATOM 872  C CG  . GLU F 1 6  ? 15.013  -16.463 -1.237  1.00 64.33 ? 60 GLU F CG  1 
ATOM 873  C CD  . GLU F 1 6  ? 15.814  -17.491 -0.455  1.00 64.53 ? 60 GLU F CD  1 
ATOM 874  O OE1 . GLU F 1 6  ? 16.878  -17.912 -0.953  1.00 62.18 ? 60 GLU F OE1 1 
ATOM 875  O OE2 . GLU F 1 6  ? 15.376  -17.863 0.649   1.00 61.60 ? 60 GLU F OE2 1 
ATOM 876  N N   . LYS F 1 7  ? 15.951  -11.921 -0.146  1.00 60.58 ? 61 LYS F N   1 
ATOM 877  C CA  . LYS F 1 7  ? 16.777  -10.720 -0.059  1.00 59.18 ? 61 LYS F CA  1 
ATOM 878  C C   . LYS F 1 7  ? 16.558  -9.762  -1.239  1.00 62.29 ? 61 LYS F C   1 
ATOM 879  O O   . LYS F 1 7  ? 17.510  -9.443  -1.958  1.00 64.89 ? 61 LYS F O   1 
ATOM 880  C CB  . LYS F 1 7  ? 18.250  -11.087 0.072   1.00 60.37 ? 61 LYS F CB  1 
ATOM 881  C CG  . LYS F 1 7  ? 18.531  -12.197 1.065   1.00 64.83 ? 61 LYS F CG  1 
ATOM 882  C CD  . LYS F 1 7  ? 20.003  -12.574 1.068   1.00 64.27 ? 61 LYS F CD  1 
ATOM 883  C CE  . LYS F 1 7  ? 20.263  -13.761 1.979   1.00 64.16 ? 61 LYS F CE  1 
ATOM 884  N NZ  . LYS F 1 7  ? 19.434  -14.937 1.590   1.00 65.58 ? 61 LYS F NZ  1 
ATOM 885  N N   . PRO F 1 8  ? 15.331  -9.285  -1.456  1.00 59.42 ? 62 PRO F N   1 
ATOM 886  C CA  . PRO F 1 8  ? 15.158  -8.170  -2.394  1.00 54.24 ? 62 PRO F CA  1 
ATOM 887  C C   . PRO F 1 8  ? 15.719  -6.889  -1.792  1.00 53.50 ? 62 PRO F C   1 
ATOM 888  O O   . PRO F 1 8  ? 15.341  -6.482  -0.692  1.00 61.64 ? 62 PRO F O   1 
ATOM 889  C CB  . PRO F 1 8  ? 13.639  -8.101  -2.594  1.00 58.21 ? 62 PRO F CB  1 
ATOM 890  C CG  . PRO F 1 8  ? 13.071  -8.737  -1.407  1.00 60.12 ? 62 PRO F CG  1 
ATOM 891  C CD  . PRO F 1 8  ? 14.034  -9.789  -0.973  1.00 56.64 ? 62 PRO F CD  1 
ATOM 892  N N   . TYR F 1 9  ? 16.641  -6.263  -2.516  1.00 54.58 ? 63 TYR F N   1 
ATOM 893  C CA  . TYR F 1 9  ? 17.421  -5.143  -2.000  1.00 59.16 ? 63 TYR F CA  1 
ATOM 894  C C   . TYR F 1 9  ? 17.030  -3.874  -2.745  1.00 65.94 ? 63 TYR F C   1 
ATOM 895  O O   . TYR F 1 9  ? 17.406  -3.692  -3.908  1.00 70.59 ? 63 TYR F O   1 
ATOM 896  C CB  . TYR F 1 9  ? 18.917  -5.419  -2.141  1.00 61.51 ? 63 TYR F CB  1 
ATOM 897  C CG  . TYR F 1 9  ? 19.810  -4.430  -1.429  1.00 62.19 ? 63 TYR F CG  1 
ATOM 898  C CD1 . TYR F 1 9  ? 20.112  -3.202  -1.999  1.00 62.80 ? 63 TYR F CD1 1 
ATOM 899  C CD2 . TYR F 1 9  ? 20.363  -4.733  -0.196  1.00 66.88 ? 63 TYR F CD2 1 
ATOM 900  C CE1 . TYR F 1 9  ? 20.931  -2.300  -1.356  1.00 62.09 ? 63 TYR F CE1 1 
ATOM 901  C CE2 . TYR F 1 9  ? 21.187  -3.836  0.455   1.00 71.27 ? 63 TYR F CE2 1 
ATOM 902  C CZ  . TYR F 1 9  ? 21.466  -2.619  -0.131  1.00 70.31 ? 63 TYR F CZ  1 
ATOM 903  O OH  . TYR F 1 9  ? 22.284  -1.719  0.509   1.00 68.06 ? 63 TYR F OH  1 
ATOM 904  N N   . GLN F 1 10 ? 16.285  -3.000  -2.069  1.00 67.44 ? 64 GLN F N   1 
ATOM 905  C CA  . GLN F 1 10 ? 15.966  -1.662  -2.571  1.00 69.23 ? 64 GLN F CA  1 
ATOM 906  C C   . GLN F 1 10 ? 15.282  -1.705  -3.935  1.00 71.12 ? 64 GLN F C   1 
ATOM 907  O O   . GLN F 1 10 ? 15.536  -0.867  -4.801  1.00 71.96 ? 64 GLN F O   1 
ATOM 908  C CB  . GLN F 1 10 ? 17.217  -0.783  -2.624  1.00 69.04 ? 64 GLN F CB  1 
ATOM 909  C CG  . GLN F 1 10 ? 17.821  -0.477  -1.268  1.00 69.00 ? 64 GLN F CG  1 
ATOM 910  C CD  . GLN F 1 10 ? 18.985  0.484   -1.355  1.00 71.43 ? 64 GLN F CD  1 
ATOM 911  O OE1 . GLN F 1 10 ? 19.381  0.899   -2.443  1.00 67.91 ? 64 GLN F OE1 1 
ATOM 912  N NE2 . GLN F 1 10 ? 19.542  0.845   -0.207  1.00 70.95 ? 64 GLN F NE2 1 
ATOM 913  N N   . ASN F 1 11 ? 14.398  -2.679  -4.129  1.00 69.60 ? 65 ASN F N   1 
ATOM 914  C CA  . ASN F 1 11 ? 13.604  -2.749  -5.351  1.00 69.52 ? 65 ASN F CA  1 
ATOM 915  C C   . ASN F 1 11 ? 12.505  -1.699  -5.270  1.00 65.68 ? 65 ASN F C   1 
ATOM 916  O O   . ASN F 1 11 ? 11.576  -1.823  -4.468  1.00 70.24 ? 65 ASN F O   1 
ATOM 917  C CB  . ASN F 1 11 ? 13.014  -4.142  -5.538  1.00 67.77 ? 65 ASN F CB  1 
ATOM 918  C CG  . ASN F 1 11 ? 14.073  -5.206  -5.677  1.00 72.80 ? 65 ASN F CG  1 
ATOM 919  O OD1 . ASN F 1 11 ? 14.778  -5.263  -6.678  1.00 76.27 ? 65 ASN F OD1 1 
ATOM 920  N ND2 . ASN F 1 11 ? 14.194  -6.057  -4.670  1.00 69.50 ? 65 ASN F ND2 1 
ATOM 921  N N   . LYS F 1 12 ? 12.611  -0.666  -6.098  1.00 62.21 ? 66 LYS F N   1 
ATOM 922  C CA  . LYS F 1 12 ? 11.657  0.434   -6.096  1.00 62.73 ? 66 LYS F CA  1 
ATOM 923  C C   . LYS F 1 12 ? 10.495  0.069   -7.009  1.00 62.86 ? 66 LYS F C   1 
ATOM 924  O O   . LYS F 1 12 ? 10.576  0.243   -8.229  1.00 73.17 ? 66 LYS F O   1 
ATOM 925  C CB  . LYS F 1 12 ? 12.335  1.727   -6.539  1.00 65.46 ? 66 LYS F CB  1 
ATOM 926  C CG  . LYS F 1 12 ? 13.583  2.054   -5.735  1.00 63.00 ? 66 LYS F CG  1 
ATOM 927  C CD  . LYS F 1 12 ? 14.380  3.185   -6.359  1.00 66.74 ? 66 LYS F CD  1 
ATOM 928  C CE  . LYS F 1 12 ? 13.625  4.497   -6.299  1.00 66.13 ? 66 LYS F CE  1 
ATOM 929  N NZ  . LYS F 1 12 ? 14.445  5.620   -6.832  1.00 66.30 ? 66 LYS F NZ  1 
ATOM 930  N N   . ASN F 1 13 ? 9.421   -0.446  -6.423  1.00 50.01 ? 67 ASN F N   1 
ATOM 931  C CA  . ASN F 1 13 ? 8.216   -0.813  -7.155  1.00 55.45 ? 67 ASN F CA  1 
ATOM 932  C C   . ASN F 1 13 ? 7.202   0.308   -6.973  1.00 55.24 ? 67 ASN F C   1 
ATOM 933  O O   . ASN F 1 13 ? 6.667   0.496   -5.877  1.00 65.80 ? 67 ASN F O   1 
ATOM 934  C CB  . ASN F 1 13 ? 7.662   -2.145  -6.661  1.00 58.79 ? 67 ASN F CB  1 
ATOM 935  C CG  . ASN F 1 13 ? 8.714   -3.230  -6.622  1.00 59.43 ? 67 ASN F CG  1 
ATOM 936  O OD1 . ASN F 1 13 ? 9.229   -3.648  -7.657  1.00 61.36 ? 67 ASN F OD1 1 
ATOM 937  N ND2 . ASN F 1 13 ? 9.040   -3.693  -5.423  1.00 59.63 ? 67 ASN F ND2 1 
ATOM 938  N N   . ALA F 1 14 ? 6.944   1.053   -8.043  1.00 49.36 ? 68 ALA F N   1 
ATOM 939  C CA  . ALA F 1 14 ? 6.058   2.206   -7.997  1.00 49.83 ? 68 ALA F CA  1 
ATOM 940  C C   . ALA F 1 14 ? 4.954   2.046   -9.029  1.00 47.94 ? 68 ALA F C   1 
ATOM 941  O O   . ALA F 1 14 ? 5.223   1.697   -10.182 1.00 58.01 ? 68 ALA F O   1 
ATOM 942  C CB  . ALA F 1 14 ? 6.830   3.503   -8.247  1.00 45.23 ? 68 ALA F CB  1 
ATOM 943  N N   . ILE F 1 15 ? 3.722   2.294   -8.613  1.00 39.62 ? 69 ILE F N   1 
ATOM 944  C CA  . ILE F 1 15 ? 2.582   2.360   -9.521  1.00 47.08 ? 69 ILE F CA  1 
ATOM 945  C C   . ILE F 1 15 ? 2.060   3.789   -9.431  1.00 37.80 ? 69 ILE F C   1 
ATOM 946  O O   . ILE F 1 15 ? 1.228   4.117   -8.582  1.00 54.84 ? 69 ILE F O   1 
ATOM 947  C CB  . ILE F 1 15 ? 1.495   1.338   -9.179  1.00 51.67 ? 69 ILE F CB  1 
ATOM 948  C CG1 . ILE F 1 15 ? 2.057   -0.079  -9.250  1.00 42.88 ? 69 ILE F CG1 1 
ATOM 949  C CG2 . ILE F 1 15 ? 0.315   1.480   -10.126 1.00 47.69 ? 69 ILE F CG2 1 
ATOM 950  C CD1 . ILE F 1 15 ? 1.019   -1.154  -9.035  1.00 39.88 ? 69 ILE F CD1 1 
ATOM 951  N N   . ASN F 1 16 ? 2.592   4.647   -10.303 1.00 31.37 ? 70 ASN F N   1 
ATOM 952  C CA  . ASN F 1 16 ? 2.204   6.079   -10.310 1.00 47.00 ? 70 ASN F CA  1 
ATOM 953  C C   . ASN F 1 16 ? 0.938   6.267   -11.150 1.00 47.73 ? 70 ASN F C   1 
ATOM 954  O O   . ASN F 1 16 ? 0.998   6.051   -12.372 1.00 53.58 ? 70 ASN F O   1 
ATOM 955  C CB  . ASN F 1 16 ? 3.354   6.968   -10.784 1.00 52.58 ? 70 ASN F CB  1 
ATOM 956  C CG  . ASN F 1 16 ? 4.660   6.633   -10.098 1.00 52.85 ? 70 ASN F CG  1 
ATOM 957  O OD1 . ASN F 1 16 ? 4.803   6.839   -8.896  1.00 46.39 ? 70 ASN F OD1 1 
ATOM 958  N ND2 . ASN F 1 16 ? 5.612   6.109   -10.851 1.00 50.67 ? 70 ASN F ND2 1 
ATOM 959  N N   . ASN F 1 17 ? -0.163  6.644   -10.496 1.00 39.56 ? 71 ASN F N   1 
ATOM 960  C CA  . ASN F 1 17 ? -1.421  6.895   -11.176 1.00 44.56 ? 71 ASN F CA  1 
ATOM 961  C C   . ASN F 1 17 ? -1.828  8.361   -11.178 1.00 42.58 ? 71 ASN F C   1 
ATOM 962  O O   . ASN F 1 17 ? -2.775  8.718   -11.884 1.00 45.00 ? 71 ASN F O   1 
ATOM 963  C CB  . ASN F 1 17 ? -2.542  6.062   -10.541 1.00 45.40 ? 71 ASN F CB  1 
ATOM 964  C CG  . ASN F 1 17 ? -2.379  4.579   -10.789 1.00 41.54 ? 71 ASN F CG  1 
ATOM 965  O OD1 . ASN F 1 17 ? -1.952  4.161   -11.863 1.00 38.97 ? 71 ASN F OD1 1 
ATOM 966  N ND2 . ASN F 1 17 ? -2.720  3.774   -9.793  1.00 44.05 ? 71 ASN F ND2 1 
ATOM 967  N N   . GLY F 1 18 ? -1.145  9.213   -10.419 1.00 45.07 ? 72 GLY F N   1 
ATOM 968  C CA  . GLY F 1 18 ? -1.523  10.608  -10.341 1.00 36.50 ? 72 GLY F CA  1 
ATOM 969  C C   . GLY F 1 18 ? -0.488  11.559  -10.902 1.00 35.90 ? 72 GLY F C   1 
ATOM 970  O O   . GLY F 1 18 ? 0.023   11.351  -12.004 1.00 39.98 ? 72 GLY F O   1 
ATOM 971  N N   . VAL F 1 19 ? -0.171  12.605  -10.149 1.00 43.52 ? 73 VAL F N   1 
ATOM 972  C CA  . VAL F 1 19 ? 0.751   13.644  -10.586 1.00 46.68 ? 73 VAL F CA  1 
ATOM 973  C C   . VAL F 1 19 ? 1.937   13.681  -9.638  1.00 47.23 ? 73 VAL F C   1 
ATOM 974  O O   . VAL F 1 19 ? 1.766   13.661  -8.415  1.00 59.12 ? 73 VAL F O   1 
ATOM 975  C CB  . VAL F 1 19 ? 0.069   15.024  -10.644 1.00 41.51 ? 73 VAL F CB  1 
ATOM 976  C CG1 . VAL F 1 19 ? 1.068   16.096  -11.058 1.00 38.07 ? 73 VAL F CG1 1 
ATOM 977  C CG2 . VAL F 1 19 ? -1.095  14.992  -11.595 1.00 44.53 ? 73 VAL F CG2 1 
ATOM 978  N N   . ARG F 1 20 ? 3.137   13.729  -10.205 1.00 44.05 ? 74 ARG F N   1 
ATOM 979  C CA  . ARG F 1 20 ? 4.353   13.947  -9.437  1.00 52.39 ? 74 ARG F CA  1 
ATOM 980  C C   . ARG F 1 20 ? 5.108   15.117  -10.048 1.00 57.66 ? 74 ARG F C   1 
ATOM 981  O O   . ARG F 1 20 ? 5.368   15.129  -11.255 1.00 62.82 ? 74 ARG F O   1 
ATOM 982  C CB  . ARG F 1 20 ? 5.230   12.692  -9.406  1.00 49.45 ? 74 ARG F CB  1 
ATOM 983  C CG  . ARG F 1 20 ? 6.529   12.876  -8.645  1.00 49.65 ? 74 ARG F CG  1 
ATOM 984  C CD  . ARG F 1 20 ? 7.040   11.558  -8.093  1.00 57.31 ? 74 ARG F CD  1 
ATOM 985  N NE  . ARG F 1 20 ? 8.259   11.739  -7.315  1.00 62.63 ? 74 ARG F NE  1 
ATOM 986  C CZ  . ARG F 1 20 ? 9.474   11.413  -7.736  1.00 61.48 ? 74 ARG F CZ  1 
ATOM 987  N NH1 . ARG F 1 20 ? 9.668   10.854  -8.919  1.00 56.65 ? 74 ARG F NH1 1 
ATOM 988  N NH2 . ARG F 1 20 ? 10.518  11.649  -6.948  1.00 60.94 ? 74 ARG F NH2 1 
ATOM 989  N N   . ILE F 1 21 ? 5.441   16.101  -9.220  1.00 54.26 ? 75 ILE F N   1 
ATOM 990  C CA  . ILE F 1 21 ? 6.152   17.283  -9.686  1.00 52.68 ? 75 ILE F CA  1 
ATOM 991  C C   . ILE F 1 21 ? 7.406   17.502  -8.851  1.00 53.28 ? 75 ILE F C   1 
ATOM 992  O O   . ILE F 1 21 ? 8.505   17.639  -9.388  1.00 53.27 ? 75 ILE F O   1 
ATOM 993  C CB  . ILE F 1 21 ? 5.250   18.522  -9.648  1.00 54.05 ? 75 ILE F CB  1 
ATOM 994  C CG1 . ILE F 1 21 ? 3.976   18.281  -10.454 1.00 52.44 ? 75 ILE F CG1 1 
ATOM 995  C CG2 . ILE F 1 21 ? 5.993   19.737  -10.184 1.00 52.06 ? 75 ILE F CG2 1 
ATOM 996  C CD1 . ILE F 1 21 ? 3.079   19.487  -10.544 1.00 45.87 ? 75 ILE F CD1 1 
ATOM 997  N N   . MET G 1 1  ? 3.186   -24.387 12.031  1.00 68.66 ? 55 MET G N   1 
ATOM 998  C CA  . MET G 1 1  ? 3.901   -23.178 12.425  1.00 71.60 ? 55 MET G CA  1 
ATOM 999  C C   . MET G 1 1  ? 3.596   -22.042 11.456  1.00 73.01 ? 55 MET G C   1 
ATOM 1000 O O   . MET G 1 1  ? 4.428   -21.680 10.627  1.00 79.71 ? 55 MET G O   1 
ATOM 1001 C CB  . MET G 1 1  ? 5.408   -23.442 12.484  1.00 74.08 ? 55 MET G CB  1 
ATOM 1002 C CG  . MET G 1 1  ? 6.205   -22.391 13.241  1.00 75.24 ? 55 MET G CG  1 
ATOM 1003 S SD  . MET G 1 1  ? 7.207   -21.344 12.169  1.00 89.85 ? 55 MET G SD  1 
ATOM 1004 C CE  . MET G 1 1  ? 8.098   -20.372 13.383  1.00 73.37 ? 55 MET G CE  1 
ATOM 1005 N N   . ILE G 1 2  ? 2.397   -21.480 11.570  1.00 57.96 ? 56 ILE G N   1 
ATOM 1006 C CA  . ILE G 1 2  ? 1.930   -20.419 10.686  1.00 52.88 ? 56 ILE G CA  1 
ATOM 1007 C C   . ILE G 1 2  ? 2.245   -19.094 11.359  1.00 55.69 ? 56 ILE G C   1 
ATOM 1008 O O   . ILE G 1 2  ? 1.743   -18.807 12.449  1.00 65.00 ? 56 ILE G O   1 
ATOM 1009 C CB  . ILE G 1 2  ? 0.431   -20.550 10.393  1.00 54.96 ? 56 ILE G CB  1 
ATOM 1010 C CG1 . ILE G 1 2  ? 0.114   -21.937 9.839   1.00 56.57 ? 56 ILE G CG1 1 
ATOM 1011 C CG2 . ILE G 1 2  ? -0.016  -19.468 9.426   1.00 56.85 ? 56 ILE G CG2 1 
ATOM 1012 C CD1 . ILE G 1 2  ? -1.356  -22.176 9.602   1.00 53.68 ? 56 ILE G CD1 1 
ATOM 1013 N N   . VAL G 1 3  ? 3.076   -18.275 10.721  1.00 53.79 ? 57 VAL G N   1 
ATOM 1014 C CA  . VAL G 1 3  ? 3.574   -17.058 11.346  1.00 61.86 ? 57 VAL G CA  1 
ATOM 1015 C C   . VAL G 1 3  ? 3.671   -15.944 10.312  1.00 64.35 ? 57 VAL G C   1 
ATOM 1016 O O   . VAL G 1 3  ? 4.049   -16.182 9.163   1.00 69.87 ? 57 VAL G O   1 
ATOM 1017 C CB  . VAL G 1 3  ? 4.930   -17.313 12.036  1.00 55.17 ? 57 VAL G CB  1 
ATOM 1018 C CG1 . VAL G 1 3  ? 5.883   -18.027 11.110  1.00 55.80 ? 57 VAL G CG1 1 
ATOM 1019 C CG2 . VAL G 1 3  ? 5.518   -16.024 12.536  1.00 57.77 ? 57 VAL G CG2 1 
ATOM 1020 N N   . GLY G 1 4  ? 3.326   -14.725 10.719  1.00 57.14 ? 58 GLY G N   1 
ATOM 1021 C CA  . GLY G 1 4  ? 3.291   -13.612 9.792   1.00 55.60 ? 58 GLY G CA  1 
ATOM 1022 C C   . GLY G 1 4  ? 4.656   -13.049 9.447   1.00 55.56 ? 58 GLY G C   1 
ATOM 1023 O O   . GLY G 1 4  ? 5.080   -13.116 8.291   1.00 53.30 ? 58 GLY G O   1 
ATOM 1024 N N   . GLN G 1 5  ? 5.359   -12.486 10.428  1.00 56.07 ? 59 GLN G N   1 
ATOM 1025 C CA  . GLN G 1 5  ? 6.659   -11.878 10.187  1.00 58.57 ? 59 GLN G CA  1 
ATOM 1026 C C   . GLN G 1 5  ? 7.605   -12.172 11.341  1.00 55.12 ? 59 GLN G C   1 
ATOM 1027 O O   . GLN G 1 5  ? 7.181   -12.281 12.493  1.00 63.56 ? 59 GLN G O   1 
ATOM 1028 C CB  . GLN G 1 5  ? 6.536   -10.360 9.995   1.00 55.08 ? 59 GLN G CB  1 
ATOM 1029 C CG  . GLN G 1 5  ? 5.831   -9.953  8.717   1.00 56.85 ? 59 GLN G CG  1 
ATOM 1030 C CD  . GLN G 1 5  ? 5.773   -8.452  8.533   1.00 60.68 ? 59 GLN G CD  1 
ATOM 1031 O OE1 . GLN G 1 5  ? 6.392   -7.904  7.623   1.00 57.52 ? 59 GLN G OE1 1 
ATOM 1032 N NE2 . GLN G 1 5  ? 5.021   -7.779  9.394   1.00 62.96 ? 59 GLN G NE2 1 
ATOM 1033 N N   . GLU G 1 6  ? 8.893   -12.237 10.993  1.00 57.71 ? 60 GLU G N   1 
ATOM 1034 C CA  . GLU G 1 6  ? 9.997   -12.479 11.954  1.00 58.32 ? 60 GLU G CA  1 
ATOM 1035 C C   . GLU G 1 6  ? 10.949  -11.279 11.901  1.00 58.13 ? 60 GLU G C   1 
ATOM 1036 O O   . GLU G 1 6  ? 11.537  -11.038 10.834  1.00 61.27 ? 60 GLU G O   1 
ATOM 1037 C CB  . GLU G 1 6  ? 10.731  -13.768 11.590  1.00 60.72 ? 60 GLU G CB  1 
ATOM 1038 C CG  . GLU G 1 6  ? 9.914   -15.021 11.842  1.00 64.33 ? 60 GLU G CG  1 
ATOM 1039 C CD  . GLU G 1 6  ? 10.656  -16.100 12.612  1.00 64.53 ? 60 GLU G CD  1 
ATOM 1040 O OE1 . GLU G 1 6  ? 11.702  -16.565 12.116  1.00 62.18 ? 60 GLU G OE1 1 
ATOM 1041 O OE2 . GLU G 1 6  ? 10.191  -16.468 13.708  1.00 61.60 ? 60 GLU G OE2 1 
ATOM 1042 N N   . LYS G 1 7  ? 11.063  -10.549 13.012  1.00 60.58 ? 61 LYS G N   1 
ATOM 1043 C CA  . LYS G 1 7  ? 11.946  -9.390  13.125  1.00 59.18 ? 61 LYS G CA  1 
ATOM 1044 C C   . LYS G 1 7  ? 11.784  -8.404  11.959  1.00 62.29 ? 61 LYS G C   1 
ATOM 1045 O O   . LYS G 1 7  ? 12.756  -8.122  11.253  1.00 64.89 ? 61 LYS G O   1 
ATOM 1046 C CB  . LYS G 1 7  ? 13.399  -9.832  13.261  1.00 60.37 ? 61 LYS G CB  1 
ATOM 1047 C CG  . LYS G 1 7  ? 13.616  -10.970 14.238  1.00 64.83 ? 61 LYS G CG  1 
ATOM 1048 C CD  . LYS G 1 7  ? 15.068  -11.419 14.246  1.00 64.27 ? 61 LYS G CD  1 
ATOM 1049 C CE  . LYS G 1 7  ? 15.261  -12.631 15.140  1.00 64.16 ? 61 LYS G CE  1 
ATOM 1050 N NZ  . LYS G 1 7  ? 14.379  -13.759 14.726  1.00 65.58 ? 61 LYS G NZ  1 
ATOM 1051 N N   . PRO G 1 8  ? 10.584  -7.864  11.740  1.00 59.42 ? 62 PRO G N   1 
ATOM 1052 C CA  . PRO G 1 8  ? 10.473  -6.728  10.819  1.00 54.24 ? 62 PRO G CA  1 
ATOM 1053 C C   . PRO G 1 8  ? 11.092  -5.487  11.446  1.00 53.50 ? 62 PRO G C   1 
ATOM 1054 O O   . PRO G 1 8  ? 10.724  -5.079  12.549  1.00 61.64 ? 62 PRO G O   1 
ATOM 1055 C CB  . PRO G 1 8  ? 8.962   -6.582  10.609  1.00 58.21 ? 62 PRO G CB  1 
ATOM 1056 C CG  . PRO G 1 8  ? 8.352   -7.207  11.781  1.00 60.12 ? 62 PRO G CG  1 
ATOM 1057 C CD  . PRO G 1 8  ? 9.259   -8.312  12.205  1.00 56.64 ? 62 PRO G CD  1 
ATOM 1058 N N   . TYR G 1 9  ? 12.048  -4.895  10.738  1.00 54.58 ? 63 TYR G N   1 
ATOM 1059 C CA  . TYR G 1 9  ? 12.879  -3.822  11.279  1.00 59.16 ? 63 TYR G CA  1 
ATOM 1060 C C   . TYR G 1 9  ? 12.557  -2.524  10.551  1.00 65.94 ? 63 TYR G C   1 
ATOM 1061 O O   . TYR G 1 9  ? 12.951  -2.342  9.394   1.00 70.59 ? 63 TYR G O   1 
ATOM 1062 C CB  . TYR G 1 9  ? 14.360  -4.170  11.145  1.00 61.51 ? 63 TYR G CB  1 
ATOM 1063 C CG  . TYR G 1 9  ? 15.294  -3.237  11.879  1.00 62.19 ? 63 TYR G CG  1 
ATOM 1064 C CD1 . TYR G 1 9  ? 15.662  -2.016  11.331  1.00 62.80 ? 63 TYR G CD1 1 
ATOM 1065 C CD2 . TYR G 1 9  ? 15.822  -3.586  13.112  1.00 66.88 ? 63 TYR G CD2 1 
ATOM 1066 C CE1 . TYR G 1 9  ? 16.518  -1.166  11.994  1.00 62.09 ? 63 TYR G CE1 1 
ATOM 1067 C CE2 . TYR G 1 9  ? 16.683  -2.741  13.782  1.00 71.27 ? 63 TYR G CE2 1 
ATOM 1068 C CZ  . TYR G 1 9  ? 17.026  -1.530  13.218  1.00 70.31 ? 63 TYR G CZ  1 
ATOM 1069 O OH  . TYR G 1 9  ? 17.882  -0.682  13.879  1.00 68.06 ? 63 TYR G OH  1 
ATOM 1070 N N   . GLN G 1 10 ? 11.849  -1.626  11.236  1.00 67.44 ? 64 GLN G N   1 
ATOM 1071 C CA  . GLN G 1 10 ? 11.600  -0.266  10.753  1.00 69.23 ? 64 GLN G CA  1 
ATOM 1072 C C   . GLN G 1 10 ? 10.925  -0.254  9.383   1.00 71.12 ? 64 GLN G C   1 
ATOM 1073 O O   . GLN G 1 10 ? 11.227  0.584   8.532   1.00 71.96 ? 64 GLN G O   1 
ATOM 1074 C CB  . GLN G 1 10 ? 12.893  0.550   10.723  1.00 69.04 ? 64 GLN G CB  1 
ATOM 1075 C CG  . GLN G 1 10 ? 13.499  0.806   12.088  1.00 69.00 ? 64 GLN G CG  1 
ATOM 1076 C CD  . GLN G 1 10 ? 14.711  1.710   12.025  1.00 71.43 ? 64 GLN G CD  1 
ATOM 1077 O OE1 . GLN G 1 10 ? 15.135  2.122   10.947  1.00 67.91 ? 64 GLN G OE1 1 
ATOM 1078 N NE2 . GLN G 1 10 ? 15.275  2.025   13.183  1.00 70.95 ? 64 GLN G NE2 1 
ATOM 1079 N N   . ASN G 1 11 ? 9.998   -1.180  9.167   1.00 69.60 ? 65 ASN G N   1 
ATOM 1080 C CA  . ASN G 1 11 ? 9.211   -1.192  7.938   1.00 69.52 ? 65 ASN G CA  1 
ATOM 1081 C C   . ASN G 1 11 ? 8.164   -0.090  8.027   1.00 65.68 ? 65 ASN G C   1 
ATOM 1082 O O   . ASN G 1 11 ? 7.224   -0.181  8.820   1.00 70.24 ? 65 ASN G O   1 
ATOM 1083 C CB  . ASN G 1 11 ? 8.555   -2.551  7.724   1.00 67.77 ? 65 ASN G CB  1 
ATOM 1084 C CG  . ASN G 1 11 ? 9.562   -3.663  7.575   1.00 72.80 ? 65 ASN G CG  1 
ATOM 1085 O OD1 . ASN G 1 11 ? 10.272  -3.740  6.580   1.00 76.27 ? 65 ASN G OD1 1 
ATOM 1086 N ND2 . ASN G 1 11 ? 9.633   -4.535  8.570   1.00 69.50 ? 65 ASN G ND2 1 
ATOM 1087 N N   . LYS G 1 12 ? 8.328   0.948   7.217   1.00 62.21 ? 66 LYS G N   1 
ATOM 1088 C CA  . LYS G 1 12 ? 7.429   2.095   7.230   1.00 62.73 ? 66 LYS G CA  1 
ATOM 1089 C C   . LYS G 1 12 ? 6.258   1.801   6.302   1.00 62.86 ? 66 LYS G C   1 
ATOM 1090 O O   . LYS G 1 12 ? 6.357   1.990   5.085   1.00 73.17 ? 66 LYS G O   1 
ATOM 1091 C CB  . LYS G 1 12 ? 8.173   3.359   6.813   1.00 65.46 ? 66 LYS G CB  1 
ATOM 1092 C CG  . LYS G 1 12 ? 9.428   3.612   7.630   1.00 63.00 ? 66 LYS G CG  1 
ATOM 1093 C CD  . LYS G 1 12 ? 10.285  4.711   7.032   1.00 66.74 ? 66 LYS G CD  1 
ATOM 1094 C CE  . LYS G 1 12 ? 9.594   6.058   7.106   1.00 66.13 ? 66 LYS G CE  1 
ATOM 1095 N NZ  . LYS G 1 12 ? 10.474  7.148   6.598   1.00 66.30 ? 66 LYS G NZ  1 
ATOM 1096 N N   . ASN G 1 13 ? 5.155   1.330   6.871   1.00 50.01 ? 67 ASN G N   1 
ATOM 1097 C CA  . ASN G 1 13 ? 3.939   1.035   6.124   1.00 55.45 ? 67 ASN G CA  1 
ATOM 1098 C C   . ASN G 1 13 ? 2.980   2.201   6.317   1.00 55.24 ? 67 ASN G C   1 
ATOM 1099 O O   . ASN G 1 13 ? 2.445   2.398   7.412   1.00 65.80 ? 67 ASN G O   1 
ATOM 1100 C CB  . ASN G 1 13 ? 3.316   -0.276  6.592   1.00 58.79 ? 67 ASN G CB  1 
ATOM 1101 C CG  . ASN G 1 13 ? 4.314   -1.413  6.623   1.00 59.43 ? 67 ASN G CG  1 
ATOM 1102 O OD1 . ASN G 1 13 ? 4.815   -1.841  5.585   1.00 61.36 ? 67 ASN G OD1 1 
ATOM 1103 N ND2 . ASN G 1 13 ? 4.606   -1.911  7.816   1.00 59.63 ? 67 ASN G ND2 1 
ATOM 1104 N N   . ALA G 1 14 ? 2.768   2.973   5.257   1.00 49.36 ? 68 ALA G N   1 
ATOM 1105 C CA  . ALA G 1 14 ? 1.939   4.169   5.315   1.00 49.83 ? 68 ALA G CA  1 
ATOM 1106 C C   . ALA G 1 14 ? 0.838   4.078   4.272   1.00 47.94 ? 68 ALA G C   1 
ATOM 1107 O O   . ALA G 1 14 ? 1.098   3.735   3.116   1.00 58.01 ? 68 ALA G O   1 
ATOM 1108 C CB  . ALA G 1 14 ? 2.776   5.430   5.092   1.00 45.23 ? 68 ALA G CB  1 
ATOM 1109 N N   . ILE G 1 15 ? -0.384  4.380   4.683   1.00 39.62 ? 69 ILE G N   1 
ATOM 1110 C CA  . ILE G 1 15 ? -1.513  4.517   3.767   1.00 47.08 ? 69 ILE G CA  1 
ATOM 1111 C C   . ILE G 1 15 ? -1.964  5.967   3.876   1.00 37.80 ? 69 ILE G C   1 
ATOM 1112 O O   . ILE G 1 15 ? -2.786  6.324   4.725   1.00 54.84 ? 69 ILE G O   1 
ATOM 1113 C CB  . ILE G 1 15 ? -2.651  3.545   4.084   1.00 51.67 ? 69 ILE G CB  1 
ATOM 1114 C CG1 . ILE G 1 15 ? -2.159  2.103   3.995   1.00 42.88 ? 69 ILE G CG1 1 
ATOM 1115 C CG2 . ILE G 1 15 ? -3.815  3.759   3.132   1.00 47.69 ? 69 ILE G CG2 1 
ATOM 1116 C CD1 . ILE G 1 15 ? -3.250  1.076   4.185   1.00 39.88 ? 69 ILE G CD1 1 
ATOM 1117 N N   . ASN G 1 16 ? -1.384  6.812   3.023   1.00 31.37 ? 70 ASN G N   1 
ATOM 1118 C CA  . ASN G 1 16 ? -1.701  8.263   3.036   1.00 47.00 ? 70 ASN G CA  1 
ATOM 1119 C C   . ASN G 1 16 ? -2.949  8.525   2.189   1.00 47.73 ? 70 ASN G C   1 
ATOM 1120 O O   . ASN G 1 16 ? -2.890  8.325   0.965   1.00 53.58 ? 70 ASN G O   1 
ATOM 1121 C CB  . ASN G 1 16 ? -0.506  9.100   2.585   1.00 52.58 ? 70 ASN G CB  1 
ATOM 1122 C CG  . ASN G 1 16 ? 0.777   8.692   3.275   1.00 52.85 ? 70 ASN G CG  1 
ATOM 1123 O OD1 . ASN G 1 16 ? 0.920   8.871   4.481   1.00 46.39 ? 70 ASN G OD1 1 
ATOM 1124 N ND2 . ASN G 1 16 ? 1.709   8.133   2.521   1.00 50.67 ? 70 ASN G ND2 1 
ATOM 1125 N N   . ASN G 1 17 ? -4.036  8.945   2.841   1.00 39.56 ? 71 ASN G N   1 
ATOM 1126 C CA  . ASN G 1 17 ? -5.275  9.268   2.155   1.00 44.56 ? 71 ASN G CA  1 
ATOM 1127 C C   . ASN G 1 17 ? -5.609  10.752  2.174   1.00 42.58 ? 71 ASN G C   1 
ATOM 1128 O O   . ASN G 1 17 ? -6.532  11.167  1.467   1.00 45.00 ? 71 ASN G O   1 
ATOM 1129 C CB  . ASN G 1 17 ? -6.441  8.482   2.768   1.00 45.40 ? 71 ASN G CB  1 
ATOM 1130 C CG  . ASN G 1 17 ? -6.348  6.996   2.498   1.00 41.54 ? 71 ASN G CG  1 
ATOM 1131 O OD1 . ASN G 1 17 ? -5.932  6.575   1.421   1.00 38.97 ? 71 ASN G OD1 1 
ATOM 1132 N ND2 . ASN G 1 17 ? -6.736  6.193   3.478   1.00 44.05 ? 71 ASN G ND2 1 
ATOM 1133 N N   . GLY G 1 18 ? -4.892  11.557  2.952   1.00 45.07 ? 72 GLY G N   1 
ATOM 1134 C CA  . GLY G 1 18 ? -5.201  12.969  3.049   1.00 36.50 ? 72 GLY G CA  1 
ATOM 1135 C C   . GLY G 1 18 ? -4.118  13.876  2.511   1.00 35.90 ? 72 GLY G C   1 
ATOM 1136 O O   . GLY G 1 18 ? -3.607  13.660  1.410   1.00 39.98 ? 72 GLY G O   1 
ATOM 1137 N N   . VAL G 1 19 ? -3.754  14.893  3.284   1.00 43.52 ? 73 VAL G N   1 
ATOM 1138 C CA  . VAL G 1 19 ? -2.780  15.893  2.870   1.00 46.68 ? 73 VAL G CA  1 
ATOM 1139 C C   . VAL G 1 19 ? -1.602  15.857  3.827   1.00 47.23 ? 73 VAL G C   1 
ATOM 1140 O O   . VAL G 1 19 ? -1.783  15.826  5.049   1.00 59.12 ? 73 VAL G O   1 
ATOM 1141 C CB  . VAL G 1 19 ? -3.393  17.306  2.829   1.00 41.51 ? 73 VAL G CB  1 
ATOM 1142 C CG1 . VAL G 1 19 ? -2.339  18.334  2.440   1.00 38.07 ? 73 VAL G CG1 1 
ATOM 1143 C CG2 . VAL G 1 19 ? -4.548  17.344  1.869   1.00 44.53 ? 73 VAL G CG2 1 
ATOM 1144 N N   . ARG G 1 20 ? -0.396  15.854  3.271   1.00 44.05 ? 74 ARG G N   1 
ATOM 1145 C CA  . ARG G 1 20 ? 0.823   15.999  4.052   1.00 52.39 ? 74 ARG G CA  1 
ATOM 1146 C C   . ARG G 1 20 ? 1.639   17.141  3.465   1.00 57.66 ? 74 ARG G C   1 
ATOM 1147 O O   . ARG G 1 20 ? 1.910   17.159  2.261   1.00 62.82 ? 74 ARG G O   1 
ATOM 1148 C CB  . ARG G 1 20 ? 1.637   14.703  4.068   1.00 49.45 ? 74 ARG G CB  1 
ATOM 1149 C CG  . ARG G 1 20 ? 2.938   14.811  4.842   1.00 49.65 ? 74 ARG G CG  1 
ATOM 1150 C CD  . ARG G 1 20 ? 3.379   13.462  5.377   1.00 57.31 ? 74 ARG G CD  1 
ATOM 1151 N NE  . ARG G 1 20 ? 4.599   13.570  6.167   1.00 62.63 ? 74 ARG G NE  1 
ATOM 1152 C CZ  . ARG G 1 20 ? 5.799   13.192  5.750   1.00 61.48 ? 74 ARG G CZ  1 
ATOM 1153 N NH1 . ARG G 1 20 ? 5.976   12.643  4.560   1.00 56.65 ? 74 ARG G NH1 1 
ATOM 1154 N NH2 . ARG G 1 20 ? 6.848   13.364  6.550   1.00 60.94 ? 74 ARG G NH2 1 
ATOM 1155 N N   . ILE G 1 21 ? 2.014   18.096  4.310   1.00 54.26 ? 75 ILE G N   1 
ATOM 1156 C CA  . ILE G 1 21 ? 2.785   19.247  3.869   1.00 52.68 ? 75 ILE G CA  1 
ATOM 1157 C C   . ILE G 1 21 ? 4.041   19.392  4.717   1.00 53.28 ? 75 ILE G C   1 
ATOM 1158 O O   . ILE G 1 21 ? 5.150   19.482  4.191   1.00 53.27 ? 75 ILE G O   1 
ATOM 1159 C CB  . ILE G 1 21 ? 1.945   20.529  3.921   1.00 54.05 ? 75 ILE G CB  1 
ATOM 1160 C CG1 . ILE G 1 21 ? 0.668   20.363  3.101   1.00 52.44 ? 75 ILE G CG1 1 
ATOM 1161 C CG2 . ILE G 1 21 ? 2.751   21.714  3.410   1.00 52.06 ? 75 ILE G CG2 1 
ATOM 1162 C CD1 . ILE G 1 21 ? -0.169  21.612  3.024   1.00 45.87 ? 75 ILE G CD1 1 
ATOM 1163 N N   . MET H 1 1  ? -3.959  23.457  -15.593 1.00 68.66 ? 55 MET H N   1 
ATOM 1164 C CA  . MET H 1 1  ? -4.796  22.292  -15.329 1.00 71.60 ? 55 MET H CA  1 
ATOM 1165 C C   . MET H 1 1  ? -4.007  21.008  -15.558 1.00 73.01 ? 55 MET H C   1 
ATOM 1166 O O   . MET H 1 1  ? -4.205  20.318  -16.556 1.00 79.71 ? 55 MET H O   1 
ATOM 1167 C CB  . MET H 1 1  ? -6.046  22.319  -16.211 1.00 74.08 ? 55 MET H CB  1 
ATOM 1168 C CG  . MET H 1 1  ? -7.158  21.383  -15.762 1.00 75.24 ? 55 MET H CG  1 
ATOM 1169 S SD  . MET H 1 1  ? -7.367  19.951  -16.835 1.00 89.85 ? 55 MET H SD  1 
ATOM 1170 C CE  . MET H 1 1  ? -8.821  19.195  -16.110 1.00 73.37 ? 55 MET H CE  1 
ATOM 1171 N N   . ILE H 1 2  ? -3.114  20.692  -14.627 1.00 57.96 ? 56 ILE H N   1 
ATOM 1172 C CA  . ILE H 1 2  ? -2.241  19.529  -14.723 1.00 52.88 ? 56 ILE H CA  1 
ATOM 1173 C C   . ILE H 1 2  ? -2.920  18.389  -13.983 1.00 55.69 ? 56 ILE H C   1 
ATOM 1174 O O   . ILE H 1 2  ? -3.158  18.475  -12.776 1.00 65.00 ? 56 ILE H O   1 
ATOM 1175 C CB  . ILE H 1 2  ? -0.852  19.817  -14.144 1.00 54.96 ? 56 ILE H CB  1 
ATOM 1176 C CG1 . ILE H 1 2  ? -0.242  21.048  -14.810 1.00 56.57 ? 56 ILE H CG1 1 
ATOM 1177 C CG2 . ILE H 1 2  ? 0.051   18.608  -14.309 1.00 56.85 ? 56 ILE H CG2 1 
ATOM 1178 C CD1 . ILE H 1 2  ? 1.095   21.450  -14.236 1.00 53.68 ? 56 ILE H CD1 1 
ATOM 1179 N N   . VAL H 1 3  ? -3.239  17.312  -14.695 1.00 53.79 ? 57 VAL H N   1 
ATOM 1180 C CA  . VAL H 1 3  ? -4.036  16.234  -14.129 1.00 61.86 ? 57 VAL H CA  1 
ATOM 1181 C C   . VAL H 1 3  ? -3.534  14.890  -14.643 1.00 64.35 ? 57 VAL H C   1 
ATOM 1182 O O   . VAL H 1 3  ? -3.163  14.762  -15.811 1.00 69.87 ? 57 VAL H O   1 
ATOM 1183 C CB  . VAL H 1 3  ? -5.533  16.438  -14.438 1.00 55.17 ? 57 VAL H CB  1 
ATOM 1184 C CG1 . VAL H 1 3  ? -5.747  16.729  -15.903 1.00 55.80 ? 57 VAL H CG1 1 
ATOM 1185 C CG2 . VAL H 1 3  ? -6.330  15.243  -13.996 1.00 57.77 ? 57 VAL H CG2 1 
ATOM 1186 N N   . GLY H 1 4  ? -3.520  13.887  -13.767 1.00 57.14 ? 58 GLY H N   1 
ATOM 1187 C CA  . GLY H 1 4  ? -2.974  12.594  -14.125 1.00 55.60 ? 58 GLY H CA  1 
ATOM 1188 C C   . GLY H 1 4  ? -3.891  11.751  -14.989 1.00 55.56 ? 58 GLY H C   1 
ATOM 1189 O O   . GLY H 1 4  ? -3.556  11.451  -16.137 1.00 53.30 ? 58 GLY H O   1 
ATOM 1190 N N   . GLN H 1 5  ? -5.046  11.355  -14.460 1.00 56.07 ? 59 GLN H N   1 
ATOM 1191 C CA  . GLN H 1 5  ? -5.973  10.505  -15.196 1.00 58.57 ? 59 GLN H CA  1 
ATOM 1192 C C   . GLN H 1 5  ? -7.409  10.932  -14.930 1.00 55.12 ? 59 GLN H C   1 
ATOM 1193 O O   . GLN H 1 5  ? -7.737  11.400  -13.837 1.00 63.56 ? 59 GLN H O   1 
ATOM 1194 C CB  . GLN H 1 5  ? -5.794  9.030   -14.817 1.00 55.08 ? 59 GLN H CB  1 
ATOM 1195 C CG  . GLN H 1 5  ? -4.484  8.426   -15.279 1.00 56.85 ? 59 GLN H CG  1 
ATOM 1196 C CD  . GLN H 1 5  ? -4.363  6.956   -14.936 1.00 60.68 ? 59 GLN H CD  1 
ATOM 1197 O OE1 . GLN H 1 5  ? -4.344  6.102   -15.819 1.00 57.52 ? 59 GLN H OE1 1 
ATOM 1198 N NE2 . GLN H 1 5  ? -4.272  6.657   -13.647 1.00 62.96 ? 59 GLN H NE2 1 
ATOM 1199 N N   . GLU H 1 6  ? -8.248  10.699  -15.942 1.00 57.71 ? 60 GLU H N   1 
ATOM 1200 C CA  . GLU H 1 6  ? -9.700  11.000  -15.899 1.00 58.32 ? 60 GLU H CA  1 
ATOM 1201 C C   . GLU H 1 6  ? -10.467 9.691   -16.113 1.00 58.13 ? 60 GLU H C   1 
ATOM 1202 O O   . GLU H 1 6  ? -10.324 9.093   -17.193 1.00 61.27 ? 60 GLU H O   1 
ATOM 1203 C CB  . GLU H 1 6  ? -10.053 12.020  -16.981 1.00 60.72 ? 60 GLU H CB  1 
ATOM 1204 C CG  . GLU H 1 6  ? -9.510  13.408  -16.704 1.00 64.33 ? 60 GLU H CG  1 
ATOM 1205 C CD  . GLU H 1 6  ? -10.539 14.517  -16.856 1.00 64.53 ? 60 GLU H CD  1 
ATOM 1206 O OE1 . GLU H 1 6  ? -11.084 14.665  -17.967 1.00 62.18 ? 60 GLU H OE1 1 
ATOM 1207 O OE2 . GLU H 1 6  ? -10.794 15.223  -15.862 1.00 61.60 ? 60 GLU H OE2 1 
ATOM 1208 N N   . LYS H 1 7  ? -11.225 9.264   -15.103 1.00 60.58 ? 61 LYS H N   1 
ATOM 1209 C CA  . LYS H 1 7  ? -12.033 8.047   -15.165 1.00 59.18 ? 61 LYS H CA  1 
ATOM 1210 C C   . LYS H 1 7  ? -11.242 6.834   -15.673 1.00 62.29 ? 61 LYS H C   1 
ATOM 1211 O O   . LYS H 1 7  ? -11.622 6.228   -16.679 1.00 64.89 ? 61 LYS H O   1 
ATOM 1212 C CB  . LYS H 1 7  ? -13.280 8.272   -16.013 1.00 60.37 ? 61 LYS H CB  1 
ATOM 1213 C CG  . LYS H 1 7  ? -14.003 9.573   -15.726 1.00 64.83 ? 61 LYS H CG  1 
ATOM 1214 C CD  . LYS H 1 7  ? -15.174 9.771   -16.673 1.00 64.27 ? 61 LYS H CD  1 
ATOM 1215 C CE  . LYS H 1 7  ? -15.828 11.125  -16.460 1.00 64.16 ? 61 LYS H CE  1 
ATOM 1216 N NZ  . LYS H 1 7  ? -14.846 12.236  -16.623 1.00 65.58 ? 61 LYS H NZ  1 
ATOM 1217 N N   . PRO H 1 8  ? -10.152 6.454   -15.003 1.00 59.42 ? 62 PRO H N   1 
ATOM 1218 C CA  . PRO H 1 8  ? -9.550  5.152   -15.306 1.00 54.24 ? 62 PRO H CA  1 
ATOM 1219 C C   . PRO H 1 8  ? -10.444 4.031   -14.798 1.00 53.50 ? 62 PRO H C   1 
ATOM 1220 O O   . PRO H 1 8  ? -10.800 3.984   -13.619 1.00 61.64 ? 62 PRO H O   1 
ATOM 1221 C CB  . PRO H 1 8  ? -8.204  5.199   -14.571 1.00 58.21 ? 62 PRO H CB  1 
ATOM 1222 C CG  . PRO H 1 8  ? -8.382  6.193   -13.515 1.00 60.12 ? 62 PRO H CG  1 
ATOM 1223 C CD  . PRO H 1 8  ? -9.341  7.212   -14.033 1.00 56.64 ? 62 PRO H CD  1 
ATOM 1224 N N   . TYR H 1 9  ? -10.820 3.133   -15.703 1.00 54.58 ? 63 TYR H N   1 
ATOM 1225 C CA  . TYR H 1 9  ? -11.832 2.117   -15.432 1.00 59.16 ? 63 TYR H CA  1 
ATOM 1226 C C   . TYR H 1 9  ? -11.174 0.744   -15.418 1.00 65.94 ? 63 TYR H C   1 
ATOM 1227 O O   . TYR H 1 9  ? -10.823 0.210   -16.475 1.00 70.59 ? 63 TYR H O   1 
ATOM 1228 C CB  . TYR H 1 9  ? -12.947 2.178   -16.473 1.00 61.51 ? 63 TYR H CB  1 
ATOM 1229 C CG  . TYR H 1 9  ? -14.155 1.328   -16.154 1.00 62.19 ? 63 TYR H CG  1 
ATOM 1230 C CD1 . TYR H 1 9  ? -14.159 -0.034  -16.414 1.00 62.80 ? 63 TYR H CD1 1 
ATOM 1231 C CD2 . TYR H 1 9  ? -15.296 1.893   -15.609 1.00 66.88 ? 63 TYR H CD2 1 
ATOM 1232 C CE1 . TYR H 1 9  ? -15.260 -0.811  -16.130 1.00 62.09 ? 63 TYR H CE1 1 
ATOM 1233 C CE2 . TYR H 1 9  ? -16.406 1.122   -15.323 1.00 71.27 ? 63 TYR H CE2 1 
ATOM 1234 C CZ  . TYR H 1 9  ? -16.381 -0.230  -15.584 1.00 70.31 ? 63 TYR H CZ  1 
ATOM 1235 O OH  . TYR H 1 9  ? -17.480 -1.007  -15.303 1.00 68.06 ? 63 TYR H OH  1 
ATOM 1236 N N   . GLN H 1 10 ? -11.021 0.176   -14.222 1.00 67.44 ? 64 GLN H N   1 
ATOM 1237 C CA  . GLN H 1 10 ? -10.567 -1.204  -14.042 1.00 69.23 ? 64 GLN H CA  1 
ATOM 1238 C C   . GLN H 1 10 ? -9.220  -1.460  -14.713 1.00 71.12 ? 64 GLN H C   1 
ATOM 1239 O O   . GLN H 1 10 ? -8.985  -2.526  -15.285 1.00 71.96 ? 64 GLN H O   1 
ATOM 1240 C CB  . GLN H 1 10 ? -11.616 -2.197  -14.548 1.00 69.04 ? 64 GLN H CB  1 
ATOM 1241 C CG  . GLN H 1 10 ? -12.913 -2.187  -13.763 1.00 69.00 ? 64 GLN H CG  1 
ATOM 1242 C CD  . GLN H 1 10 ? -13.877 -3.256  -14.221 1.00 71.43 ? 64 GLN H CD  1 
ATOM 1243 O OE1 . GLN H 1 10 ? -13.600 -3.994  -15.164 1.00 67.91 ? 64 GLN H OE1 1 
ATOM 1244 N NE2 . GLN H 1 10 ? -15.019 -3.349  -13.553 1.00 70.95 ? 64 GLN H NE2 1 
ATOM 1245 N N   . ASN H 1 11 ? -8.320  -0.486  -14.635 1.00 69.60 ? 65 ASN H N   1 
ATOM 1246 C CA  . ASN H 1 11 ? -6.963  -0.664  -15.141 1.00 69.52 ? 65 ASN H CA  1 
ATOM 1247 C C   . ASN H 1 11 ? -6.191  -1.524  -14.150 1.00 65.68 ? 65 ASN H C   1 
ATOM 1248 O O   . ASN H 1 11 ? -5.890  -1.085  -13.038 1.00 70.24 ? 65 ASN H O   1 
ATOM 1249 C CB  . ASN H 1 11 ? -6.276  0.680   -15.346 1.00 67.77 ? 65 ASN H CB  1 
ATOM 1250 C CG  . ASN H 1 11 ? -6.981  1.542   -16.362 1.00 72.80 ? 65 ASN H CG  1 
ATOM 1251 O OD1 . ASN H 1 11 ? -6.971  1.245   -17.551 1.00 76.27 ? 65 ASN H OD1 1 
ATOM 1252 N ND2 . ASN H 1 11 ? -7.600  2.616   -15.900 1.00 69.50 ? 65 ASN H ND2 1 
ATOM 1253 N N   . LYS H 1 12 ? -5.873  -2.750  -14.552 1.00 62.21 ? 66 LYS H N   1 
ATOM 1254 C CA  . LYS H 1 12 ? -5.177  -3.694  -13.690 1.00 62.73 ? 66 LYS H CA  1 
ATOM 1255 C C   . LYS H 1 12 ? -3.678  -3.466  -13.833 1.00 62.86 ? 66 LYS H C   1 
ATOM 1256 O O   . LYS H 1 12 ? -3.051  -3.976  -14.767 1.00 73.17 ? 66 LYS H O   1 
ATOM 1257 C CB  . LYS H 1 12 ? -5.565  -5.125  -14.049 1.00 65.46 ? 66 LYS H CB  1 
ATOM 1258 C CG  . LYS H 1 12 ? -7.067  -5.357  -14.051 1.00 63.00 ? 66 LYS H CG  1 
ATOM 1259 C CD  . LYS H 1 12 ? -7.435  -6.696  -14.662 1.00 66.74 ? 66 LYS H CD  1 
ATOM 1260 C CE  . LYS H 1 12 ? -6.948  -7.851  -13.810 1.00 66.13 ? 66 LYS H CE  1 
ATOM 1261 N NZ  . LYS H 1 12 ? -7.387  -9.159  -14.367 1.00 66.30 ? 66 LYS H NZ  1 
ATOM 1262 N N   . ASN H 1 13 ? -3.107  -2.696  -12.915 1.00 50.01 ? 67 ASN H N   1 
ATOM 1263 C CA  . ASN H 1 13 ? -1.678  -2.413  -12.894 1.00 55.45 ? 67 ASN H CA  1 
ATOM 1264 C C   . ASN H 1 13 ? -1.040  -3.323  -11.855 1.00 55.24 ? 67 ASN H C   1 
ATOM 1265 O O   . ASN H 1 13 ? -1.251  -3.143  -10.650 1.00 65.80 ? 67 ASN H O   1 
ATOM 1266 C CB  . ASN H 1 13 ? -1.418  -0.944  -12.578 1.00 58.79 ? 67 ASN H CB  1 
ATOM 1267 C CG  . ASN H 1 13 ? -2.219  -0.012  -13.460 1.00 59.43 ? 67 ASN H CG  1 
ATOM 1268 O OD1 . ASN H 1 13 ? -2.008  0.049   -14.669 1.00 61.36 ? 67 ASN H OD1 1 
ATOM 1269 N ND2 . ASN H 1 13 ? -3.144  0.723   -12.857 1.00 59.63 ? 67 ASN H ND2 1 
ATOM 1270 N N   . ALA H 1 14 ? -0.264  -4.296  -12.316 1.00 49.36 ? 68 ALA H N   1 
ATOM 1271 C CA  . ALA H 1 14 ? 0.348   -5.289  -11.444 1.00 49.83 ? 68 ALA H CA  1 
ATOM 1272 C C   . ALA H 1 14 ? 1.853   -5.295  -11.653 1.00 47.94 ? 68 ALA H C   1 
ATOM 1273 O O   . ALA H 1 14 ? 2.326   -5.307  -12.793 1.00 58.01 ? 68 ALA H O   1 
ATOM 1274 C CB  . ALA H 1 14 ? -0.229  -6.682  -11.707 1.00 45.23 ? 68 ALA H CB  1 
ATOM 1275 N N   . ILE H 1 15 ? 2.596   -5.284  -10.558 1.00 39.62 ? 69 ILE H N   1 
ATOM 1276 C CA  . ILE H 1 15 ? 4.044   -5.469  -10.585 1.00 47.08 ? 69 ILE H CA  1 
ATOM 1277 C C   . ILE H 1 15 ? 4.313   -6.751  -9.809  1.00 37.80 ? 69 ILE H C   1 
ATOM 1278 O O   . ILE H 1 15 ? 4.475   -6.741  -8.586  1.00 54.84 ? 69 ILE H O   1 
ATOM 1279 C CB  . ILE H 1 15 ? 4.802   -4.279  -9.993  1.00 51.67 ? 69 ILE H CB  1 
ATOM 1280 C CG1 . ILE H 1 15 ? 4.487   -3.005  -10.774 1.00 42.88 ? 69 ILE H CG1 1 
ATOM 1281 C CG2 . ILE H 1 15 ? 6.298   -4.543  -10.005 1.00 47.69 ? 69 ILE H CG2 1 
ATOM 1282 C CD1 . ILE H 1 15 ? 5.284   -1.805  -10.323 1.00 39.88 ? 69 ILE H CD1 1 
ATOM 1283 N N   . ASN H 1 16 ? 4.324   -7.867  -10.538 1.00 31.37 ? 70 ASN H N   1 
ATOM 1284 C CA  . ASN H 1 16 ? 4.542   -9.196  -9.911  1.00 47.00 ? 70 ASN H CA  1 
ATOM 1285 C C   . ASN H 1 16 ? 6.043   -9.465  -9.780  1.00 47.73 ? 70 ASN H C   1 
ATOM 1286 O O   . ASN H 1 16 ? 6.715   -9.599  -10.816 1.00 53.58 ? 70 ASN H O   1 
ATOM 1287 C CB  . ASN H 1 16 ? 3.817   -10.302 -10.680 1.00 52.58 ? 70 ASN H CB  1 
ATOM 1288 C CG  . ASN H 1 16 ? 2.383   -9.940  -10.995 1.00 52.85 ? 70 ASN H CG  1 
ATOM 1289 O OD1 . ASN H 1 16 ? 1.558   -9.823  -10.093 1.00 46.39 ? 70 ASN H OD1 1 
ATOM 1290 N ND2 . ASN H 1 16 ? 2.081   -9.748  -12.268 1.00 50.67 ? 70 ASN H ND2 1 
ATOM 1291 N N   . ASN H 1 17 ? 6.533   -9.525  -8.541  1.00 39.56 ? 71 ASN H N   1 
ATOM 1292 C CA  . ASN H 1 17 ? 7.931   -9.812  -8.271  1.00 44.56 ? 71 ASN H CA  1 
ATOM 1293 C C   . ASN H 1 17 ? 8.158   -11.168 -7.622  1.00 42.58 ? 71 ASN H C   1 
ATOM 1294 O O   . ASN H 1 17 ? 9.311   -11.598 -7.520  1.00 45.00 ? 71 ASN H O   1 
ATOM 1295 C CB  . ASN H 1 17 ? 8.535   -8.719  -7.380  1.00 45.40 ? 71 ASN H CB  1 
ATOM 1296 C CG  . ASN H 1 17 ? 8.652   -7.388  -8.089  1.00 41.54 ? 71 ASN H CG  1 
ATOM 1297 O OD1 . ASN H 1 17 ? 8.953   -7.328  -9.278  1.00 38.97 ? 71 ASN H OD1 1 
ATOM 1298 N ND2 . ASN H 1 17 ? 8.409   -6.308  -7.358  1.00 44.05 ? 71 ASN H ND2 1 
ATOM 1299 N N   . GLY H 1 18 ? 7.104   -11.851 -7.185  1.00 45.07 ? 72 GLY H N   1 
ATOM 1300 C CA  . GLY H 1 18 ? 7.266   -13.121 -6.510  1.00 36.50 ? 72 GLY H CA  1 
ATOM 1301 C C   . GLY H 1 18 ? 6.682   -14.297 -7.261  1.00 35.90 ? 72 GLY H C   1 
ATOM 1302 O O   . GLY H 1 18 ? 6.918   -14.456 -8.460  1.00 39.98 ? 72 GLY H O   1 
ATOM 1303 N N   . VAL H 1 19 ? 5.913   -15.126 -6.564  1.00 43.52 ? 73 VAL H N   1 
ATOM 1304 C CA  . VAL H 1 19 ? 5.343   -16.341 -7.130  1.00 46.68 ? 73 VAL H CA  1 
ATOM 1305 C C   . VAL H 1 19 ? 3.829   -16.248 -7.069  1.00 47.23 ? 73 VAL H C   1 
ATOM 1306 O O   . VAL H 1 19 ? 3.263   -15.875 -6.036  1.00 59.12 ? 73 VAL H O   1 
ATOM 1307 C CB  . VAL H 1 19 ? 5.833   -17.599 -6.390  1.00 41.51 ? 73 VAL H CB  1 
ATOM 1308 C CG1 . VAL H 1 19 ? 5.183   -18.847 -6.973  1.00 38.07 ? 73 VAL H CG1 1 
ATOM 1309 C CG2 . VAL H 1 19 ? 7.331   -17.699 -6.465  1.00 44.53 ? 73 VAL H CG2 1 
ATOM 1310 N N   . ARG H 1 20 ? 3.176   -16.580 -8.177  1.00 44.05 ? 74 ARG H N   1 
ATOM 1311 C CA  . ARG H 1 20 ? 1.729   -16.713 -8.219  1.00 52.39 ? 74 ARG H CA  1 
ATOM 1312 C C   . ARG H 1 20 ? 1.386   -18.082 -8.786  1.00 57.66 ? 74 ARG H C   1 
ATOM 1313 O O   . ARG H 1 20 ? 1.871   -18.451 -9.859  1.00 62.82 ? 74 ARG H O   1 
ATOM 1314 C CB  . ARG H 1 20 ? 1.088   -15.603 -9.056  1.00 49.45 ? 74 ARG H CB  1 
ATOM 1315 C CG  . ARG H 1 20 ? -0.421  -15.714 -9.161  1.00 49.65 ? 74 ARG H CG  1 
ATOM 1316 C CD  . ARG H 1 20 ? -1.062  -14.361 -9.405  1.00 57.31 ? 74 ARG H CD  1 
ATOM 1317 N NE  . ARG H 1 20 ? -2.515  -14.455 -9.452  1.00 62.63 ? 74 ARG H NE  1 
ATOM 1318 C CZ  . ARG H 1 20 ? -3.235  -14.393 -10.563 1.00 61.48 ? 74 ARG H CZ  1 
ATOM 1319 N NH1 . ARG H 1 20 ? -2.671  -14.204 -11.744 1.00 56.65 ? 74 ARG H NH1 1 
ATOM 1320 N NH2 . ARG H 1 20 ? -4.558  -14.518 -10.488 1.00 60.94 ? 74 ARG H NH2 1 
ATOM 1321 N N   . ILE H 1 21 ? 0.566   -18.833 -8.059  1.00 54.26 ? 75 ILE H N   1 
ATOM 1322 C CA  . ILE H 1 21 ? 0.173   -20.168 -8.485  1.00 52.68 ? 75 ILE H CA  1 
ATOM 1323 C C   . ILE H 1 21 ? -1.345  -20.288 -8.497  1.00 53.28 ? 75 ILE H C   1 
ATOM 1324 O O   . ILE H 1 21 ? -1.937  -20.686 -9.500  1.00 53.27 ? 75 ILE H O   1 
ATOM 1325 C CB  . ILE H 1 21 ? 0.795   -21.243 -7.586  1.00 54.05 ? 75 ILE H CB  1 
ATOM 1326 C CG1 . ILE H 1 21 ? 2.314   -21.090 -7.547  1.00 52.44 ? 75 ILE H CG1 1 
ATOM 1327 C CG2 . ILE H 1 21 ? 0.415   -22.632 -8.075  1.00 52.06 ? 75 ILE H CG2 1 
ATOM 1328 C CD1 . ILE H 1 21 ? 3.010   -22.169 -6.758  1.00 45.87 ? 75 ILE H CD1 1 
ATOM 1329 N N   . MET I 1 1  ? -8.057  26.960  3.223   1.00 68.66 ? 55 MET I N   1 
ATOM 1330 C CA  . MET I 1 1  ? -8.986  25.860  3.461   1.00 71.60 ? 55 MET I CA  1 
ATOM 1331 C C   . MET I 1 1  ? -8.303  24.522  3.206   1.00 73.01 ? 55 MET I C   1 
ATOM 1332 O O   . MET I 1 1  ? -8.550  23.871  2.194   1.00 79.71 ? 55 MET I O   1 
ATOM 1333 C CB  . MET I 1 1  ? -10.226 26.006  2.575   1.00 74.08 ? 55 MET I CB  1 
ATOM 1334 C CG  . MET I 1 1  ? -11.413 25.154  3.003   1.00 75.24 ? 55 MET I CG  1 
ATOM 1335 S SD  . MET I 1 1  ? -11.731 23.764  1.899   1.00 89.85 ? 55 MET I SD  1 
ATOM 1336 C CE  . MET I 1 1  ? -13.244 23.113  2.604   1.00 73.37 ? 55 MET I CE  1 
ATOM 1337 N N   . ILE I 1 2  ? -7.441  24.117  4.134   1.00 57.96 ? 56 ILE I N   1 
ATOM 1338 C CA  . ILE I 1 2  ? -6.665  22.889  4.015   1.00 52.88 ? 56 ILE I CA  1 
ATOM 1339 C C   . ILE I 1 2  ? -7.437  21.792  4.728   1.00 55.69 ? 56 ILE I C   1 
ATOM 1340 O O   . ILE I 1 2  ? -7.672  21.871  5.938   1.00 65.00 ? 56 ILE I O   1 
ATOM 1341 C CB  . ILE I 1 2  ? -5.259  23.053  4.605   1.00 54.96 ? 56 ILE I CB  1 
ATOM 1342 C CG1 . ILE I 1 2  ? -4.548  24.243  3.965   1.00 56.57 ? 56 ILE I CG1 1 
ATOM 1343 C CG2 . ILE I 1 2  ? -4.456  21.780  4.415   1.00 56.85 ? 56 ILE I CG2 1 
ATOM 1344 C CD1 . ILE I 1 2  ? -3.187  24.524  4.552   1.00 53.68 ? 56 ILE I CD1 1 
ATOM 1345 N N   . VAL I 1 3  ? -7.838  20.760  3.994   1.00 53.79 ? 57 VAL I N   1 
ATOM 1346 C CA  . VAL I 1 3  ? -8.721  19.737  4.536   1.00 61.86 ? 57 VAL I CA  1 
ATOM 1347 C C   . VAL I 1 3  ? -8.327  18.368  3.996   1.00 64.35 ? 57 VAL I C   1 
ATOM 1348 O O   . VAL I 1 3  ? -7.962  18.235  2.826   1.00 69.87 ? 57 VAL I O   1 
ATOM 1349 C CB  . VAL I 1 3  ? -10.195 20.066  4.227   1.00 55.17 ? 57 VAL I CB  1 
ATOM 1350 C CG1 . VAL I 1 3  ? -10.379 20.404  2.768   1.00 55.80 ? 57 VAL I CG1 1 
ATOM 1351 C CG2 . VAL I 1 3  ? -11.088 18.932  4.642   1.00 57.77 ? 57 VAL I CG2 1 
ATOM 1352 N N   . GLY I 1 4  ? -8.396  17.350  4.850   1.00 57.14 ? 58 GLY I N   1 
ATOM 1353 C CA  . GLY I 1 4  ? -7.955  16.024  4.466   1.00 55.60 ? 58 GLY I CA  1 
ATOM 1354 C C   . GLY I 1 4  ? -8.933  15.276  3.582   1.00 55.56 ? 58 GLY I C   1 
ATOM 1355 O O   . GLY I 1 4  ? -8.618  14.974  2.429   1.00 53.30 ? 58 GLY I O   1 
ATOM 1356 N N   . GLN I 1 5  ? -10.120 14.964  4.099   1.00 56.07 ? 59 GLN I N   1 
ATOM 1357 C CA  . GLN I 1 5  ? -11.108 14.207  3.344   1.00 58.57 ? 59 GLN I CA  1 
ATOM 1358 C C   . GLN I 1 5  ? -12.506 14.742  3.615   1.00 55.12 ? 59 GLN I C   1 
ATOM 1359 O O   . GLN I 1 5  ? -12.799 15.211  4.716   1.00 63.56 ? 59 GLN I O   1 
ATOM 1360 C CB  . GLN I 1 5  ? -11.051 12.714  3.693   1.00 55.08 ? 59 GLN I CB  1 
ATOM 1361 C CG  . GLN I 1 5  ? -9.791  12.016  3.221   1.00 56.85 ? 59 GLN I CG  1 
ATOM 1362 C CD  . GLN I 1 5  ? -9.789  10.535  3.535   1.00 60.68 ? 59 GLN I CD  1 
ATOM 1363 O OE1 . GLN I 1 5  ? -9.837  9.699   2.633   1.00 57.52 ? 59 GLN I OE1 1 
ATOM 1364 N NE2 . GLN I 1 5  ? -9.728  10.203  4.817   1.00 62.96 ? 59 GLN I NE2 1 
ATOM 1365 N N   . GLU I 1 6  ? -13.357 14.598  2.595   1.00 57.71 ? 60 GLU I N   1 
ATOM 1366 C CA  . GLU I 1 6  ? -14.780 15.014  2.641   1.00 58.32 ? 60 GLU I CA  1 
ATOM 1367 C C   . GLU I 1 6  ? -15.649 13.776  2.398   1.00 58.13 ? 60 GLU I C   1 
ATOM 1368 O O   . GLU I 1 6  ? -15.551 13.191  1.307   1.00 61.27 ? 60 GLU I O   1 
ATOM 1369 C CB  . GLU I 1 6  ? -15.045 16.080  1.580   1.00 60.72 ? 60 GLU I CB  1 
ATOM 1370 C CG  . GLU I 1 6  ? -14.394 17.415  1.886   1.00 64.33 ? 60 GLU I CG  1 
ATOM 1371 C CD  . GLU I 1 6  ? -15.329 18.605  1.757   1.00 64.53 ? 60 GLU I CD  1 
ATOM 1372 O OE1 . GLU I 1 6  ? -15.857 18.820  0.648   1.00 62.18 ? 60 GLU I OE1 1 
ATOM 1373 O OE2 . GLU I 1 6  ? -15.531 19.309  2.765   1.00 61.60 ? 60 GLU I OE2 1 
ATOM 1374 N N   . LYS I 1 7  ? -16.443 13.389  3.398   1.00 60.58 ? 61 LYS I N   1 
ATOM 1375 C CA  . LYS I 1 7  ? -17.345 12.244  3.308   1.00 59.18 ? 61 LYS I CA  1 
ATOM 1376 C C   . LYS I 1 7  ? -16.653 10.981  2.776   1.00 62.29 ? 61 LYS I C   1 
ATOM 1377 O O   . LYS I 1 7  ? -17.077 10.429  1.757   1.00 64.89 ? 61 LYS I O   1 
ATOM 1378 C CB  . LYS I 1 7  ? -18.567 12.585  2.462   1.00 60.37 ? 61 LYS I CB  1 
ATOM 1379 C CG  . LYS I 1 7  ? -19.185 13.934  2.774   1.00 64.83 ? 61 LYS I CG  1 
ATOM 1380 C CD  . LYS I 1 7  ? -20.332 14.245  1.828   1.00 64.27 ? 61 LYS I CD  1 
ATOM 1381 C CE  . LYS I 1 7  ? -20.875 15.643  2.067   1.00 64.16 ? 61 LYS I CE  1 
ATOM 1382 N NZ  . LYS I 1 7  ? -19.807 16.673  1.931   1.00 65.58 ? 61 LYS I NZ  1 
ATOM 1383 N N   . PRO I 1 8  ? -15.600 10.500  3.443   1.00 59.42 ? 62 PRO I N   1 
ATOM 1384 C CA  . PRO I 1 8  ? -15.102 9.162   3.113   1.00 54.24 ? 62 PRO I CA  1 
ATOM 1385 C C   . PRO I 1 8  ? -16.087 8.107   3.596   1.00 53.50 ? 62 PRO I C   1 
ATOM 1386 O O   . PRO I 1 8  ? -16.451 8.064   4.772   1.00 61.64 ? 62 PRO I O   1 
ATOM 1387 C CB  . PRO I 1 8  ? -13.761 9.084   3.851   1.00 58.21 ? 62 PRO I CB  1 
ATOM 1388 C CG  . PRO I 1 8  ? -13.863 10.069  4.928   1.00 60.12 ? 62 PRO I CG  1 
ATOM 1389 C CD  . PRO I 1 8  ? -14.734 11.171  4.430   1.00 56.64 ? 62 PRO I CD  1 
ATOM 1390 N N   . TYR I 1 9  ? -16.530 7.259   2.671   1.00 54.58 ? 63 TYR I N   1 
ATOM 1391 C CA  . TYR I 1 9  ? -17.621 6.323   2.918   1.00 59.16 ? 63 TYR I CA  1 
ATOM 1392 C C   . TYR I 1 9  ? -17.076 4.901   2.904   1.00 65.94 ? 63 TYR I C   1 
ATOM 1393 O O   . TYR I 1 9  ? -16.763 4.363   1.838   1.00 70.59 ? 63 TYR I O   1 
ATOM 1394 C CB  . TYR I 1 9  ? -18.723 6.494   1.874   1.00 61.51 ? 63 TYR I CB  1 
ATOM 1395 C CG  . TYR I 1 9  ? -19.997 5.740   2.174   1.00 62.19 ? 63 TYR I CG  1 
ATOM 1396 C CD1 . TYR I 1 9  ? -20.109 4.387   1.885   1.00 62.80 ? 63 TYR I CD1 1 
ATOM 1397 C CD2 . TYR I 1 9  ? -21.091 6.382   2.727   1.00 66.88 ? 63 TYR I CD2 1 
ATOM 1398 C CE1 . TYR I 1 9  ? -21.270 3.694   2.150   1.00 62.09 ? 63 TYR I CE1 1 
ATOM 1399 C CE2 . TYR I 1 9  ? -22.260 5.699   2.994   1.00 71.27 ? 63 TYR I CE2 1 
ATOM 1400 C CZ  . TYR I 1 9  ? -22.342 4.353   2.704   1.00 70.31 ? 63 TYR I CZ  1 
ATOM 1401 O OH  . TYR I 1 9  ? -23.502 3.662   2.966   1.00 68.06 ? 63 TYR I OH  1 
ATOM 1402 N N   . GLN I 1 10 ? -16.974 4.299   4.089   1.00 67.44 ? 64 GLN I N   1 
ATOM 1403 C CA  . GLN I 1 10 ? -16.634 2.884   4.240   1.00 69.23 ? 64 GLN I CA  1 
ATOM 1404 C C   . GLN I 1 10 ? -15.307 2.534   3.569   1.00 71.12 ? 64 GLN I C   1 
ATOM 1405 O O   . GLN I 1 10 ? -15.157 1.463   2.975   1.00 71.96 ? 64 GLN I O   1 
ATOM 1406 C CB  . GLN I 1 10 ? -17.757 1.989   3.711   1.00 69.04 ? 64 GLN I CB  1 
ATOM 1407 C CG  . GLN I 1 10 ? -19.050 2.088   4.494   1.00 69.00 ? 64 GLN I CG  1 
ATOM 1408 C CD  . GLN I 1 10 ? -20.096 1.108   4.010   1.00 71.43 ? 64 GLN I CD  1 
ATOM 1409 O OE1 . GLN I 1 10 ? -19.875 0.370   3.052   1.00 67.91 ? 64 GLN I OE1 1 
ATOM 1410 N NE2 . GLN I 1 10 ? -21.245 1.094   4.673   1.00 70.95 ? 64 GLN I NE2 1 
ATOM 1411 N N   . ASN I 1 11 ? -14.333 3.431   3.669   1.00 69.60 ? 65 ASN I N   1 
ATOM 1412 C CA  . ASN I 1 11 ? -12.992 3.154   3.163   1.00 69.52 ? 65 ASN I CA  1 
ATOM 1413 C C   . ASN I 1 11 ? -12.296 2.214   4.137   1.00 65.68 ? 65 ASN I C   1 
ATOM 1414 O O   . ASN I 1 11 ? -11.966 2.605   5.259   1.00 70.24 ? 65 ASN I O   1 
ATOM 1415 C CB  . ASN I 1 11 ? -12.199 4.443   2.988   1.00 67.77 ? 65 ASN I CB  1 
ATOM 1416 C CG  . ASN I 1 11 ? -12.828 5.378   1.988   1.00 72.80 ? 65 ASN I CG  1 
ATOM 1417 O OD1 . ASN I 1 11 ? -12.837 5.108   0.793   1.00 76.27 ? 65 ASN I OD1 1 
ATOM 1418 N ND2 . ASN I 1 11 ? -13.361 6.491   2.470   1.00 69.50 ? 65 ASN I ND2 1 
ATOM 1419 N N   . LYS I 1 12 ? -12.075 0.976   3.711   1.00 62.21 ? 66 LYS I N   1 
ATOM 1420 C CA  . LYS I 1 12 ? -11.462 -0.040  4.555   1.00 62.73 ? 66 LYS I CA  1 
ATOM 1421 C C   . LYS I 1 12 ? -9.949  0.070   4.421   1.00 62.86 ? 66 LYS I C   1 
ATOM 1422 O O   . LYS I 1 12 ? -9.361  -0.468  3.477   1.00 73.17 ? 66 LYS I O   1 
ATOM 1423 C CB  . LYS I 1 12 ? -11.962 -1.426  4.164   1.00 65.46 ? 66 LYS I CB  1 
ATOM 1424 C CG  . LYS I 1 12 ? -13.477 -1.537  4.154   1.00 63.00 ? 66 LYS I CG  1 
ATOM 1425 C CD  . LYS I 1 12 ? -13.949 -2.829  3.513   1.00 66.74 ? 66 LYS I CD  1 
ATOM 1426 C CE  . LYS I 1 12 ? -13.561 -4.036  4.343   1.00 66.13 ? 66 LYS I CE  1 
ATOM 1427 N NZ  . LYS I 1 12 ? -14.102 -5.294  3.758   1.00 66.30 ? 66 LYS I NZ  1 
ATOM 1428 N N   . ASN I 1 13 ? -9.321  0.773   5.356   1.00 50.01 ? 67 ASN I N   1 
ATOM 1429 C CA  . ASN I 1 13 ? -7.874  0.940   5.387   1.00 55.45 ? 67 ASN I CA  1 
ATOM 1430 C C   . ASN I 1 13 ? -7.316  -0.039  6.409   1.00 55.24 ? 67 ASN I C   1 
ATOM 1431 O O   . ASN I 1 13 ? -7.517  0.132   7.615   1.00 65.80 ? 67 ASN I O   1 
ATOM 1432 C CB  . ASN I 1 13 ? -7.499  2.376   5.734   1.00 58.79 ? 67 ASN I CB  1 
ATOM 1433 C CG  . ASN I 1 13 ? -8.218  3.387   4.870   1.00 59.43 ? 67 ASN I CG  1 
ATOM 1434 O OD1 . ASN I 1 13 ? -8.000  3.456   3.662   1.00 61.36 ? 67 ASN I OD1 1 
ATOM 1435 N ND2 . ASN I 1 13 ? -9.084  4.182   5.485   1.00 59.63 ? 67 ASN I ND2 1 
ATOM 1436 N N   . ALA I 1 14 ? -6.619  -1.063  5.929   1.00 49.36 ? 68 ALA I N   1 
ATOM 1437 C CA  . ALA I 1 14 ? -6.093  -2.120  6.781   1.00 49.83 ? 68 ALA I CA  1 
ATOM 1438 C C   . ALA I 1 14 ? -4.592  -2.242  6.576   1.00 47.94 ? 68 ALA I C   1 
ATOM 1439 O O   . ALA I 1 14 ? -4.117  -2.269  5.437   1.00 58.01 ? 68 ALA I O   1 
ATOM 1440 C CB  . ALA I 1 14 ? -6.778  -3.456  6.488   1.00 45.23 ? 68 ALA I CB  1 
ATOM 1441 N N   . ILE I 1 15 ? -3.855  -2.313  7.673   1.00 39.62 ? 69 ILE I N   1 
ATOM 1442 C CA  . ILE I 1 15 ? -2.426  -2.613  7.646   1.00 47.08 ? 69 ILE I CA  1 
ATOM 1443 C C   . ILE I 1 15 ? -2.263  -3.929  8.395   1.00 37.80 ? 69 ILE I C   1 
ATOM 1444 O O   . ILE I 1 15 ? -2.107  -3.958  9.618   1.00 54.84 ? 69 ILE I O   1 
ATOM 1445 C CB  . ILE I 1 15 ? -1.577  -1.501  8.265   1.00 51.67 ? 69 ILE I CB  1 
ATOM 1446 C CG1 . ILE I 1 15 ? -1.786  -0.191  7.509   1.00 42.88 ? 69 ILE I CG1 1 
ATOM 1447 C CG2 . ILE I 1 15 ? -0.108  -1.884  8.251   1.00 47.69 ? 69 ILE I CG2 1 
ATOM 1448 C CD1 . ILE I 1 15 ? -0.898  0.933   7.988   1.00 39.88 ? 69 ILE I CD1 1 
ATOM 1449 N N   . ASN I 1 16 ? -2.341  -5.027  7.644   1.00 31.37 ? 70 ASN I N   1 
ATOM 1450 C CA  . ASN I 1 16 ? -2.234  -6.381  8.243   1.00 47.00 ? 70 ASN I CA  1 
ATOM 1451 C C   . ASN I 1 16 ? -0.759  -6.774  8.372   1.00 47.73 ? 70 ASN I C   1 
ATOM 1452 O O   . ASN I 1 16 ? -0.095  -6.941  7.336   1.00 53.58 ? 70 ASN I O   1 
ATOM 1453 C CB  . ASN I 1 16 ? -3.041  -7.410  7.450   1.00 52.58 ? 70 ASN I CB  1 
ATOM 1454 C CG  . ASN I 1 16 ? -4.440  -6.927  7.139   1.00 52.85 ? 70 ASN I CG  1 
ATOM 1455 O OD1 . ASN I 1 16 ? -5.256  -6.762  8.040   1.00 46.39 ? 70 ASN I OD1 1 
ATOM 1456 N ND2 . ASN I 1 16 ? -4.720  -6.686  5.869   1.00 50.67 ? 70 ASN I ND2 1 
ATOM 1457 N N   . ASN I 1 17 ? -0.280  -6.899  9.612   1.00 39.56 ? 71 ASN I N   1 
ATOM 1458 C CA  . ASN I 1 17 ? 1.088   -7.303  9.878   1.00 44.56 ? 71 ASN I CA  1 
ATOM 1459 C C   . ASN I 1 17 ? 1.203   -8.685  10.500  1.00 42.58 ? 71 ASN I C   1 
ATOM 1460 O O   . ASN I 1 17 ? 2.318   -9.209  10.595  1.00 45.00 ? 71 ASN I O   1 
ATOM 1461 C CB  . ASN I 1 17 ? 1.776   -6.279  10.793  1.00 45.40 ? 71 ASN I CB  1 
ATOM 1462 C CG  . ASN I 1 17 ? 2.000   -4.947  10.113  1.00 41.54 ? 71 ASN I CG  1 
ATOM 1463 O OD1 . ASN I 1 17 ? 2.312   -4.887  8.926   1.00 38.97 ? 71 ASN I OD1 1 
ATOM 1464 N ND2 . ASN I 1 17 ? 1.844   -3.867  10.865  1.00 44.05 ? 71 ASN I ND2 1 
ATOM 1465 N N   . GLY I 1 18 ? 0.096   -9.289  10.920  1.00 45.07 ? 72 GLY I N   1 
ATOM 1466 C CA  . GLY I 1 18 ? 0.153   -10.583 11.569  1.00 36.50 ? 72 GLY I CA  1 
ATOM 1467 C C   . GLY I 1 18 ? -0.521  -11.692 10.792  1.00 35.90 ? 72 GLY I C   1 
ATOM 1468 O O   . GLY I 1 18 ? -0.293  -11.844 9.589   1.00 39.98 ? 72 GLY I O   1 
ATOM 1469 N N   . VAL I 1 19 ? -1.356  -12.470 11.469  1.00 43.52 ? 73 VAL I N   1 
ATOM 1470 C CA  . VAL I 1 19 ? -2.020  -13.623 10.876  1.00 46.68 ? 73 VAL I CA  1 
ATOM 1471 C C   . VAL I 1 19 ? -3.523  -13.411 10.935  1.00 47.23 ? 73 VAL I C   1 
ATOM 1472 O O   . VAL I 1 19 ? -4.062  -13.015 11.974  1.00 59.12 ? 73 VAL I O   1 
ATOM 1473 C CB  . VAL I 1 19 ? -1.636  -14.933 11.591  1.00 41.51 ? 73 VAL I CB  1 
ATOM 1474 C CG1 . VAL I 1 19 ? -2.382  -16.113 10.981  1.00 38.07 ? 73 VAL I CG1 1 
ATOM 1475 C CG2 . VAL I 1 19 ? -0.151  -15.152 11.517  1.00 44.53 ? 73 VAL I CG2 1 
ATOM 1476 N N   . ARG I 1 20 ? -4.194  -13.666 9.819   1.00 44.05 ? 74 ARG I N   1 
ATOM 1477 C CA  . ARG I 1 20 ? -5.648  -13.682 9.771   1.00 52.39 ? 74 ARG I CA  1 
ATOM 1478 C C   . ARG I 1 20 ? -6.098  -15.007 9.174   1.00 57.66 ? 74 ARG I C   1 
ATOM 1479 O O   . ARG I 1 20 ? -5.640  -15.392 8.095   1.00 62.82 ? 74 ARG I O   1 
ATOM 1480 C CB  . ARG I 1 20 ? -6.193  -12.506 8.955   1.00 49.45 ? 74 ARG I CB  1 
ATOM 1481 C CG  . ARG I 1 20 ? -7.707  -12.494 8.844   1.00 49.65 ? 74 ARG I CG  1 
ATOM 1482 C CD  . ARG I 1 20 ? -8.236  -11.088 8.626   1.00 57.31 ? 74 ARG I CD  1 
ATOM 1483 N NE  . ARG I 1 20 ? -9.691  -11.065 8.573   1.00 62.63 ? 74 ARG I NE  1 
ATOM 1484 C CZ  . ARG I 1 20 ? -10.401 -10.923 7.461   1.00 61.48 ? 74 ARG I CZ  1 
ATOM 1485 N NH1 . ARG I 1 20 ? -9.817  -10.755 6.286   1.00 56.65 ? 74 ARG I NH1 1 
ATOM 1486 N NH2 . ARG I 1 20 ? -11.729 -10.942 7.532   1.00 60.94 ? 74 ARG I NH2 1 
ATOM 1487 N N   . ILE I 1 21 ? -6.979  -15.704 9.883   1.00 54.26 ? 75 ILE I N   1 
ATOM 1488 C CA  . ILE I 1 21 ? -7.475  -16.994 9.428   1.00 52.68 ? 75 ILE I CA  1 
ATOM 1489 C C   . ILE I 1 21 ? -8.997  -16.991 9.409   1.00 53.28 ? 75 ILE I C   1 
ATOM 1490 O O   . ILE I 1 21 ? -9.616  -17.320 8.397   1.00 53.27 ? 75 ILE I O   1 
ATOM 1491 C CB  . ILE I 1 21 ? -6.945  -18.133 10.306  1.00 54.05 ? 75 ILE I CB  1 
ATOM 1492 C CG1 . ILE I 1 21 ? -5.420  -18.105 10.352  1.00 52.44 ? 75 ILE I CG1 1 
ATOM 1493 C CG2 . ILE I 1 21 ? -7.434  -19.477 9.786   1.00 52.06 ? 75 ILE I CG2 1 
ATOM 1494 C CD1 . ILE I 1 21 ? -4.816  -19.251 11.120  1.00 45.87 ? 75 ILE I CD1 1 
ATOM 1495 N N   . MET J 1 1  ? 1.355   -23.737 16.440  1.00 68.66 ? 55 MET J N   1 
ATOM 1496 C CA  . MET J 1 1  ? 2.080   -22.545 16.861  1.00 71.60 ? 55 MET J CA  1 
ATOM 1497 C C   . MET J 1 1  ? 1.809   -21.391 15.902  1.00 73.01 ? 55 MET J C   1 
ATOM 1498 O O   . MET J 1 1  ? 2.658   -21.032 15.091  1.00 79.71 ? 55 MET J O   1 
ATOM 1499 C CB  . MET J 1 1  ? 3.582   -22.830 16.942  1.00 74.08 ? 55 MET J CB  1 
ATOM 1500 C CG  . MET J 1 1  ? 4.380   -21.799 17.725  1.00 75.24 ? 55 MET J CG  1 
ATOM 1501 S SD  . MET J 1 1  ? 5.416   -20.753 16.684  1.00 89.85 ? 55 MET J SD  1 
ATOM 1502 C CE  . MET J 1 1  ? 6.299   -19.809 17.926  1.00 73.37 ? 55 MET J CE  1 
ATOM 1503 N N   . ILE J 1 2  ? 0.615   -20.814 16.000  1.00 57.96 ? 56 ILE J N   1 
ATOM 1504 C CA  . ILE J 1 2  ? 0.178   -19.737 15.122  1.00 52.88 ? 56 ILE J CA  1 
ATOM 1505 C C   . ILE J 1 2  ? 0.501   -18.424 15.817  1.00 55.69 ? 56 ILE J C   1 
ATOM 1506 O O   . ILE J 1 2  ? -0.017  -18.143 16.902  1.00 65.00 ? 56 ILE J O   1 
ATOM 1507 C CB  . ILE J 1 2  ? -1.317  -19.843 14.802  1.00 54.96 ? 56 ILE J CB  1 
ATOM 1508 C CG1 . ILE J 1 2  ? -1.643  -21.220 14.225  1.00 56.57 ? 56 ILE J CG1 1 
ATOM 1509 C CG2 . ILE J 1 2  ? -1.731  -18.743 13.841  1.00 56.85 ? 56 ILE J CG2 1 
ATOM 1510 C CD1 . ILE J 1 2  ? -3.112  -21.434 13.961  1.00 53.68 ? 56 ILE J CD1 1 
ATOM 1511 N N   . VAL J 1 3  ? 1.353   -17.610 15.204  1.00 53.79 ? 57 VAL J N   1 
ATOM 1512 C CA  . VAL J 1 3  ? 1.859   -16.408 15.852  1.00 61.86 ? 57 VAL J CA  1 
ATOM 1513 C C   . VAL J 1 3  ? 1.989   -15.282 14.834  1.00 64.35 ? 57 VAL J C   1 
ATOM 1514 O O   . VAL J 1 3  ? 2.383   -15.512 13.689  1.00 69.87 ? 57 VAL J O   1 
ATOM 1515 C CB  . VAL J 1 3  ? 3.198   -16.690 16.562  1.00 55.17 ? 57 VAL J CB  1 
ATOM 1516 C CG1 . VAL J 1 3  ? 4.156   -17.406 15.644  1.00 55.80 ? 57 VAL J CG1 1 
ATOM 1517 C CG2 . VAL J 1 3  ? 3.794   -15.415 17.089  1.00 57.77 ? 57 VAL J CG2 1 
ATOM 1518 N N   . GLY J 1 4  ? 1.653   -14.064 15.251  1.00 57.14 ? 58 GLY J N   1 
ATOM 1519 C CA  . GLY J 1 4  ? 1.650   -12.938 14.337  1.00 55.60 ? 58 GLY J CA  1 
ATOM 1520 C C   . GLY J 1 4  ? 3.028   -12.392 14.023  1.00 55.56 ? 58 GLY J C   1 
ATOM 1521 O O   . GLY J 1 4  ? 3.471   -12.450 12.873  1.00 53.30 ? 58 GLY J O   1 
ATOM 1522 N N   . GLN J 1 5  ? 3.721   -11.851 15.022  1.00 56.07 ? 59 GLN J N   1 
ATOM 1523 C CA  . GLN J 1 5  ? 5.034   -11.256 14.811  1.00 58.57 ? 59 GLN J CA  1 
ATOM 1524 C C   . GLN J 1 5  ? 5.955   -11.579 15.977  1.00 55.12 ? 59 GLN J C   1 
ATOM 1525 O O   . GLN J 1 5  ? 5.509   -11.696 17.120  1.00 63.56 ? 59 GLN J O   1 
ATOM 1526 C CB  . GLN J 1 5  ? 4.935   -9.736  14.636  1.00 55.08 ? 59 GLN J CB  1 
ATOM 1527 C CG  . GLN J 1 5  ? 4.258   -9.303  13.351  1.00 56.85 ? 59 GLN J CG  1 
ATOM 1528 C CD  . GLN J 1 5  ? 4.224   -7.799  13.183  1.00 60.68 ? 59 GLN J CD  1 
ATOM 1529 O OE1 . GLN J 1 5  ? 4.866   -7.250  12.291  1.00 57.52 ? 59 GLN J OE1 1 
ATOM 1530 N NE2 . GLN J 1 5  ? 3.467   -7.127  14.041  1.00 62.96 ? 59 GLN J NE2 1 
ATOM 1531 N N   . GLU J 1 6  ? 7.249   -11.659 15.651  1.00 57.71 ? 60 GLU J N   1 
ATOM 1532 C CA  . GLU J 1 6  ? 8.333   -11.926 16.627  1.00 58.32 ? 60 GLU J CA  1 
ATOM 1533 C C   . GLU J 1 6  ? 9.301   -10.741 16.605  1.00 58.13 ? 60 GLU J C   1 
ATOM 1534 O O   . GLU J 1 6  ? 9.911   -10.494 15.552  1.00 61.27 ? 60 GLU J O   1 
ATOM 1535 C CB  . GLU J 1 6  ? 9.055   -13.222 16.260  1.00 60.72 ? 60 GLU J CB  1 
ATOM 1536 C CG  . GLU J 1 6  ? 8.216   -14.465 16.482  1.00 64.33 ? 60 GLU J CG  1 
ATOM 1537 C CD  . GLU J 1 6  ? 8.929   -15.564 17.252  1.00 64.53 ? 60 GLU J CD  1 
ATOM 1538 O OE1 . GLU J 1 6  ? 9.977   -16.039 16.768  1.00 62.18 ? 60 GLU J OE1 1 
ATOM 1539 O OE2 . GLU J 1 6  ? 8.440   -15.940 18.335  1.00 61.60 ? 60 GLU J OE2 1 
ATOM 1540 N N   . LYS J 1 7  ? 9.407   -10.026 17.728  1.00 60.58 ? 61 LYS J N   1 
ATOM 1541 C CA  . LYS J 1 7  ? 10.303  -8.881  17.870  1.00 59.18 ? 61 LYS J CA  1 
ATOM 1542 C C   . LYS J 1 7  ? 10.175  -7.878  16.714  1.00 62.29 ? 61 LYS J C   1 
ATOM 1543 O O   . LYS J 1 7  ? 11.163  -7.602  16.027  1.00 64.89 ? 61 LYS J O   1 
ATOM 1544 C CB  . LYS J 1 7  ? 11.747  -9.345  18.025  1.00 60.37 ? 61 LYS J CB  1 
ATOM 1545 C CG  . LYS J 1 7  ? 11.932  -10.497 18.992  1.00 64.83 ? 61 LYS J CG  1 
ATOM 1546 C CD  . LYS J 1 7  ? 13.377  -10.967 19.019  1.00 64.27 ? 61 LYS J CD  1 
ATOM 1547 C CE  . LYS J 1 7  ? 13.538  -12.192 19.902  1.00 64.16 ? 61 LYS J CE  1 
ATOM 1548 N NZ  . LYS J 1 7  ? 12.647  -13.302 19.459  1.00 65.58 ? 61 LYS J NZ  1 
ATOM 1549 N N   . PRO J 1 8  ? 8.987   -7.319  16.481  1.00 59.42 ? 62 PRO J N   1 
ATOM 1550 C CA  . PRO J 1 8  ? 8.908   -6.170  15.572  1.00 54.24 ? 62 PRO J CA  1 
ATOM 1551 C C   . PRO J 1 8  ? 9.532   -4.945  16.225  1.00 53.50 ? 62 PRO J C   1 
ATOM 1552 O O   . PRO J 1 8  ? 9.151   -4.547  17.326  1.00 61.64 ? 62 PRO J O   1 
ATOM 1553 C CB  . PRO J 1 8  ? 7.403   -5.999  15.338  1.00 58.21 ? 62 PRO J CB  1 
ATOM 1554 C CG  . PRO J 1 8  ? 6.764   -6.631  16.492  1.00 60.12 ? 62 PRO J CG  1 
ATOM 1555 C CD  . PRO J 1 8  ? 7.648   -7.754  16.918  1.00 56.64 ? 62 PRO J CD  1 
ATOM 1556 N N   . TYR J 1 9  ? 10.510  -4.358  15.541  1.00 54.58 ? 63 TYR J N   1 
ATOM 1557 C CA  . TYR J 1 9  ? 11.345  -3.304  16.109  1.00 59.16 ? 63 TYR J CA  1 
ATOM 1558 C C   . TYR J 1 9  ? 11.054  -1.993  15.392  1.00 65.94 ? 63 TYR J C   1 
ATOM 1559 O O   . TYR J 1 9  ? 11.470  -1.803  14.245  1.00 70.59 ? 63 TYR J O   1 
ATOM 1560 C CB  . TYR J 1 9  ? 12.823  -3.671  15.996  1.00 61.51 ? 63 TYR J CB  1 
ATOM 1561 C CG  . TYR J 1 9  ? 13.757  -2.761  16.758  1.00 62.19 ? 63 TYR J CG  1 
ATOM 1562 C CD1 . TYR J 1 9  ? 14.151  -1.539  16.231  1.00 62.80 ? 63 TYR J CD1 1 
ATOM 1563 C CD2 . TYR J 1 9  ? 14.259  -3.132  17.995  1.00 66.88 ? 63 TYR J CD2 1 
ATOM 1564 C CE1 . TYR J 1 9  ? 15.008  -0.708  16.920  1.00 62.09 ? 63 TYR J CE1 1 
ATOM 1565 C CE2 . TYR J 1 9  ? 15.120  -2.308  18.691  1.00 71.27 ? 63 TYR J CE2 1 
ATOM 1566 C CZ  . TYR J 1 9  ? 15.490  -1.095  18.148  1.00 70.31 ? 63 TYR J CZ  1 
ATOM 1567 O OH  . TYR J 1 9  ? 16.346  -0.267  18.834  1.00 68.06 ? 63 TYR J OH  1 
ATOM 1568 N N   . GLN J 1 10 ? 10.347  -1.094  16.076  1.00 67.44 ? 64 GLN J N   1 
ATOM 1569 C CA  . GLN J 1 10 ? 10.125  0.276   15.605  1.00 69.23 ? 64 GLN J CA  1 
ATOM 1570 C C   . GLN J 1 10 ? 9.475   0.314   14.224  1.00 71.12 ? 64 GLN J C   1 
ATOM 1571 O O   . GLN J 1 10 ? 9.803   1.158   13.389  1.00 71.96 ? 64 GLN J O   1 
ATOM 1572 C CB  . GLN J 1 10 ? 11.431  1.074   15.608  1.00 69.04 ? 64 GLN J CB  1 
ATOM 1573 C CG  . GLN J 1 10 ? 12.015  1.305   16.986  1.00 69.00 ? 64 GLN J CG  1 
ATOM 1574 C CD  . GLN J 1 10 ? 13.240  2.192   16.956  1.00 71.43 ? 64 GLN J CD  1 
ATOM 1575 O OE1 . GLN J 1 10 ? 13.689  2.611   15.890  1.00 67.91 ? 64 GLN J OE1 1 
ATOM 1576 N NE2 . GLN J 1 10 ? 13.789  2.486   18.127  1.00 70.95 ? 64 GLN J NE2 1 
ATOM 1577 N N   . ASN J 1 11 ? 8.537   -0.596  13.981  1.00 69.60 ? 65 ASN J N   1 
ATOM 1578 C CA  . ASN J 1 11 ? 7.772   -0.583  12.739  1.00 69.52 ? 65 ASN J CA  1 
ATOM 1579 C C   . ASN J 1 11 ? 6.740   0.532   12.823  1.00 65.68 ? 65 ASN J C   1 
ATOM 1580 O O   . ASN J 1 11 ? 5.784   0.446   13.599  1.00 70.24 ? 65 ASN J O   1 
ATOM 1581 C CB  . ASN J 1 11 ? 7.102   -1.929  12.497  1.00 67.77 ? 65 ASN J CB  1 
ATOM 1582 C CG  . ASN J 1 11 ? 8.096   -3.053  12.351  1.00 72.80 ? 65 ASN J CG  1 
ATOM 1583 O OD1 . ASN J 1 11 ? 8.822   -3.129  11.367  1.00 76.27 ? 65 ASN J OD1 1 
ATOM 1584 N ND2 . ASN J 1 11 ? 8.138   -3.937  13.336  1.00 69.50 ? 65 ASN J ND2 1 
ATOM 1585 N N   . LYS J 1 12 ? 6.932   1.579   12.029  1.00 62.21 ? 66 LYS J N   1 
ATOM 1586 C CA  . LYS J 1 12 ? 6.048   2.737   12.040  1.00 62.73 ? 66 LYS J CA  1 
ATOM 1587 C C   . LYS J 1 12 ? 4.890   2.471   11.089  1.00 62.86 ? 66 LYS J C   1 
ATOM 1588 O O   . LYS J 1 12 ? 5.013   2.675   9.877   1.00 73.17 ? 66 LYS J O   1 
ATOM 1589 C CB  . LYS J 1 12 ? 6.818   3.996   11.652  1.00 65.46 ? 66 LYS J CB  1 
ATOM 1590 C CG  . LYS J 1 12 ? 8.062   4.221   12.494  1.00 63.00 ? 66 LYS J CG  1 
ATOM 1591 C CD  . LYS J 1 12 ? 8.944   5.316   11.923  1.00 66.74 ? 66 LYS J CD  1 
ATOM 1592 C CE  . LYS J 1 12 ? 8.271   6.672   12.003  1.00 66.13 ? 66 LYS J CE  1 
ATOM 1593 N NZ  . LYS J 1 12 ? 9.173   7.755   11.524  1.00 66.30 ? 66 LYS J NZ  1 
ATOM 1594 N N   . ASN J 1 13 ? 3.771   2.009   11.634  1.00 50.01 ? 67 ASN J N   1 
ATOM 1595 C CA  . ASN J 1 13 ? 2.565   1.740   10.862  1.00 55.45 ? 67 ASN J CA  1 
ATOM 1596 C C   . ASN J 1 13 ? 1.619   2.918   11.053  1.00 55.24 ? 67 ASN J C   1 
ATOM 1597 O O   . ASN J 1 13 ? 1.068   3.108   12.141  1.00 65.80 ? 67 ASN J O   1 
ATOM 1598 C CB  . ASN J 1 13 ? 1.916   0.433   11.304  1.00 58.79 ? 67 ASN J CB  1 
ATOM 1599 C CG  . ASN J 1 13 ? 2.897   -0.718  11.337  1.00 59.43 ? 67 ASN J CG  1 
ATOM 1600 O OD1 . ASN J 1 13 ? 3.409   -1.140  10.303  1.00 61.36 ? 67 ASN J OD1 1 
ATOM 1601 N ND2 . ASN J 1 13 ? 3.160   -1.235  12.530  1.00 59.63 ? 67 ASN J ND2 1 
ATOM 1602 N N   . ALA J 1 14 ? 1.435   3.706   9.999   1.00 49.36 ? 68 ALA J N   1 
ATOM 1603 C CA  . ALA J 1 14 ? 0.622   4.912   10.057  1.00 49.83 ? 68 ALA J CA  1 
ATOM 1604 C C   . ALA J 1 14 ? -0.462  4.850   8.995   1.00 47.94 ? 68 ALA J C   1 
ATOM 1605 O O   . ALA J 1 14 ? -0.186  4.518   7.839   1.00 58.01 ? 68 ALA J O   1 
ATOM 1606 C CB  . ALA J 1 14 ? 1.481   6.164   9.865   1.00 45.23 ? 68 ALA J CB  1 
ATOM 1607 N N   . ILE J 1 15 ? -1.686  5.164   9.388   1.00 39.62 ? 69 ILE J N   1 
ATOM 1608 C CA  . ILE J 1 15 ? -2.797  5.328   8.455   1.00 47.08 ? 69 ILE J CA  1 
ATOM 1609 C C   . ILE J 1 15 ? -3.230  6.782   8.575   1.00 37.80 ? 69 ILE J C   1 
ATOM 1610 O O   . ILE J 1 15 ? -4.062  7.141   9.413   1.00 54.84 ? 69 ILE J O   1 
ATOM 1611 C CB  . ILE J 1 15 ? -3.953  4.368   8.741   1.00 51.67 ? 69 ILE J CB  1 
ATOM 1612 C CG1 . ILE J 1 15 ? -3.480  2.920   8.642   1.00 42.88 ? 69 ILE J CG1 1 
ATOM 1613 C CG2 . ILE J 1 15 ? -5.097  4.610   7.771   1.00 47.69 ? 69 ILE J CG2 1 
ATOM 1614 C CD1 . ILE J 1 15 ? -4.589  1.907   8.800   1.00 39.88 ? 69 ILE J CD1 1 
ATOM 1615 N N   . ASN J 1 16 ? -2.623  7.630   7.741   1.00 31.37 ? 70 ASN J N   1 
ATOM 1616 C CA  . ASN J 1 16 ? -2.921  9.084   7.767   1.00 47.00 ? 70 ASN J CA  1 
ATOM 1617 C C   . ASN J 1 16 ? -4.150  9.374   6.902   1.00 47.73 ? 70 ASN J C   1 
ATOM 1618 O O   . ASN J 1 16 ? -4.072  9.189   5.677   1.00 53.58 ? 70 ASN J O   1 
ATOM 1619 C CB  . ASN J 1 16 ? -1.706  9.910   7.347   1.00 52.58 ? 70 ASN J CB  1 
ATOM 1620 C CG  . ASN J 1 16 ? -0.441  9.475   8.054   1.00 52.85 ? 70 ASN J CG  1 
ATOM 1621 O OD1 . ASN J 1 16 ? -0.317  9.637   9.264   1.00 46.39 ? 70 ASN J OD1 1 
ATOM 1622 N ND2 . ASN J 1 16 ? 0.496   8.912   7.309   1.00 50.67 ? 70 ASN J ND2 1 
ATOM 1623 N N   . ASN J 1 17 ? -5.241  9.803   7.540   1.00 39.56 ? 71 ASN J N   1 
ATOM 1624 C CA  . ASN J 1 17 ? -6.463  10.151  6.838   1.00 44.56 ? 71 ASN J CA  1 
ATOM 1625 C C   . ASN J 1 17 ? -6.778  11.639  6.869   1.00 42.58 ? 71 ASN J C   1 
ATOM 1626 O O   . ASN J 1 17 ? -7.682  12.076  6.151   1.00 45.00 ? 71 ASN J O   1 
ATOM 1627 C CB  . ASN J 1 17 ? -7.651  9.373   7.421   1.00 45.40 ? 71 ASN J CB  1 
ATOM 1628 C CG  . ASN J 1 17 ? -7.575  7.890   7.133   1.00 41.54 ? 71 ASN J CG  1 
ATOM 1629 O OD1 . ASN J 1 17 ? -7.146  7.476   6.058   1.00 38.97 ? 71 ASN J OD1 1 
ATOM 1630 N ND2 . ASN J 1 17 ? -7.991  7.080   8.097   1.00 44.05 ? 71 ASN J ND2 1 
ATOM 1631 N N   . GLY J 1 18 ? -6.063  12.424  7.669   1.00 45.07 ? 72 GLY J N   1 
ATOM 1632 C CA  . GLY J 1 18 ? -6.354  13.838  7.778   1.00 36.50 ? 72 GLY J CA  1 
ATOM 1633 C C   . GLY J 1 18 ? -5.248  14.737  7.270   1.00 35.90 ? 72 GLY J C   1 
ATOM 1634 O O   . GLY J 1 18 ? -4.723  14.528  6.175   1.00 39.98 ? 72 GLY J O   1 
ATOM 1635 N N   . VAL J 1 19 ? -4.886  15.740  8.062   1.00 43.52 ? 73 VAL J N   1 
ATOM 1636 C CA  . VAL J 1 19 ? -3.890  16.731  7.677   1.00 46.68 ? 73 VAL J CA  1 
ATOM 1637 C C   . VAL J 1 19 ? -2.729  16.666  8.654   1.00 47.23 ? 73 VAL J C   1 
ATOM 1638 O O   . VAL J 1 19 ? -2.933  16.623  9.871   1.00 59.12 ? 73 VAL J O   1 
ATOM 1639 C CB  . VAL J 1 19 ? -4.483  18.152  7.643   1.00 41.51 ? 73 VAL J CB  1 
ATOM 1640 C CG1 . VAL J 1 19 ? -3.408  19.170  7.285   1.00 38.07 ? 73 VAL J CG1 1 
ATOM 1641 C CG2 . VAL J 1 19 ? -5.620  18.219  6.664   1.00 44.53 ? 73 VAL J CG2 1 
ATOM 1642 N N   . ARG J 1 20 ? -1.515  16.653  8.118   1.00 44.05 ? 74 ARG J N   1 
ATOM 1643 C CA  . ARG J 1 20 ? -0.307  16.772  8.922   1.00 52.39 ? 74 ARG J CA  1 
ATOM 1644 C C   . ARG J 1 20 ? 0.534   17.909  8.363   1.00 57.66 ? 74 ARG J C   1 
ATOM 1645 O O   . ARG J 1 20 ? 0.827   17.937  7.164   1.00 62.82 ? 74 ARG J O   1 
ATOM 1646 C CB  . ARG J 1 20 ? 0.489   15.464  8.937   1.00 49.45 ? 74 ARG J CB  1 
ATOM 1647 C CG  . ARG J 1 20 ? 1.778   15.545  9.733   1.00 49.65 ? 74 ARG J CG  1 
ATOM 1648 C CD  . ARG J 1 20 ? 2.190   14.183  10.259  1.00 57.31 ? 74 ARG J CD  1 
ATOM 1649 N NE  . ARG J 1 20 ? 3.398   14.264  11.071  1.00 62.63 ? 74 ARG J NE  1 
ATOM 1650 C CZ  . ARG J 1 20 ? 4.599   13.873  10.670  1.00 61.48 ? 74 ARG J CZ  1 
ATOM 1651 N NH1 . ARG J 1 20 ? 4.789   13.336  9.476   1.00 56.65 ? 74 ARG J NH1 1 
ATOM 1652 N NH2 . ARG J 1 20 ? 5.636   14.021  11.489  1.00 60.94 ? 74 ARG J NH2 1 
ATOM 1653 N N   . ILE J 1 21 ? 0.908   18.847  9.227   1.00 54.26 ? 75 ILE J N   1 
ATOM 1654 C CA  . ILE J 1 21 ? 1.702   19.993  8.813   1.00 52.68 ? 75 ILE J CA  1 
ATOM 1655 C C   . ILE J 1 21 ? 2.946   20.109  9.684   1.00 53.28 ? 75 ILE J C   1 
ATOM 1656 O O   . ILE J 1 21 ? 4.065   20.191  9.179   1.00 53.27 ? 75 ILE J O   1 
ATOM 1657 C CB  . ILE J 1 21 ? 0.879   21.287  8.866   1.00 54.05 ? 75 ILE J CB  1 
ATOM 1658 C CG1 . ILE J 1 21 ? -0.386  21.147  8.023   1.00 52.44 ? 75 ILE J CG1 1 
ATOM 1659 C CG2 . ILE J 1 21 ? 1.710   22.466  8.384   1.00 52.06 ? 75 ILE J CG2 1 
ATOM 1660 C CD1 . ILE J 1 21 ? -1.204  22.410  7.947   1.00 45.87 ? 75 ILE J CD1 1 
# 
loop_
_pdbx_poly_seq_scheme.asym_id 
_pdbx_poly_seq_scheme.entity_id 
_pdbx_poly_seq_scheme.seq_id 
_pdbx_poly_seq_scheme.mon_id 
_pdbx_poly_seq_scheme.ndb_seq_num 
_pdbx_poly_seq_scheme.pdb_seq_num 
_pdbx_poly_seq_scheme.auth_seq_num 
_pdbx_poly_seq_scheme.pdb_mon_id 
_pdbx_poly_seq_scheme.auth_mon_id 
_pdbx_poly_seq_scheme.pdb_strand_id 
_pdbx_poly_seq_scheme.pdb_ins_code 
_pdbx_poly_seq_scheme.hetero 
A 1 1  MET 1  55 55 MET MET A . n 
A 1 2  ILE 2  56 56 ILE ILE A . n 
A 1 3  VAL 3  57 57 VAL VAL A . n 
A 1 4  GLY 4  58 58 GLY GLY A . n 
A 1 5  GLN 5  59 59 GLN GLN A . n 
A 1 6  GLU 6  60 60 GLU GLU A . n 
A 1 7  LYS 7  61 61 LYS LYS A . n 
A 1 8  PRO 8  62 62 PRO PRO A . n 
A 1 9  TYR 9  63 63 TYR TYR A . n 
A 1 10 GLN 10 64 64 GLN GLN A . n 
A 1 11 ASN 11 65 65 ASN ASN A . n 
A 1 12 LYS 12 66 66 LYS LYS A . n 
A 1 13 ASN 13 67 67 ASN ASN A . n 
A 1 14 ALA 14 68 68 ALA ALA A . n 
A 1 15 ILE 15 69 69 ILE ILE A . n 
A 1 16 ASN 16 70 70 ASN ASN A . n 
A 1 17 ASN 17 71 71 ASN ASN A . n 
A 1 18 GLY 18 72 72 GLY GLY A . n 
A 1 19 VAL 19 73 73 VAL VAL A . n 
A 1 20 ARG 20 74 74 ARG ARG A . n 
A 1 21 ILE 21 75 75 ILE ILE A . n 
B 1 1  MET 1  55 55 MET MET B . n 
B 1 2  ILE 2  56 56 ILE ILE B . n 
B 1 3  VAL 3  57 57 VAL VAL B . n 
B 1 4  GLY 4  58 58 GLY GLY B . n 
B 1 5  GLN 5  59 59 GLN GLN B . n 
B 1 6  GLU 6  60 60 GLU GLU B . n 
B 1 7  LYS 7  61 61 LYS LYS B . n 
B 1 8  PRO 8  62 62 PRO PRO B . n 
B 1 9  TYR 9  63 63 TYR TYR B . n 
B 1 10 GLN 10 64 64 GLN GLN B . n 
B 1 11 ASN 11 65 65 ASN ASN B . n 
B 1 12 LYS 12 66 66 LYS LYS B . n 
B 1 13 ASN 13 67 67 ASN ASN B . n 
B 1 14 ALA 14 68 68 ALA ALA B . n 
B 1 15 ILE 15 69 69 ILE ILE B . n 
B 1 16 ASN 16 70 70 ASN ASN B . n 
B 1 17 ASN 17 71 71 ASN ASN B . n 
B 1 18 GLY 18 72 72 GLY GLY B . n 
B 1 19 VAL 19 73 73 VAL VAL B . n 
B 1 20 ARG 20 74 74 ARG ARG B . n 
B 1 21 ILE 21 75 75 ILE ILE B . n 
C 1 1  MET 1  55 55 MET MET C . n 
C 1 2  ILE 2  56 56 ILE ILE C . n 
C 1 3  VAL 3  57 57 VAL VAL C . n 
C 1 4  GLY 4  58 58 GLY GLY C . n 
C 1 5  GLN 5  59 59 GLN GLN C . n 
C 1 6  GLU 6  60 60 GLU GLU C . n 
C 1 7  LYS 7  61 61 LYS LYS C . n 
C 1 8  PRO 8  62 62 PRO PRO C . n 
C 1 9  TYR 9  63 63 TYR TYR C . n 
C 1 10 GLN 10 64 64 GLN GLN C . n 
C 1 11 ASN 11 65 65 ASN ASN C . n 
C 1 12 LYS 12 66 66 LYS LYS C . n 
C 1 13 ASN 13 67 67 ASN ASN C . n 
C 1 14 ALA 14 68 68 ALA ALA C . n 
C 1 15 ILE 15 69 69 ILE ILE C . n 
C 1 16 ASN 16 70 70 ASN ASN C . n 
C 1 17 ASN 17 71 71 ASN ASN C . n 
C 1 18 GLY 18 72 72 GLY GLY C . n 
C 1 19 VAL 19 73 73 VAL VAL C . n 
C 1 20 ARG 20 74 74 ARG ARG C . n 
C 1 21 ILE 21 75 75 ILE ILE C . n 
D 1 1  MET 1  55 55 MET MET D . n 
D 1 2  ILE 2  56 56 ILE ILE D . n 
D 1 3  VAL 3  57 57 VAL VAL D . n 
D 1 4  GLY 4  58 58 GLY GLY D . n 
D 1 5  GLN 5  59 59 GLN GLN D . n 
D 1 6  GLU 6  60 60 GLU GLU D . n 
D 1 7  LYS 7  61 61 LYS LYS D . n 
D 1 8  PRO 8  62 62 PRO PRO D . n 
D 1 9  TYR 9  63 63 TYR TYR D . n 
D 1 10 GLN 10 64 64 GLN GLN D . n 
D 1 11 ASN 11 65 65 ASN ASN D . n 
D 1 12 LYS 12 66 66 LYS LYS D . n 
D 1 13 ASN 13 67 67 ASN ASN D . n 
D 1 14 ALA 14 68 68 ALA ALA D . n 
D 1 15 ILE 15 69 69 ILE ILE D . n 
D 1 16 ASN 16 70 70 ASN ASN D . n 
D 1 17 ASN 17 71 71 ASN ASN D . n 
D 1 18 GLY 18 72 72 GLY GLY D . n 
D 1 19 VAL 19 73 73 VAL VAL D . n 
D 1 20 ARG 20 74 74 ARG ARG D . n 
D 1 21 ILE 21 75 75 ILE ILE D . n 
E 1 1  MET 1  55 55 MET MET E . n 
E 1 2  ILE 2  56 56 ILE ILE E . n 
E 1 3  VAL 3  57 57 VAL VAL E . n 
E 1 4  GLY 4  58 58 GLY GLY E . n 
E 1 5  GLN 5  59 59 GLN GLN E . n 
E 1 6  GLU 6  60 60 GLU GLU E . n 
E 1 7  LYS 7  61 61 LYS LYS E . n 
E 1 8  PRO 8  62 62 PRO PRO E . n 
E 1 9  TYR 9  63 63 TYR TYR E . n 
E 1 10 GLN 10 64 64 GLN GLN E . n 
E 1 11 ASN 11 65 65 ASN ASN E . n 
E 1 12 LYS 12 66 66 LYS LYS E . n 
E 1 13 ASN 13 67 67 ASN ASN E . n 
E 1 14 ALA 14 68 68 ALA ALA E . n 
E 1 15 ILE 15 69 69 ILE ILE E . n 
E 1 16 ASN 16 70 70 ASN ASN E . n 
E 1 17 ASN 17 71 71 ASN ASN E . n 
E 1 18 GLY 18 72 72 GLY GLY E . n 
E 1 19 VAL 19 73 73 VAL VAL E . n 
E 1 20 ARG 20 74 74 ARG ARG E . n 
E 1 21 ILE 21 75 75 ILE ILE E . n 
F 1 1  MET 1  55 55 MET MET F . n 
F 1 2  ILE 2  56 56 ILE ILE F . n 
F 1 3  VAL 3  57 57 VAL VAL F . n 
F 1 4  GLY 4  58 58 GLY GLY F . n 
F 1 5  GLN 5  59 59 GLN GLN F . n 
F 1 6  GLU 6  60 60 GLU GLU F . n 
F 1 7  LYS 7  61 61 LYS LYS F . n 
F 1 8  PRO 8  62 62 PRO PRO F . n 
F 1 9  TYR 9  63 63 TYR TYR F . n 
F 1 10 GLN 10 64 64 GLN GLN F . n 
F 1 11 ASN 11 65 65 ASN ASN F . n 
F 1 12 LYS 12 66 66 LYS LYS F . n 
F 1 13 ASN 13 67 67 ASN ASN F . n 
F 1 14 ALA 14 68 68 ALA ALA F . n 
F 1 15 ILE 15 69 69 ILE ILE F . n 
F 1 16 ASN 16 70 70 ASN ASN F . n 
F 1 17 ASN 17 71 71 ASN ASN F . n 
F 1 18 GLY 18 72 72 GLY GLY F . n 
F 1 19 VAL 19 73 73 VAL VAL F . n 
F 1 20 ARG 20 74 74 ARG ARG F . n 
F 1 21 ILE 21 75 75 ILE ILE F . n 
G 1 1  MET 1  55 55 MET MET G . n 
G 1 2  ILE 2  56 56 ILE ILE G . n 
G 1 3  VAL 3  57 57 VAL VAL G . n 
G 1 4  GLY 4  58 58 GLY GLY G . n 
G 1 5  GLN 5  59 59 GLN GLN G . n 
G 1 6  GLU 6  60 60 GLU GLU G . n 
G 1 7  LYS 7  61 61 LYS LYS G . n 
G 1 8  PRO 8  62 62 PRO PRO G . n 
G 1 9  TYR 9  63 63 TYR TYR G . n 
G 1 10 GLN 10 64 64 GLN GLN G . n 
G 1 11 ASN 11 65 65 ASN ASN G . n 
G 1 12 LYS 12 66 66 LYS LYS G . n 
G 1 13 ASN 13 67 67 ASN ASN G . n 
G 1 14 ALA 14 68 68 ALA ALA G . n 
G 1 15 ILE 15 69 69 ILE ILE G . n 
G 1 16 ASN 16 70 70 ASN ASN G . n 
G 1 17 ASN 17 71 71 ASN ASN G . n 
G 1 18 GLY 18 72 72 GLY GLY G . n 
G 1 19 VAL 19 73 73 VAL VAL G . n 
G 1 20 ARG 20 74 74 ARG ARG G . n 
G 1 21 ILE 21 75 75 ILE ILE G . n 
H 1 1  MET 1  55 55 MET MET H . n 
H 1 2  ILE 2  56 56 ILE ILE H . n 
H 1 3  VAL 3  57 57 VAL VAL H . n 
H 1 4  GLY 4  58 58 GLY GLY H . n 
H 1 5  GLN 5  59 59 GLN GLN H . n 
H 1 6  GLU 6  60 60 GLU GLU H . n 
H 1 7  LYS 7  61 61 LYS LYS H . n 
H 1 8  PRO 8  62 62 PRO PRO H . n 
H 1 9  TYR 9  63 63 TYR TYR H . n 
H 1 10 GLN 10 64 64 GLN GLN H . n 
H 1 11 ASN 11 65 65 ASN ASN H . n 
H 1 12 LYS 12 66 66 LYS LYS H . n 
H 1 13 ASN 13 67 67 ASN ASN H . n 
H 1 14 ALA 14 68 68 ALA ALA H . n 
H 1 15 ILE 15 69 69 ILE ILE H . n 
H 1 16 ASN 16 70 70 ASN ASN H . n 
H 1 17 ASN 17 71 71 ASN ASN H . n 
H 1 18 GLY 18 72 72 GLY GLY H . n 
H 1 19 VAL 19 73 73 VAL VAL H . n 
H 1 20 ARG 20 74 74 ARG ARG H . n 
H 1 21 ILE 21 75 75 ILE ILE H . n 
I 1 1  MET 1  55 55 MET MET I . n 
I 1 2  ILE 2  56 56 ILE ILE I . n 
I 1 3  VAL 3  57 57 VAL VAL I . n 
I 1 4  GLY 4  58 58 GLY GLY I . n 
I 1 5  GLN 5  59 59 GLN GLN I . n 
I 1 6  GLU 6  60 60 GLU GLU I . n 
I 1 7  LYS 7  61 61 LYS LYS I . n 
I 1 8  PRO 8  62 62 PRO PRO I . n 
I 1 9  TYR 9  63 63 TYR TYR I . n 
I 1 10 GLN 10 64 64 GLN GLN I . n 
I 1 11 ASN 11 65 65 ASN ASN I . n 
I 1 12 LYS 12 66 66 LYS LYS I . n 
I 1 13 ASN 13 67 67 ASN ASN I . n 
I 1 14 ALA 14 68 68 ALA ALA I . n 
I 1 15 ILE 15 69 69 ILE ILE I . n 
I 1 16 ASN 16 70 70 ASN ASN I . n 
I 1 17 ASN 17 71 71 ASN ASN I . n 
I 1 18 GLY 18 72 72 GLY GLY I . n 
I 1 19 VAL 19 73 73 VAL VAL I . n 
I 1 20 ARG 20 74 74 ARG ARG I . n 
I 1 21 ILE 21 75 75 ILE ILE I . n 
J 1 1  MET 1  55 55 MET MET J . n 
J 1 2  ILE 2  56 56 ILE ILE J . n 
J 1 3  VAL 3  57 57 VAL VAL J . n 
J 1 4  GLY 4  58 58 GLY GLY J . n 
J 1 5  GLN 5  59 59 GLN GLN J . n 
J 1 6  GLU 6  60 60 GLU GLU J . n 
J 1 7  LYS 7  61 61 LYS LYS J . n 
J 1 8  PRO 8  62 62 PRO PRO J . n 
J 1 9  TYR 9  63 63 TYR TYR J . n 
J 1 10 GLN 10 64 64 GLN GLN J . n 
J 1 11 ASN 11 65 65 ASN ASN J . n 
J 1 12 LYS 12 66 66 LYS LYS J . n 
J 1 13 ASN 13 67 67 ASN ASN J . n 
J 1 14 ALA 14 68 68 ALA ALA J . n 
J 1 15 ILE 15 69 69 ILE ILE J . n 
J 1 16 ASN 16 70 70 ASN ASN J . n 
J 1 17 ASN 17 71 71 ASN ASN J . n 
J 1 18 GLY 18 72 72 GLY GLY J . n 
J 1 19 VAL 19 73 73 VAL VAL J . n 
J 1 20 ARG 20 74 74 ARG ARG J . n 
J 1 21 ILE 21 75 75 ILE ILE J . n 
# 
_pdbx_contact_author.id                 3 
_pdbx_contact_author.email              jarod7@gmail.com 
_pdbx_contact_author.name_first         Jose 
_pdbx_contact_author.name_last          Rodriguez 
_pdbx_contact_author.name_mi            A. 
_pdbx_contact_author.role               'principal investigator/group leader' 
_pdbx_contact_author.identifier_ORCID   0000-0002-0248-4964 
# 
_pdbx_struct_assembly.id                   1 
_pdbx_struct_assembly.details              author_defined_assembly 
_pdbx_struct_assembly.method_details       ? 
_pdbx_struct_assembly.oligomeric_details   decameric 
_pdbx_struct_assembly.oligomeric_count     10 
# 
_pdbx_struct_assembly_gen.assembly_id       1 
_pdbx_struct_assembly_gen.oper_expression   1 
_pdbx_struct_assembly_gen.asym_id_list      A,B,C,D,E,F,G,H,I,J 
# 
_pdbx_struct_oper_list.id                   1 
_pdbx_struct_oper_list.type                 'identity operation' 
_pdbx_struct_oper_list.name                 1_555 
_pdbx_struct_oper_list.symmetry_operation   ? 
_pdbx_struct_oper_list.matrix[1][1]         1.0000000000 
_pdbx_struct_oper_list.matrix[1][2]         0.0000000000 
_pdbx_struct_oper_list.matrix[1][3]         0.0000000000 
_pdbx_struct_oper_list.vector[1]            0.0000000000 
_pdbx_struct_oper_list.matrix[2][1]         0.0000000000 
_pdbx_struct_oper_list.matrix[2][2]         1.0000000000 
_pdbx_struct_oper_list.matrix[2][3]         0.0000000000 
_pdbx_struct_oper_list.vector[2]            0.0000000000 
_pdbx_struct_oper_list.matrix[3][1]         0.0000000000 
_pdbx_struct_oper_list.matrix[3][2]         0.0000000000 
_pdbx_struct_oper_list.matrix[3][3]         1.0000000000 
_pdbx_struct_oper_list.vector[3]            0.0000000000 
# 
loop_
_pdbx_audit_revision_history.ordinal 
_pdbx_audit_revision_history.data_content_type 
_pdbx_audit_revision_history.major_revision 
_pdbx_audit_revision_history.minor_revision 
_pdbx_audit_revision_history.revision_date 
1 'Structure model' 1 0 2023-08-16 
2 'Structure model' 1 1 2023-09-13 
3 'Structure model' 1 2 2023-11-15 
# 
_pdbx_audit_revision_details.ordinal             1 
_pdbx_audit_revision_details.revision_ordinal    1 
_pdbx_audit_revision_details.data_content_type   'Structure model' 
_pdbx_audit_revision_details.provider            repository 
_pdbx_audit_revision_details.type                'Initial release' 
_pdbx_audit_revision_details.description         ? 
_pdbx_audit_revision_details.details             ? 
# 
loop_
_pdbx_audit_revision_group.ordinal 
_pdbx_audit_revision_group.revision_ordinal 
_pdbx_audit_revision_group.data_content_type 
_pdbx_audit_revision_group.group 
1 2 'Structure model' 'Database references' 
2 3 'Structure model' 'Database references' 
# 
loop_
_pdbx_audit_revision_category.ordinal 
_pdbx_audit_revision_category.revision_ordinal 
_pdbx_audit_revision_category.data_content_type 
_pdbx_audit_revision_category.category 
1 2 'Structure model' citation        
2 2 'Structure model' citation_author 
3 3 'Structure model' citation        
# 
loop_
_pdbx_audit_revision_item.ordinal 
_pdbx_audit_revision_item.revision_ordinal 
_pdbx_audit_revision_item.data_content_type 
_pdbx_audit_revision_item.item 
1 2 'Structure model' '_citation.pdbx_database_id_DOI'    
2 2 'Structure model' '_citation.pdbx_database_id_PubMed' 
3 2 'Structure model' '_citation.title'                   
4 2 'Structure model' '_citation_author.identifier_ORCID' 
5 3 'Structure model' '_citation.journal_volume'          
6 3 'Structure model' '_citation.page_first'              
7 3 'Structure model' '_citation.page_last'               
# 
_software.citation_id            ? 
_software.classification         refinement 
_software.compiler_name          ? 
_software.compiler_version       ? 
_software.contact_author         ? 
_software.contact_author_email   ? 
_software.date                   ? 
_software.description            ? 
_software.dependencies           ? 
_software.hardware               ? 
_software.language               ? 
_software.location               ? 
_software.mods                   ? 
_software.name                   PHENIX 
_software.os                     ? 
_software.os_version             ? 
_software.type                   ? 
_software.version                1.20_4459: 
_software.pdbx_ordinal           1 
# 
_em_3d_fitting.id                1 
_em_3d_fitting.entry_id          8G2V 
_em_3d_fitting.method            ? 
_em_3d_fitting.target_criteria   ? 
_em_3d_fitting.details           ? 
_em_3d_fitting.overall_b_value   ? 
_em_3d_fitting.ref_space         REAL 
_em_3d_fitting.ref_protocol      'AB INITIO MODEL' 
# 
_em_3d_reconstruction.entry_id                    8G2V 
_em_3d_reconstruction.id                          1 
_em_3d_reconstruction.method                      ? 
_em_3d_reconstruction.algorithm                   ? 
_em_3d_reconstruction.citation_id                 ? 
_em_3d_reconstruction.details                     ? 
_em_3d_reconstruction.resolution                  2.715 
_em_3d_reconstruction.resolution_method           'FSC 0.143 CUT-OFF' 
_em_3d_reconstruction.magnification_calibration   ? 
_em_3d_reconstruction.nominal_pixel_size          ? 
_em_3d_reconstruction.actual_pixel_size           ? 
_em_3d_reconstruction.num_particles               24770 
_em_3d_reconstruction.euler_angles_details        ? 
_em_3d_reconstruction.num_class_averages          ? 
_em_3d_reconstruction.refinement_type             ? 
_em_3d_reconstruction.image_processing_id         1 
_em_3d_reconstruction.symmetry_type               HELICAL 
# 
_em_buffer.id            1 
_em_buffer.specimen_id   1 
_em_buffer.name          ? 
_em_buffer.details       ? 
_em_buffer.pH            6.5 
# 
_em_entity_assembly.id                   1 
_em_entity_assembly.parent_id            0 
_em_entity_assembly.source               RECOMBINANT 
_em_entity_assembly.type                 COMPLEX 
_em_entity_assembly.name                 'Recombinant human LECT2 amyloid fibril core.' 
_em_entity_assembly.details              ? 
_em_entity_assembly.synonym              ? 
_em_entity_assembly.oligomeric_details   ? 
_em_entity_assembly.entity_id_list       1 
# 
_em_imaging.entry_id                        8G2V 
_em_imaging.id                              1 
_em_imaging.astigmatism                     ? 
_em_imaging.electron_beam_tilt_params       ? 
_em_imaging.residual_tilt                   ? 
_em_imaging.microscope_model                'FEI TITAN KRIOS' 
_em_imaging.specimen_holder_type            ? 
_em_imaging.specimen_holder_model           ? 
_em_imaging.details                         ? 
_em_imaging.date                            ? 
_em_imaging.accelerating_voltage            300 
_em_imaging.illumination_mode               'FLOOD BEAM' 
_em_imaging.mode                            'BRIGHT FIELD' 
_em_imaging.nominal_cs                      ? 
_em_imaging.nominal_defocus_min             800 
_em_imaging.nominal_defocus_max             1800 
_em_imaging.calibrated_defocus_min          ? 
_em_imaging.calibrated_defocus_max          ? 
_em_imaging.tilt_angle_min                  ? 
_em_imaging.tilt_angle_max                  ? 
_em_imaging.nominal_magnification           ? 
_em_imaging.calibrated_magnification        ? 
_em_imaging.electron_source                 'FIELD EMISSION GUN' 
_em_imaging.citation_id                     ? 
_em_imaging.temperature                     ? 
_em_imaging.detector_distance               ? 
_em_imaging.recording_temperature_minimum   ? 
_em_imaging.recording_temperature_maximum   ? 
_em_imaging.alignment_procedure             ? 
_em_imaging.c2_aperture_diameter            ? 
_em_imaging.specimen_id                     1 
_em_imaging.cryogen                         ? 
# 
_em_sample_support.id               1 
_em_sample_support.film_material    ? 
_em_sample_support.method           ? 
_em_sample_support.grid_material    GOLD 
_em_sample_support.grid_mesh_size   300 
_em_sample_support.grid_type        'Quantifoil R1.2/1.3' 
_em_sample_support.details          ? 
_em_sample_support.specimen_id      1 
_em_sample_support.citation_id      ? 
# 
_em_vitrification.entry_id              8G2V 
_em_vitrification.id                    1 
_em_vitrification.specimen_id           1 
_em_vitrification.cryogen_name          ETHANE 
_em_vitrification.humidity              ? 
_em_vitrification.temp                  ? 
_em_vitrification.chamber_temperature   ? 
_em_vitrification.instrument            ? 
_em_vitrification.method                ? 
_em_vitrification.time_resolved_state   ? 
_em_vitrification.citation_id           ? 
_em_vitrification.details               ? 
# 
_em_experiment.entry_id                8G2V 
_em_experiment.id                      1 
_em_experiment.reconstruction_method   HELICAL 
_em_experiment.aggregation_state       FILAMENT 
_em_experiment.entity_assembly_id      1 
# 
loop_
_chem_comp_atom.comp_id 
_chem_comp_atom.atom_id 
_chem_comp_atom.type_symbol 
_chem_comp_atom.pdbx_aromatic_flag 
_chem_comp_atom.pdbx_stereo_config 
_chem_comp_atom.pdbx_ordinal 
ALA N    N N N 1   
ALA CA   C N S 2   
ALA C    C N N 3   
ALA O    O N N 4   
ALA CB   C N N 5   
ALA OXT  O N N 6   
ALA H    H N N 7   
ALA H2   H N N 8   
ALA HA   H N N 9   
ALA HB1  H N N 10  
ALA HB2  H N N 11  
ALA HB3  H N N 12  
ALA HXT  H N N 13  
ARG N    N N N 14  
ARG CA   C N S 15  
ARG C    C N N 16  
ARG O    O N N 17  
ARG CB   C N N 18  
ARG CG   C N N 19  
ARG CD   C N N 20  
ARG NE   N N N 21  
ARG CZ   C N N 22  
ARG NH1  N N N 23  
ARG NH2  N N N 24  
ARG OXT  O N N 25  
ARG H    H N N 26  
ARG H2   H N N 27  
ARG HA   H N N 28  
ARG HB2  H N N 29  
ARG HB3  H N N 30  
ARG HG2  H N N 31  
ARG HG3  H N N 32  
ARG HD2  H N N 33  
ARG HD3  H N N 34  
ARG HE   H N N 35  
ARG HH11 H N N 36  
ARG HH12 H N N 37  
ARG HH21 H N N 38  
ARG HH22 H N N 39  
ARG HXT  H N N 40  
ASN N    N N N 41  
ASN CA   C N S 42  
ASN C    C N N 43  
ASN O    O N N 44  
ASN CB   C N N 45  
ASN CG   C N N 46  
ASN OD1  O N N 47  
ASN ND2  N N N 48  
ASN OXT  O N N 49  
ASN H    H N N 50  
ASN H2   H N N 51  
ASN HA   H N N 52  
ASN HB2  H N N 53  
ASN HB3  H N N 54  
ASN HD21 H N N 55  
ASN HD22 H N N 56  
ASN HXT  H N N 57  
GLN N    N N N 58  
GLN CA   C N S 59  
GLN C    C N N 60  
GLN O    O N N 61  
GLN CB   C N N 62  
GLN CG   C N N 63  
GLN CD   C N N 64  
GLN OE1  O N N 65  
GLN NE2  N N N 66  
GLN OXT  O N N 67  
GLN H    H N N 68  
GLN H2   H N N 69  
GLN HA   H N N 70  
GLN HB2  H N N 71  
GLN HB3  H N N 72  
GLN HG2  H N N 73  
GLN HG3  H N N 74  
GLN HE21 H N N 75  
GLN HE22 H N N 76  
GLN HXT  H N N 77  
GLU N    N N N 78  
GLU CA   C N S 79  
GLU C    C N N 80  
GLU O    O N N 81  
GLU CB   C N N 82  
GLU CG   C N N 83  
GLU CD   C N N 84  
GLU OE1  O N N 85  
GLU OE2  O N N 86  
GLU OXT  O N N 87  
GLU H    H N N 88  
GLU H2   H N N 89  
GLU HA   H N N 90  
GLU HB2  H N N 91  
GLU HB3  H N N 92  
GLU HG2  H N N 93  
GLU HG3  H N N 94  
GLU HE2  H N N 95  
GLU HXT  H N N 96  
GLY N    N N N 97  
GLY CA   C N N 98  
GLY C    C N N 99  
GLY O    O N N 100 
GLY OXT  O N N 101 
GLY H    H N N 102 
GLY H2   H N N 103 
GLY HA2  H N N 104 
GLY HA3  H N N 105 
GLY HXT  H N N 106 
ILE N    N N N 107 
ILE CA   C N S 108 
ILE C    C N N 109 
ILE O    O N N 110 
ILE CB   C N S 111 
ILE CG1  C N N 112 
ILE CG2  C N N 113 
ILE CD1  C N N 114 
ILE OXT  O N N 115 
ILE H    H N N 116 
ILE H2   H N N 117 
ILE HA   H N N 118 
ILE HB   H N N 119 
ILE HG12 H N N 120 
ILE HG13 H N N 121 
ILE HG21 H N N 122 
ILE HG22 H N N 123 
ILE HG23 H N N 124 
ILE HD11 H N N 125 
ILE HD12 H N N 126 
ILE HD13 H N N 127 
ILE HXT  H N N 128 
LYS N    N N N 129 
LYS CA   C N S 130 
LYS C    C N N 131 
LYS O    O N N 132 
LYS CB   C N N 133 
LYS CG   C N N 134 
LYS CD   C N N 135 
LYS CE   C N N 136 
LYS NZ   N N N 137 
LYS OXT  O N N 138 
LYS H    H N N 139 
LYS H2   H N N 140 
LYS HA   H N N 141 
LYS HB2  H N N 142 
LYS HB3  H N N 143 
LYS HG2  H N N 144 
LYS HG3  H N N 145 
LYS HD2  H N N 146 
LYS HD3  H N N 147 
LYS HE2  H N N 148 
LYS HE3  H N N 149 
LYS HZ1  H N N 150 
LYS HZ2  H N N 151 
LYS HZ3  H N N 152 
LYS HXT  H N N 153 
MET N    N N N 154 
MET CA   C N S 155 
MET C    C N N 156 
MET O    O N N 157 
MET CB   C N N 158 
MET CG   C N N 159 
MET SD   S N N 160 
MET CE   C N N 161 
MET OXT  O N N 162 
MET H    H N N 163 
MET H2   H N N 164 
MET HA   H N N 165 
MET HB2  H N N 166 
MET HB3  H N N 167 
MET HG2  H N N 168 
MET HG3  H N N 169 
MET HE1  H N N 170 
MET HE2  H N N 171 
MET HE3  H N N 172 
MET HXT  H N N 173 
PRO N    N N N 174 
PRO CA   C N S 175 
PRO C    C N N 176 
PRO O    O N N 177 
PRO CB   C N N 178 
PRO CG   C N N 179 
PRO CD   C N N 180 
PRO OXT  O N N 181 
PRO H    H N N 182 
PRO HA   H N N 183 
PRO HB2  H N N 184 
PRO HB3  H N N 185 
PRO HG2  H N N 186 
PRO HG3  H N N 187 
PRO HD2  H N N 188 
PRO HD3  H N N 189 
PRO HXT  H N N 190 
TYR N    N N N 191 
TYR CA   C N S 192 
TYR C    C N N 193 
TYR O    O N N 194 
TYR CB   C N N 195 
TYR CG   C Y N 196 
TYR CD1  C Y N 197 
TYR CD2  C Y N 198 
TYR CE1  C Y N 199 
TYR CE2  C Y N 200 
TYR CZ   C Y N 201 
TYR OH   O N N 202 
TYR OXT  O N N 203 
TYR H    H N N 204 
TYR H2   H N N 205 
TYR HA   H N N 206 
TYR HB2  H N N 207 
TYR HB3  H N N 208 
TYR HD1  H N N 209 
TYR HD2  H N N 210 
TYR HE1  H N N 211 
TYR HE2  H N N 212 
TYR HH   H N N 213 
TYR HXT  H N N 214 
VAL N    N N N 215 
VAL CA   C N S 216 
VAL C    C N N 217 
VAL O    O N N 218 
VAL CB   C N N 219 
VAL CG1  C N N 220 
VAL CG2  C N N 221 
VAL OXT  O N N 222 
VAL H    H N N 223 
VAL H2   H N N 224 
VAL HA   H N N 225 
VAL HB   H N N 226 
VAL HG11 H N N 227 
VAL HG12 H N N 228 
VAL HG13 H N N 229 
VAL HG21 H N N 230 
VAL HG22 H N N 231 
VAL HG23 H N N 232 
VAL HXT  H N N 233 
# 
loop_
_chem_comp_bond.comp_id 
_chem_comp_bond.atom_id_1 
_chem_comp_bond.atom_id_2 
_chem_comp_bond.value_order 
_chem_comp_bond.pdbx_aromatic_flag 
_chem_comp_bond.pdbx_stereo_config 
_chem_comp_bond.pdbx_ordinal 
ALA N   CA   sing N N 1   
ALA N   H    sing N N 2   
ALA N   H2   sing N N 3   
ALA CA  C    sing N N 4   
ALA CA  CB   sing N N 5   
ALA CA  HA   sing N N 6   
ALA C   O    doub N N 7   
ALA C   OXT  sing N N 8   
ALA CB  HB1  sing N N 9   
ALA CB  HB2  sing N N 10  
ALA CB  HB3  sing N N 11  
ALA OXT HXT  sing N N 12  
ARG N   CA   sing N N 13  
ARG N   H    sing N N 14  
ARG N   H2   sing N N 15  
ARG CA  C    sing N N 16  
ARG CA  CB   sing N N 17  
ARG CA  HA   sing N N 18  
ARG C   O    doub N N 19  
ARG C   OXT  sing N N 20  
ARG CB  CG   sing N N 21  
ARG CB  HB2  sing N N 22  
ARG CB  HB3  sing N N 23  
ARG CG  CD   sing N N 24  
ARG CG  HG2  sing N N 25  
ARG CG  HG3  sing N N 26  
ARG CD  NE   sing N N 27  
ARG CD  HD2  sing N N 28  
ARG CD  HD3  sing N N 29  
ARG NE  CZ   sing N N 30  
ARG NE  HE   sing N N 31  
ARG CZ  NH1  sing N N 32  
ARG CZ  NH2  doub N N 33  
ARG NH1 HH11 sing N N 34  
ARG NH1 HH12 sing N N 35  
ARG NH2 HH21 sing N N 36  
ARG NH2 HH22 sing N N 37  
ARG OXT HXT  sing N N 38  
ASN N   CA   sing N N 39  
ASN N   H    sing N N 40  
ASN N   H2   sing N N 41  
ASN CA  C    sing N N 42  
ASN CA  CB   sing N N 43  
ASN CA  HA   sing N N 44  
ASN C   O    doub N N 45  
ASN C   OXT  sing N N 46  
ASN CB  CG   sing N N 47  
ASN CB  HB2  sing N N 48  
ASN CB  HB3  sing N N 49  
ASN CG  OD1  doub N N 50  
ASN CG  ND2  sing N N 51  
ASN ND2 HD21 sing N N 52  
ASN ND2 HD22 sing N N 53  
ASN OXT HXT  sing N N 54  
GLN N   CA   sing N N 55  
GLN N   H    sing N N 56  
GLN N   H2   sing N N 57  
GLN CA  C    sing N N 58  
GLN CA  CB   sing N N 59  
GLN CA  HA   sing N N 60  
GLN C   O    doub N N 61  
GLN C   OXT  sing N N 62  
GLN CB  CG   sing N N 63  
GLN CB  HB2  sing N N 64  
GLN CB  HB3  sing N N 65  
GLN CG  CD   sing N N 66  
GLN CG  HG2  sing N N 67  
GLN CG  HG3  sing N N 68  
GLN CD  OE1  doub N N 69  
GLN CD  NE2  sing N N 70  
GLN NE2 HE21 sing N N 71  
GLN NE2 HE22 sing N N 72  
GLN OXT HXT  sing N N 73  
GLU N   CA   sing N N 74  
GLU N   H    sing N N 75  
GLU N   H2   sing N N 76  
GLU CA  C    sing N N 77  
GLU CA  CB   sing N N 78  
GLU CA  HA   sing N N 79  
GLU C   O    doub N N 80  
GLU C   OXT  sing N N 81  
GLU CB  CG   sing N N 82  
GLU CB  HB2  sing N N 83  
GLU CB  HB3  sing N N 84  
GLU CG  CD   sing N N 85  
GLU CG  HG2  sing N N 86  
GLU CG  HG3  sing N N 87  
GLU CD  OE1  doub N N 88  
GLU CD  OE2  sing N N 89  
GLU OE2 HE2  sing N N 90  
GLU OXT HXT  sing N N 91  
GLY N   CA   sing N N 92  
GLY N   H    sing N N 93  
GLY N   H2   sing N N 94  
GLY CA  C    sing N N 95  
GLY CA  HA2  sing N N 96  
GLY CA  HA3  sing N N 97  
GLY C   O    doub N N 98  
GLY C   OXT  sing N N 99  
GLY OXT HXT  sing N N 100 
ILE N   CA   sing N N 101 
ILE N   H    sing N N 102 
ILE N   H2   sing N N 103 
ILE CA  C    sing N N 104 
ILE CA  CB   sing N N 105 
ILE CA  HA   sing N N 106 
ILE C   O    doub N N 107 
ILE C   OXT  sing N N 108 
ILE CB  CG1  sing N N 109 
ILE CB  CG2  sing N N 110 
ILE CB  HB   sing N N 111 
ILE CG1 CD1  sing N N 112 
ILE CG1 HG12 sing N N 113 
ILE CG1 HG13 sing N N 114 
ILE CG2 HG21 sing N N 115 
ILE CG2 HG22 sing N N 116 
ILE CG2 HG23 sing N N 117 
ILE CD1 HD11 sing N N 118 
ILE CD1 HD12 sing N N 119 
ILE CD1 HD13 sing N N 120 
ILE OXT HXT  sing N N 121 
LYS N   CA   sing N N 122 
LYS N   H    sing N N 123 
LYS N   H2   sing N N 124 
LYS CA  C    sing N N 125 
LYS CA  CB   sing N N 126 
LYS CA  HA   sing N N 127 
LYS C   O    doub N N 128 
LYS C   OXT  sing N N 129 
LYS CB  CG   sing N N 130 
LYS CB  HB2  sing N N 131 
LYS CB  HB3  sing N N 132 
LYS CG  CD   sing N N 133 
LYS CG  HG2  sing N N 134 
LYS CG  HG3  sing N N 135 
LYS CD  CE   sing N N 136 
LYS CD  HD2  sing N N 137 
LYS CD  HD3  sing N N 138 
LYS CE  NZ   sing N N 139 
LYS CE  HE2  sing N N 140 
LYS CE  HE3  sing N N 141 
LYS NZ  HZ1  sing N N 142 
LYS NZ  HZ2  sing N N 143 
LYS NZ  HZ3  sing N N 144 
LYS OXT HXT  sing N N 145 
MET N   CA   sing N N 146 
MET N   H    sing N N 147 
MET N   H2   sing N N 148 
MET CA  C    sing N N 149 
MET CA  CB   sing N N 150 
MET CA  HA   sing N N 151 
MET C   O    doub N N 152 
MET C   OXT  sing N N 153 
MET CB  CG   sing N N 154 
MET CB  HB2  sing N N 155 
MET CB  HB3  sing N N 156 
MET CG  SD   sing N N 157 
MET CG  HG2  sing N N 158 
MET CG  HG3  sing N N 159 
MET SD  CE   sing N N 160 
MET CE  HE1  sing N N 161 
MET CE  HE2  sing N N 162 
MET CE  HE3  sing N N 163 
MET OXT HXT  sing N N 164 
PRO N   CA   sing N N 165 
PRO N   CD   sing N N 166 
PRO N   H    sing N N 167 
PRO CA  C    sing N N 168 
PRO CA  CB   sing N N 169 
PRO CA  HA   sing N N 170 
PRO C   O    doub N N 171 
PRO C   OXT  sing N N 172 
PRO CB  CG   sing N N 173 
PRO CB  HB2  sing N N 174 
PRO CB  HB3  sing N N 175 
PRO CG  CD   sing N N 176 
PRO CG  HG2  sing N N 177 
PRO CG  HG3  sing N N 178 
PRO CD  HD2  sing N N 179 
PRO CD  HD3  sing N N 180 
PRO OXT HXT  sing N N 181 
TYR N   CA   sing N N 182 
TYR N   H    sing N N 183 
TYR N   H2   sing N N 184 
TYR CA  C    sing N N 185 
TYR CA  CB   sing N N 186 
TYR CA  HA   sing N N 187 
TYR C   O    doub N N 188 
TYR C   OXT  sing N N 189 
TYR CB  CG   sing N N 190 
TYR CB  HB2  sing N N 191 
TYR CB  HB3  sing N N 192 
TYR CG  CD1  doub Y N 193 
TYR CG  CD2  sing Y N 194 
TYR CD1 CE1  sing Y N 195 
TYR CD1 HD1  sing N N 196 
TYR CD2 CE2  doub Y N 197 
TYR CD2 HD2  sing N N 198 
TYR CE1 CZ   doub Y N 199 
TYR CE1 HE1  sing N N 200 
TYR CE2 CZ   sing Y N 201 
TYR CE2 HE2  sing N N 202 
TYR CZ  OH   sing N N 203 
TYR OH  HH   sing N N 204 
TYR OXT HXT  sing N N 205 
VAL N   CA   sing N N 206 
VAL N   H    sing N N 207 
VAL N   H2   sing N N 208 
VAL CA  C    sing N N 209 
VAL CA  CB   sing N N 210 
VAL CA  HA   sing N N 211 
VAL C   O    doub N N 212 
VAL C   OXT  sing N N 213 
VAL CB  CG1  sing N N 214 
VAL CB  CG2  sing N N 215 
VAL CB  HB   sing N N 216 
VAL CG1 HG11 sing N N 217 
VAL CG1 HG12 sing N N 218 
VAL CG1 HG13 sing N N 219 
VAL CG2 HG21 sing N N 220 
VAL CG2 HG22 sing N N 221 
VAL CG2 HG23 sing N N 222 
VAL OXT HXT  sing N N 223 
# 
_em_ctf_correction.details                  ? 
_em_ctf_correction.em_image_processing_id   1 
_em_ctf_correction.id                       1 
_em_ctf_correction.type                     NONE 
# 
_em_entity_assembly_molwt.entity_assembly_id   1 
_em_entity_assembly_molwt.experimental_flag    NO 
_em_entity_assembly_molwt.id                   1 
_em_entity_assembly_molwt.units                ? 
_em_entity_assembly_molwt.value                ? 
# 
_em_entity_assembly_naturalsource.cell                 ? 
_em_entity_assembly_naturalsource.cellular_location    ? 
_em_entity_assembly_naturalsource.entity_assembly_id   1 
_em_entity_assembly_naturalsource.id                   2 
_em_entity_assembly_naturalsource.ncbi_tax_id          9606 
_em_entity_assembly_naturalsource.organism             'Homo sapiens' 
_em_entity_assembly_naturalsource.organelle            ? 
_em_entity_assembly_naturalsource.organ                ? 
_em_entity_assembly_naturalsource.strain               ? 
_em_entity_assembly_naturalsource.tissue               ? 
# 
_em_entity_assembly_recombinant.cell                 ? 
_em_entity_assembly_recombinant.entity_assembly_id   1 
_em_entity_assembly_recombinant.id                   2 
_em_entity_assembly_recombinant.ncbi_tax_id          562 
_em_entity_assembly_recombinant.organism             'Escherichia coli' 
_em_entity_assembly_recombinant.plasmid              ? 
_em_entity_assembly_recombinant.strain               ? 
# 
_em_helical_entity.id                             1 
_em_helical_entity.image_processing_id            1 
_em_helical_entity.details                        ? 
_em_helical_entity.axial_symmetry                 C1 
_em_helical_entity.angular_rotation_per_subunit   179.49 
_em_helical_entity.axial_rise_per_subunit         2.345 
# 
_em_image_processing.details              ? 
_em_image_processing.id                   1 
_em_image_processing.image_recording_id   1 
# 
_em_image_recording.average_exposure_time               ? 
_em_image_recording.avg_electron_dose_per_subtomogram   ? 
_em_image_recording.avg_electron_dose_per_image         1.3 
_em_image_recording.details                             ? 
_em_image_recording.detector_mode                       ? 
_em_image_recording.film_or_detector_model              'GATAN K3 BIOQUANTUM (6k x 4k)' 
_em_image_recording.id                                  1 
_em_image_recording.imaging_id                          1 
_em_image_recording.num_diffraction_images              ? 
_em_image_recording.num_grids_imaged                    ? 
_em_image_recording.num_real_images                     ? 
# 
_em_imaging_optics.chr_aberration_corrector   ? 
_em_imaging_optics.energyfilter_lower         ? 
_em_imaging_optics.energyfilter_slit_width    ? 
_em_imaging_optics.energyfilter_name          ? 
_em_imaging_optics.energyfilter_upper         ? 
_em_imaging_optics.id                         1 
_em_imaging_optics.imaging_id                 1 
_em_imaging_optics.phase_plate                'VOLTA PHASE PLATE' 
_em_imaging_optics.sph_aberration_corrector   ? 
_em_imaging_optics.details                    ? 
# 
_em_particle_selection.details                  ? 
_em_particle_selection.id                       1 
_em_particle_selection.image_processing_id      1 
_em_particle_selection.method                   ? 
_em_particle_selection.num_particles_selected   1622942 
_em_particle_selection.reference_model          ? 
# 
loop_
_em_software.category 
_em_software.details 
_em_software.id 
_em_software.image_processing_id 
_em_software.fitting_id 
_em_software.imaging_id 
_em_software.name 
_em_software.version 
'PARTICLE SELECTION'            ? 1  1 ? ? crYOLO  ?   
'IMAGE ACQUISITION'             ? 2  ? ? 1 EPU     ?   
MASKING                         ? 3  ? ? ? ?       ?   
'CTF CORRECTION'                ? 4  1 ? ? CTFFIND 4   
'LAYERLINE INDEXING'            ? 5  ? ? ? ?       ?   
'DIFFRACTION INDEXING'          ? 6  ? ? ? ?       ?   
'MODEL FITTING'                 ? 7  ? 1 ? Coot    ?   
OTHER                           ? 8  ? ? ? ?       ?   
'INITIAL EULER ASSIGNMENT'      ? 9  1 ? ? ?       ?   
'FINAL EULER ASSIGNMENT'        ? 10 1 ? ? RELION  3.1 
CLASSIFICATION                  ? 11 1 ? ? RELION  3.1 
RECONSTRUCTION                  ? 12 1 ? ? RELION  3.1 
'MODEL REFINEMENT'              ? 13 ? 1 ? PHENIX  ?   
'VOLUME SELECTION'              ? 14 1 1 1 ?       ?   
'SERIES ALIGNMENT'              ? 15 1 1 1 ?       ?   
'MOLECULAR REPLACEMENT'         ? 16 1 1 1 ?       ?   
'LATTICE DISTORTION CORRECTION' ? 17 1 1 1 ?       ?   
'SYMMETRY DETERMINATION'        ? 18 1 1 1 ?       ?   
'CRYSTALLOGRAPHY MERGING'       ? 19 1 1 1 ?       ?   
# 
_em_specimen.concentration           ? 
_em_specimen.details                 ? 
_em_specimen.embedding_applied       NO 
_em_specimen.experiment_id           1 
_em_specimen.id                      1 
_em_specimen.shadowing_applied       NO 
_em_specimen.staining_applied        NO 
_em_specimen.vitrification_applied   YES 
# 
loop_
_pdbx_audit_support.funding_organization 
_pdbx_audit_support.country 
_pdbx_audit_support.grant_number 
_pdbx_audit_support.ordinal 
'Department of Energy (DOE, United States)'                                                'United States' DE-FC02-02ER63421    1 
'National Science Foundation (NSF, United States)'                                         'United States' DMR-1548924          2 
'National Institutes of Health/National Institute of General Medical Sciences (NIH/NIGMS)' 'United States' 'Grant R35 GM128867' 3 
'National Institutes of Health/National Center for Research Resources (NIH/NCRR)'          'United States' 5T32GM008496         4 
'National Institutes of Health/National Center for Research Resources (NIH/NCRR)'          'United States' 'U24 GM129541'       5 
# 
loop_
_pdbx_struct_assembly_auth_evidence.id 
_pdbx_struct_assembly_auth_evidence.assembly_id 
_pdbx_struct_assembly_auth_evidence.experimental_support 
_pdbx_struct_assembly_auth_evidence.details 
1 1 'mass spectrometry'          ? 
2 1 'native gel electrophoresis' ? 
# 
